data_4YW4
#
_entry.id   4YW4
#
_cell.length_a   99.697
_cell.length_b   74.770
_cell.length_c   113.110
_cell.angle_alpha   90.000
_cell.angle_beta   95.710
_cell.angle_gamma   90.000
#
_symmetry.space_group_name_H-M   'P 1 21 1'
#
loop_
_entity.id
_entity.type
_entity.pdbx_description
1 polymer 'Neuraminidase C'
2 non-polymer 'PHOSPHATE ION'
3 non-polymer GLYCEROL
4 water water
#
_entity_poly.entity_id   1
_entity_poly.type   'polypeptide(L)'
_entity_poly.pdbx_seq_one_letter_code
;ETPVLEKNNVTLTGGGENVTKELKDKFTSGDFTVVIKYNQSSEKGLQALFGISNSKPGQQNSYVDVFLRDNGELGMEARD
TSSNKNNLVSRPASVWGKYKQEAVTNTVAVVADSVKKTYSLYANGTKVVEKKVDNFLNIKDIKGIDYYMLGGVKRAGKTA
FGFNGTLENIKFFNSALDEETVKKMTTNAVTGHLIYTANDTTGSNYFRIPVLYTFSNGRVFSSIDARYGGTHDFLNKINI
ATSYSDDNGKTWTKPKLTLAFDDFAPVPLEWPREVGGRDLQISGGATYIDSVIVEKKNKQVLMFADVMPAGVSFREATRK
DSGYKQIDGNYYLKLRKQGDTDYNYTIRENGTVYDDRTNRPTEFSVDKNFGIKQNGNYLTVEQYSVSFENNKKTEYRNGT
KVHMNIFYKDALFKVVPTNYIAYISSNDHGESWSAPTLLPPIMGLNRNAPYLGPGRGIIESSTGRILIPSYTGKESAFIY
SDDNGASWKVKVVPLPSSWSAEAQFVELSPGVIQAYMRTNNGKIAYLTSKDAGTTWSAPEYLKFVSNPSYGTQLSIINYS
QLIDGKKAVILSTPNSTNGRKHGQIWIGLINDDNTIDWRYHHDVDYSNYGYSYSTLTELPNHEIGLMFEKFDSWSRNELH
MKNVVPYITFKIEDLKKNL
;
_entity_poly.pdbx_strand_id   A,B
#
loop_
_chem_comp.id
_chem_comp.type
_chem_comp.name
_chem_comp.formula
GOL non-polymer GLYCEROL 'C3 H8 O3'
PO4 non-polymer 'PHOSPHATE ION' 'O4 P -3'
#
# COMPACT_ATOMS: atom_id res chain seq x y z
N GLU A 1 15.57 -35.33 -7.49
CA GLU A 1 16.25 -34.37 -8.41
C GLU A 1 15.28 -33.51 -9.22
N THR A 2 14.26 -34.12 -9.85
CA THR A 2 13.25 -33.35 -10.62
C THR A 2 11.80 -33.51 -10.08
N PRO A 3 11.02 -32.39 -10.07
CA PRO A 3 9.71 -32.40 -9.41
C PRO A 3 8.70 -33.27 -10.12
N VAL A 4 7.76 -33.87 -9.38
CA VAL A 4 6.62 -34.55 -10.02
C VAL A 4 5.64 -33.50 -10.55
N LEU A 5 5.61 -32.32 -9.97
CA LEU A 5 4.82 -31.25 -10.52
C LEU A 5 5.44 -29.93 -10.12
N GLU A 6 5.48 -29.01 -11.09
CA GLU A 6 5.86 -27.64 -10.85
C GLU A 6 4.79 -26.70 -11.42
N LYS A 7 4.34 -25.73 -10.65
CA LYS A 7 3.38 -24.71 -11.17
C LYS A 7 3.91 -23.31 -10.86
N ASN A 8 3.48 -22.35 -11.66
CA ASN A 8 4.00 -20.98 -11.64
C ASN A 8 2.85 -19.99 -11.62
N ASN A 9 3.04 -18.92 -10.85
CA ASN A 9 2.19 -17.72 -10.90
C ASN A 9 0.68 -17.99 -10.75
N VAL A 10 0.31 -18.73 -9.71
CA VAL A 10 -1.09 -19.12 -9.43
C VAL A 10 -1.61 -18.17 -8.37
N THR A 11 -2.47 -17.23 -8.78
CA THR A 11 -3.05 -16.24 -7.85
C THR A 11 -4.38 -16.76 -7.31
N LEU A 12 -4.56 -16.71 -6.00
CA LEU A 12 -5.74 -17.30 -5.32
C LEU A 12 -6.35 -16.33 -4.32
N THR A 13 -7.64 -16.44 -4.12
CA THR A 13 -8.39 -15.57 -3.22
C THR A 13 -9.26 -16.45 -2.28
N GLY A 14 -8.66 -17.52 -1.74
CA GLY A 14 -9.35 -18.38 -0.80
C GLY A 14 -10.05 -19.59 -1.36
N GLY A 15 -10.16 -19.69 -2.70
CA GLY A 15 -10.83 -20.82 -3.39
C GLY A 15 -10.00 -22.09 -3.68
N GLY A 16 -8.67 -21.96 -3.70
CA GLY A 16 -7.80 -23.06 -4.04
C GLY A 16 -7.79 -23.41 -5.53
N GLU A 17 -6.97 -24.38 -5.89
CA GLU A 17 -6.98 -24.93 -7.23
C GLU A 17 -6.75 -26.46 -7.11
N ASN A 18 -7.64 -27.21 -7.70
CA ASN A 18 -7.55 -28.65 -7.73
C ASN A 18 -6.40 -29.03 -8.68
N VAL A 19 -5.45 -29.80 -8.17
CA VAL A 19 -4.40 -30.38 -9.01
C VAL A 19 -4.34 -31.93 -8.87
N THR A 20 -5.49 -32.53 -8.58
CA THR A 20 -5.61 -33.94 -8.29
C THR A 20 -5.14 -34.79 -9.44
N LYS A 21 -5.58 -34.41 -10.63
CA LYS A 21 -5.17 -35.08 -11.86
C LYS A 21 -3.66 -35.02 -12.11
N GLU A 22 -3.01 -33.94 -11.69
CA GLU A 22 -1.57 -33.77 -11.86
C GLU A 22 -0.68 -34.31 -10.71
N LEU A 23 -1.29 -34.75 -9.60
CA LEU A 23 -0.55 -35.42 -8.56
C LEU A 23 -0.94 -36.87 -8.20
N LYS A 24 -2.11 -37.32 -8.64
CA LYS A 24 -2.69 -38.54 -8.18
C LYS A 24 -1.70 -39.74 -8.17
N ASP A 25 -1.46 -40.31 -7.01
CA ASP A 25 -0.64 -41.53 -6.88
C ASP A 25 0.81 -41.41 -7.39
N LYS A 26 1.30 -40.17 -7.47
CA LYS A 26 2.66 -39.92 -7.89
C LYS A 26 3.71 -40.07 -6.76
N PHE A 27 3.27 -40.06 -5.49
CA PHE A 27 4.14 -40.27 -4.36
C PHE A 27 4.30 -41.79 -4.07
N THR A 28 5.08 -42.40 -4.94
CA THR A 28 5.33 -43.85 -4.93
C THR A 28 5.86 -44.32 -3.58
N SER A 29 6.96 -43.74 -3.09
CA SER A 29 7.54 -44.18 -1.79
C SER A 29 6.73 -43.68 -0.62
N GLY A 30 6.05 -42.55 -0.81
CA GLY A 30 5.29 -41.92 0.26
C GLY A 30 6.02 -40.76 0.89
N ASP A 31 7.36 -40.70 0.76
CA ASP A 31 8.10 -39.49 1.14
C ASP A 31 7.73 -38.30 0.25
N PHE A 32 8.00 -37.11 0.75
CA PHE A 32 7.77 -35.92 -0.03
C PHE A 32 8.61 -34.74 0.39
N THR A 33 8.80 -33.86 -0.57
CA THR A 33 9.35 -32.53 -0.37
C THR A 33 8.48 -31.59 -1.20
N VAL A 34 8.09 -30.47 -0.61
CA VAL A 34 7.31 -29.46 -1.33
C VAL A 34 7.97 -28.12 -1.06
N VAL A 35 8.37 -27.39 -2.12
CA VAL A 35 9.04 -26.12 -2.04
C VAL A 35 8.12 -25.04 -2.65
N ILE A 36 7.78 -24.03 -1.86
CA ILE A 36 6.75 -23.06 -2.23
C ILE A 36 7.33 -21.63 -2.10
N LYS A 37 7.44 -20.93 -3.23
CA LYS A 37 7.69 -19.51 -3.25
C LYS A 37 6.35 -18.81 -3.40
N TYR A 38 6.03 -17.94 -2.43
CA TYR A 38 4.73 -17.33 -2.33
C TYR A 38 4.78 -15.89 -1.75
N ASN A 39 3.69 -15.16 -1.93
CA ASN A 39 3.41 -14.00 -1.09
C ASN A 39 1.92 -13.92 -0.68
N GLN A 40 1.62 -13.44 0.54
CA GLN A 40 0.24 -13.30 1.02
C GLN A 40 -0.39 -11.90 0.69
N SER A 41 -1.60 -11.87 0.15
CA SER A 41 -2.36 -10.62 -0.02
C SER A 41 -3.11 -10.28 1.25
N SER A 42 -3.39 -11.31 2.07
CA SER A 42 -3.94 -11.12 3.42
C SER A 42 -3.42 -12.20 4.38
N GLU A 43 -3.06 -11.77 5.60
CA GLU A 43 -2.42 -12.61 6.63
C GLU A 43 -3.39 -13.31 7.60
N LYS A 44 -4.69 -12.96 7.52
CA LYS A 44 -5.70 -13.37 8.49
C LYS A 44 -5.98 -14.86 8.40
N GLY A 45 -6.25 -15.49 9.54
CA GLY A 45 -6.64 -16.87 9.56
C GLY A 45 -5.49 -17.83 9.27
N LEU A 46 -5.72 -19.08 9.62
CA LEU A 46 -4.82 -20.19 9.32
C LEU A 46 -4.95 -20.48 7.83
N GLN A 47 -3.85 -20.43 7.09
CA GLN A 47 -3.89 -20.60 5.62
C GLN A 47 -2.95 -21.71 5.18
N ALA A 48 -3.46 -22.64 4.37
CA ALA A 48 -2.67 -23.76 3.82
C ALA A 48 -2.16 -23.43 2.41
N LEU A 49 -0.86 -23.69 2.19
CA LEU A 49 -0.26 -23.47 0.89
C LEU A 49 -0.62 -24.59 -0.06
N PHE A 50 -0.83 -25.79 0.49
CA PHE A 50 -1.28 -26.95 -0.26
C PHE A 50 -1.90 -27.95 0.71
N GLY A 51 -2.73 -28.84 0.18
CA GLY A 51 -3.42 -29.86 0.97
C GLY A 51 -3.56 -31.11 0.17
N ILE A 52 -3.19 -32.23 0.79
CA ILE A 52 -3.30 -33.54 0.18
C ILE A 52 -4.15 -34.35 1.15
N SER A 53 -5.35 -34.73 0.71
CA SER A 53 -6.36 -35.26 1.65
C SER A 53 -7.18 -36.42 1.09
N ASN A 54 -7.82 -37.10 2.03
CA ASN A 54 -9.02 -37.86 1.78
C ASN A 54 -10.16 -36.86 1.95
N SER A 55 -10.81 -36.47 0.84
CA SER A 55 -11.88 -35.45 0.85
C SER A 55 -13.28 -35.98 1.20
N LYS A 56 -13.39 -37.28 1.45
CA LYS A 56 -14.71 -37.93 1.66
C LYS A 56 -15.29 -37.61 3.05
N PRO A 57 -16.65 -37.53 3.16
CA PRO A 57 -17.29 -37.35 4.47
C PRO A 57 -16.73 -38.32 5.51
N GLY A 58 -16.43 -37.84 6.71
CA GLY A 58 -15.88 -38.68 7.78
C GLY A 58 -14.35 -38.88 7.76
N GLN A 59 -13.66 -38.36 6.75
CA GLN A 59 -12.21 -38.54 6.64
C GLN A 59 -11.46 -37.21 6.75
N GLN A 60 -12.10 -36.21 7.35
CA GLN A 60 -11.53 -34.87 7.51
C GLN A 60 -10.27 -34.75 8.40
N ASN A 61 -9.90 -35.82 9.12
CA ASN A 61 -8.60 -35.90 9.81
C ASN A 61 -7.58 -36.78 9.09
N SER A 62 -7.75 -36.89 7.77
CA SER A 62 -6.77 -37.57 6.92
C SER A 62 -6.24 -36.59 5.87
N TYR A 63 -5.18 -35.88 6.24
CA TYR A 63 -4.48 -34.98 5.35
C TYR A 63 -3.05 -34.67 5.75
N VAL A 64 -2.29 -34.20 4.75
CA VAL A 64 -1.01 -33.50 4.90
C VAL A 64 -1.15 -32.06 4.40
N ASP A 65 -0.60 -31.11 5.15
CA ASP A 65 -0.55 -29.68 4.72
C ASP A 65 0.65 -28.95 5.30
N VAL A 66 0.94 -27.78 4.70
CA VAL A 66 1.81 -26.77 5.26
C VAL A 66 1.00 -25.48 5.38
N PHE A 67 1.14 -24.80 6.52
CA PHE A 67 0.31 -23.65 6.83
C PHE A 67 1.07 -22.48 7.40
N LEU A 68 0.40 -21.33 7.33
CA LEU A 68 0.88 -20.05 7.82
C LEU A 68 -0.17 -19.46 8.77
N ARG A 69 0.26 -18.96 9.92
CA ARG A 69 -0.61 -18.17 10.84
C ARG A 69 -0.33 -16.68 10.69
N ASP A 70 -1.19 -15.87 11.28
CA ASP A 70 -1.08 -14.39 11.19
C ASP A 70 0.04 -13.79 12.04
N ASN A 71 0.81 -14.65 12.73
CA ASN A 71 1.96 -14.24 13.52
C ASN A 71 3.32 -14.63 12.95
N GLY A 72 3.36 -15.09 11.69
CA GLY A 72 4.58 -15.53 11.08
C GLY A 72 4.94 -17.01 11.33
N GLU A 73 4.14 -17.72 12.10
CA GLU A 73 4.40 -19.11 12.38
C GLU A 73 4.20 -19.92 11.08
N LEU A 74 5.13 -20.81 10.82
CA LEU A 74 5.04 -21.79 9.74
C LEU A 74 4.90 -23.15 10.38
N GLY A 75 3.94 -23.95 9.93
CA GLY A 75 3.81 -25.33 10.40
C GLY A 75 3.36 -26.32 9.34
N MET A 76 3.29 -27.58 9.73
CA MET A 76 2.75 -28.65 8.86
C MET A 76 1.94 -29.58 9.71
N GLU A 77 0.94 -30.22 9.09
CA GLU A 77 0.19 -31.33 9.74
C GLU A 77 0.31 -32.58 8.89
N ALA A 78 0.28 -33.71 9.57
CA ALA A 78 0.20 -35.01 8.91
C ALA A 78 -0.65 -35.90 9.81
N ARG A 79 -1.84 -36.22 9.32
CA ARG A 79 -2.92 -36.82 10.14
C ARG A 79 -3.56 -37.98 9.40
N ASP A 80 -3.91 -39.04 10.14
CA ASP A 80 -4.65 -40.21 9.59
C ASP A 80 -5.84 -40.47 10.51
N THR A 81 -7.05 -40.44 9.94
CA THR A 81 -8.27 -40.55 10.75
C THR A 81 -8.37 -41.88 11.50
N SER A 82 -8.13 -43.00 10.78
CA SER A 82 -8.38 -44.34 11.34
C SER A 82 -7.40 -44.76 12.43
N SER A 83 -6.11 -44.51 12.25
CA SER A 83 -5.11 -44.83 13.30
C SER A 83 -5.02 -43.76 14.42
N ASN A 84 -5.80 -42.68 14.30
CA ASN A 84 -5.75 -41.49 15.18
C ASN A 84 -4.33 -40.98 15.49
N LYS A 85 -3.53 -40.90 14.45
CA LYS A 85 -2.22 -40.29 14.53
C LYS A 85 -2.37 -38.86 14.02
N ASN A 86 -1.93 -37.91 14.84
CA ASN A 86 -2.03 -36.47 14.52
C ASN A 86 -0.71 -35.78 14.81
N ASN A 87 0.10 -35.58 13.75
CA ASN A 87 1.39 -34.95 13.87
C ASN A 87 1.27 -33.46 13.49
N LEU A 88 1.88 -32.62 14.32
CA LEU A 88 1.96 -31.16 14.10
C LEU A 88 3.38 -30.72 14.45
N VAL A 89 4.08 -30.19 13.45
CA VAL A 89 5.44 -29.69 13.59
C VAL A 89 5.47 -28.22 13.09
N SER A 90 6.16 -27.34 13.81
CA SER A 90 6.15 -25.88 13.52
C SER A 90 7.20 -25.10 14.29
N ARG A 91 7.41 -23.83 13.85
CA ARG A 91 8.15 -22.87 14.64
C ARG A 91 7.59 -21.46 14.45
N PRO A 92 7.41 -20.71 15.55
CA PRO A 92 6.98 -19.34 15.44
C PRO A 92 7.94 -18.53 14.64
N ALA A 93 7.47 -17.39 14.19
CA ALA A 93 8.34 -16.34 13.63
C ALA A 93 9.24 -16.82 12.51
N SER A 94 8.68 -17.62 11.60
CA SER A 94 9.45 -18.25 10.52
C SER A 94 9.41 -17.49 9.20
N VAL A 95 8.32 -16.73 8.96
CA VAL A 95 8.17 -16.01 7.70
C VAL A 95 7.93 -14.53 7.95
N TRP A 96 8.00 -13.77 6.87
CA TRP A 96 7.68 -12.33 6.91
C TRP A 96 6.36 -12.06 6.21
N GLY A 97 5.65 -11.02 6.68
CA GLY A 97 4.32 -10.73 6.17
C GLY A 97 4.40 -9.66 5.12
N LYS A 98 4.55 -8.41 5.57
CA LYS A 98 4.70 -7.27 4.67
C LYS A 98 5.94 -6.43 5.03
N TYR A 99 6.42 -5.70 4.03
CA TYR A 99 7.60 -4.87 4.14
C TYR A 99 7.35 -3.61 3.30
N LYS A 100 7.46 -2.44 3.93
CA LYS A 100 7.18 -1.16 3.27
C LYS A 100 5.90 -1.21 2.44
N GLN A 101 4.77 -1.53 3.07
CA GLN A 101 3.45 -1.55 2.39
C GLN A 101 3.23 -2.69 1.37
N GLU A 102 4.20 -3.59 1.15
CA GLU A 102 4.06 -4.62 0.08
C GLU A 102 4.30 -6.02 0.60
N ALA A 103 3.58 -6.95 0.00
CA ALA A 103 3.65 -8.34 0.36
C ALA A 103 5.09 -8.86 0.19
N VAL A 104 5.62 -9.53 1.19
CA VAL A 104 6.94 -10.12 1.06
C VAL A 104 6.83 -11.50 0.38
N THR A 105 7.72 -11.73 -0.59
CA THR A 105 7.89 -13.01 -1.20
C THR A 105 8.72 -13.89 -0.26
N ASN A 106 8.13 -14.96 0.27
CA ASN A 106 8.92 -15.97 1.03
C ASN A 106 9.11 -17.23 0.21
N THR A 107 10.06 -18.07 0.62
CA THR A 107 10.19 -19.41 0.07
C THR A 107 10.30 -20.39 1.25
N VAL A 108 9.35 -21.31 1.34
CA VAL A 108 9.28 -22.28 2.44
C VAL A 108 9.32 -23.69 1.89
N ALA A 109 9.50 -24.67 2.76
CA ALA A 109 9.55 -26.08 2.28
C ALA A 109 9.30 -27.06 3.36
N VAL A 110 8.79 -28.23 2.99
CA VAL A 110 8.55 -29.29 3.94
C VAL A 110 9.22 -30.53 3.38
N VAL A 111 9.90 -31.30 4.24
CA VAL A 111 10.52 -32.60 3.87
C VAL A 111 10.00 -33.66 4.83
N ALA A 112 9.40 -34.73 4.32
CA ALA A 112 9.02 -35.90 5.12
C ALA A 112 9.90 -37.09 4.76
N ASP A 113 10.62 -37.62 5.75
CA ASP A 113 11.64 -38.66 5.53
C ASP A 113 11.28 -39.89 6.37
N SER A 114 10.85 -40.94 5.69
CA SER A 114 10.38 -42.19 6.34
C SER A 114 11.45 -42.96 7.08
N VAL A 115 12.65 -43.05 6.53
CA VAL A 115 13.73 -43.78 7.17
C VAL A 115 14.13 -43.10 8.52
N LYS A 116 14.19 -41.77 8.53
CA LYS A 116 14.48 -41.01 9.75
C LYS A 116 13.25 -40.78 10.65
N LYS A 117 12.05 -41.00 10.12
CA LYS A 117 10.79 -40.61 10.78
C LYS A 117 10.75 -39.12 11.17
N THR A 118 11.33 -38.25 10.34
CA THR A 118 11.33 -36.79 10.65
C THR A 118 10.48 -35.98 9.68
N TYR A 119 9.94 -34.89 10.19
CA TYR A 119 9.39 -33.81 9.39
C TYR A 119 10.32 -32.60 9.59
N SER A 120 10.72 -31.97 8.49
CA SER A 120 11.58 -30.80 8.51
C SER A 120 10.87 -29.63 7.80
N LEU A 121 11.01 -28.43 8.32
CA LEU A 121 10.45 -27.19 7.70
C LEU A 121 11.54 -26.15 7.50
N TYR A 122 11.53 -25.53 6.32
CA TYR A 122 12.48 -24.54 5.88
C TYR A 122 11.75 -23.21 5.54
N ALA A 123 12.38 -22.08 5.88
CA ALA A 123 11.90 -20.73 5.50
C ALA A 123 13.09 -19.82 5.18
N ASN A 124 13.09 -19.28 3.96
CA ASN A 124 14.08 -18.33 3.50
C ASN A 124 15.55 -18.69 3.78
N GLY A 125 15.89 -19.97 3.62
CA GLY A 125 17.27 -20.37 3.70
C GLY A 125 17.62 -21.08 4.98
N THR A 126 16.70 -21.02 5.96
CA THR A 126 16.88 -21.57 7.28
C THR A 126 16.03 -22.82 7.47
N LYS A 127 16.64 -23.92 7.95
CA LYS A 127 15.88 -25.06 8.44
C LYS A 127 15.35 -24.65 9.81
N VAL A 128 14.08 -24.26 9.88
CA VAL A 128 13.54 -23.71 11.12
C VAL A 128 13.19 -24.78 12.17
N VAL A 129 12.91 -26.00 11.72
CA VAL A 129 12.67 -27.14 12.62
C VAL A 129 12.84 -28.51 11.91
N GLU A 130 13.37 -29.47 12.64
CA GLU A 130 13.36 -30.87 12.23
C GLU A 130 13.03 -31.66 13.49
N LYS A 131 11.96 -32.46 13.42
CA LYS A 131 11.39 -33.17 14.57
C LYS A 131 11.16 -34.65 14.22
N LYS A 132 11.75 -35.56 14.99
CA LYS A 132 11.41 -36.98 14.96
C LYS A 132 10.11 -37.22 15.72
N VAL A 133 9.15 -37.94 15.13
CA VAL A 133 7.88 -38.27 15.80
C VAL A 133 7.66 -39.79 15.76
N ASP A 134 7.16 -40.36 16.86
CA ASP A 134 6.90 -41.81 16.94
C ASP A 134 5.77 -42.21 16.01
N ASN A 135 4.69 -41.43 15.99
CA ASN A 135 3.54 -41.66 15.11
C ASN A 135 3.67 -41.04 13.71
N PHE A 136 4.81 -41.29 13.06
CA PHE A 136 5.13 -40.71 11.77
C PHE A 136 4.22 -41.22 10.66
N LEU A 137 3.75 -40.29 9.82
CA LEU A 137 2.94 -40.62 8.66
C LEU A 137 3.57 -40.08 7.38
N ASN A 138 3.72 -40.94 6.38
CA ASN A 138 3.97 -40.50 4.99
C ASN A 138 2.65 -40.58 4.20
N ILE A 139 2.68 -40.21 2.91
CA ILE A 139 1.43 -40.04 2.14
C ILE A 139 0.75 -41.39 1.96
N LYS A 140 1.53 -42.45 1.81
CA LYS A 140 0.97 -43.79 1.71
C LYS A 140 0.39 -44.32 3.02
N ASP A 141 0.88 -43.82 4.16
CA ASP A 141 0.34 -44.23 5.47
C ASP A 141 -1.05 -43.62 5.77
N ILE A 142 -1.43 -42.56 5.06
CA ILE A 142 -2.75 -41.93 5.20
C ILE A 142 -3.71 -42.57 4.19
N LYS A 143 -4.76 -43.18 4.71
CA LYS A 143 -5.64 -43.99 3.83
C LYS A 143 -6.72 -43.25 3.09
N GLY A 144 -6.80 -43.65 1.82
CA GLY A 144 -7.68 -43.13 0.83
C GLY A 144 -7.42 -41.68 0.48
N ILE A 145 -6.18 -41.23 0.39
CA ILE A 145 -5.90 -39.90 -0.17
C ILE A 145 -6.53 -39.86 -1.59
N ASP A 146 -7.34 -38.84 -1.85
CA ASP A 146 -7.97 -38.70 -3.16
C ASP A 146 -8.08 -37.27 -3.73
N TYR A 147 -7.57 -36.28 -3.00
CA TYR A 147 -7.68 -34.88 -3.43
C TYR A 147 -6.37 -34.16 -3.13
N TYR A 148 -5.80 -33.55 -4.16
CA TYR A 148 -4.56 -32.82 -4.04
C TYR A 148 -4.88 -31.38 -4.48
N MET A 149 -4.73 -30.42 -3.59
CA MET A 149 -4.96 -29.02 -3.96
C MET A 149 -3.92 -27.96 -3.55
N LEU A 150 -3.96 -26.85 -4.29
CA LEU A 150 -3.16 -25.68 -3.99
C LEU A 150 -4.01 -24.70 -3.22
N GLY A 151 -3.45 -24.11 -2.18
CA GLY A 151 -4.11 -23.03 -1.46
C GLY A 151 -5.27 -23.41 -0.57
N GLY A 152 -5.32 -24.66 -0.10
CA GLY A 152 -6.30 -25.10 0.89
C GLY A 152 -6.22 -26.61 1.13
N VAL A 153 -7.12 -27.12 1.98
CA VAL A 153 -7.24 -28.55 2.26
C VAL A 153 -8.70 -28.93 2.06
N LYS A 154 -8.94 -29.91 1.19
CA LYS A 154 -10.28 -30.44 0.95
C LYS A 154 -10.64 -31.41 2.07
N ARG A 155 -11.59 -31.01 2.90
CA ARG A 155 -12.05 -31.78 4.06
C ARG A 155 -13.56 -31.92 3.95
N ALA A 156 -14.05 -33.16 3.91
CA ALA A 156 -15.47 -33.50 3.72
C ALA A 156 -16.13 -32.65 2.64
N GLY A 157 -15.54 -32.65 1.44
CA GLY A 157 -16.08 -31.88 0.30
C GLY A 157 -16.05 -30.35 0.34
N LYS A 158 -15.45 -29.73 1.38
CA LYS A 158 -15.31 -28.25 1.44
C LYS A 158 -13.84 -27.82 1.64
N THR A 159 -13.47 -26.65 1.07
CA THR A 159 -12.12 -26.17 1.18
C THR A 159 -11.92 -25.52 2.54
N ALA A 160 -10.87 -25.96 3.23
CA ALA A 160 -10.50 -25.44 4.53
C ALA A 160 -9.17 -24.71 4.37
N PHE A 161 -8.95 -23.75 5.26
CA PHE A 161 -7.70 -23.03 5.37
C PHE A 161 -7.33 -22.34 4.06
N GLY A 162 -8.30 -21.66 3.45
CA GLY A 162 -8.07 -20.95 2.20
C GLY A 162 -6.93 -19.96 2.18
N PHE A 163 -5.94 -20.20 1.31
CA PHE A 163 -4.83 -19.30 1.09
C PHE A 163 -5.25 -18.04 0.29
N ASN A 164 -4.85 -16.85 0.76
CA ASN A 164 -4.99 -15.62 0.01
C ASN A 164 -3.62 -15.09 -0.40
N GLY A 165 -3.28 -15.24 -1.67
CA GLY A 165 -2.02 -14.68 -2.19
C GLY A 165 -1.65 -15.26 -3.55
N THR A 166 -0.36 -15.21 -3.90
CA THR A 166 0.12 -15.78 -5.14
C THR A 166 1.17 -16.85 -4.82
N LEU A 167 0.99 -18.04 -5.38
CA LEU A 167 2.03 -19.03 -5.39
C LEU A 167 2.86 -18.76 -6.65
N GLU A 168 3.97 -18.06 -6.47
CA GLU A 168 4.86 -17.72 -7.57
C GLU A 168 5.53 -18.96 -8.21
N ASN A 169 5.93 -19.95 -7.38
CA ASN A 169 6.46 -21.21 -7.88
C ASN A 169 6.28 -22.26 -6.79
N ILE A 170 5.71 -23.40 -7.17
CA ILE A 170 5.53 -24.49 -6.25
C ILE A 170 6.01 -25.76 -6.92
N LYS A 171 6.82 -26.50 -6.20
CA LYS A 171 7.37 -27.75 -6.68
C LYS A 171 7.08 -28.87 -5.68
N PHE A 172 6.58 -29.98 -6.20
CA PHE A 172 6.31 -31.20 -5.43
C PHE A 172 7.36 -32.22 -5.86
N PHE A 173 8.04 -32.83 -4.89
CA PHE A 173 8.93 -33.96 -5.16
C PHE A 173 8.45 -35.21 -4.42
N ASN A 174 8.55 -36.37 -5.04
CA ASN A 174 8.24 -37.65 -4.35
C ASN A 174 9.42 -38.30 -3.63
N SER A 175 10.32 -37.50 -3.09
CA SER A 175 11.35 -38.05 -2.23
C SER A 175 11.74 -36.97 -1.22
N ALA A 176 12.52 -37.38 -0.23
CA ALA A 176 13.04 -36.49 0.78
C ALA A 176 14.36 -35.87 0.29
N LEU A 177 14.32 -34.60 -0.13
CA LEU A 177 15.52 -33.93 -0.62
C LEU A 177 16.45 -33.63 0.55
N ASP A 178 17.75 -33.54 0.28
CA ASP A 178 18.73 -33.29 1.37
C ASP A 178 18.76 -31.80 1.78
N GLU A 179 19.21 -31.61 3.01
CA GLU A 179 19.17 -30.32 3.68
C GLU A 179 19.86 -29.18 2.93
N GLU A 180 21.04 -29.43 2.37
CA GLU A 180 21.80 -28.36 1.66
C GLU A 180 21.06 -27.94 0.43
N THR A 181 20.48 -28.92 -0.29
CA THR A 181 19.66 -28.60 -1.45
C THR A 181 18.47 -27.70 -1.10
N VAL A 182 17.76 -28.02 -0.02
CA VAL A 182 16.54 -27.31 0.29
C VAL A 182 16.84 -25.92 0.87
N LYS A 183 17.93 -25.81 1.64
CA LYS A 183 18.42 -24.51 2.09
C LYS A 183 18.73 -23.60 0.92
N LYS A 184 19.44 -24.17 -0.04
CA LYS A 184 19.72 -23.47 -1.29
C LYS A 184 18.43 -23.05 -1.99
N MET A 185 17.49 -23.97 -2.13
CA MET A 185 16.27 -23.68 -2.87
C MET A 185 15.42 -22.59 -2.23
N THR A 186 15.47 -22.50 -0.89
CA THR A 186 14.65 -21.57 -0.16
C THR A 186 15.33 -20.20 0.02
N THR A 187 16.59 -20.06 -0.38
CA THR A 187 17.36 -18.85 -0.21
C THR A 187 16.87 -17.80 -1.19
N ASN A 188 16.67 -16.57 -0.73
CA ASN A 188 16.06 -15.50 -1.55
C ASN A 188 16.41 -14.10 -0.98
N ALA A 189 15.71 -13.04 -1.37
CA ALA A 189 16.04 -11.68 -0.91
C ALA A 189 15.92 -11.53 0.61
N VAL A 190 14.95 -12.20 1.23
CA VAL A 190 14.82 -12.16 2.70
C VAL A 190 16.09 -12.63 3.41
N THR A 191 16.73 -13.67 2.87
CA THR A 191 17.92 -14.25 3.49
C THR A 191 19.03 -13.22 3.67
N GLY A 192 19.19 -12.35 2.67
CA GLY A 192 20.14 -11.23 2.71
C GLY A 192 19.96 -10.16 3.78
N HIS A 193 18.84 -10.14 4.48
CA HIS A 193 18.65 -9.25 5.63
C HIS A 193 19.24 -9.72 6.97
N LEU A 194 19.78 -10.93 7.02
CA LEU A 194 20.44 -11.43 8.22
C LEU A 194 21.91 -11.07 8.16
N ILE A 195 22.40 -10.37 9.18
CA ILE A 195 23.82 -10.10 9.31
C ILE A 195 24.49 -11.26 10.06
N TYR A 196 23.87 -11.67 11.17
CA TYR A 196 24.35 -12.77 11.97
C TYR A 196 23.43 -13.96 11.68
N THR A 197 24.03 -15.12 11.50
CA THR A 197 23.30 -16.34 11.16
C THR A 197 23.87 -17.54 11.91
N ALA A 198 23.01 -18.54 12.09
CA ALA A 198 23.32 -19.69 12.92
C ALA A 198 24.57 -20.41 12.41
N ASN A 199 25.55 -20.55 13.28
CA ASN A 199 26.82 -21.24 12.96
C ASN A 199 27.63 -20.58 11.88
N ASP A 200 27.55 -19.23 11.82
CA ASP A 200 28.48 -18.42 11.06
C ASP A 200 29.84 -18.38 11.78
N THR A 201 30.66 -17.37 11.50
CA THR A 201 31.95 -17.19 12.11
C THR A 201 31.95 -16.88 13.65
N THR A 202 30.79 -16.72 14.28
CA THR A 202 30.68 -16.65 15.73
C THR A 202 30.56 -18.04 16.38
N GLY A 203 30.13 -19.04 15.61
CA GLY A 203 29.88 -20.43 16.15
C GLY A 203 28.57 -20.56 16.95
N SER A 204 27.77 -19.48 17.05
CA SER A 204 26.55 -19.51 17.86
C SER A 204 25.38 -19.85 16.95
N ASN A 205 24.42 -20.60 17.47
CA ASN A 205 23.17 -20.81 16.76
C ASN A 205 22.16 -19.68 17.00
N TYR A 206 22.37 -18.86 18.03
CA TYR A 206 21.35 -17.92 18.50
C TYR A 206 21.97 -16.54 18.76
N PHE A 207 21.11 -15.53 18.67
CA PHE A 207 21.49 -14.14 18.85
C PHE A 207 20.34 -13.36 19.50
N ARG A 208 20.72 -12.33 20.27
CA ARG A 208 19.78 -11.37 20.80
C ARG A 208 20.47 -10.01 20.95
N ILE A 209 19.67 -8.97 21.22
CA ILE A 209 20.19 -7.64 21.63
C ILE A 209 21.08 -7.01 20.58
N PRO A 210 20.51 -6.72 19.40
CA PRO A 210 21.31 -6.05 18.41
C PRO A 210 21.52 -4.56 18.72
N VAL A 211 22.62 -4.00 18.21
CA VAL A 211 22.96 -2.58 18.33
C VAL A 211 23.60 -2.10 17.01
N LEU A 212 23.16 -0.93 16.56
CA LEU A 212 23.64 -0.25 15.37
C LEU A 212 24.18 1.12 15.72
N TYR A 213 25.28 1.49 15.08
CA TYR A 213 25.91 2.81 15.23
C TYR A 213 26.61 3.19 13.93
N THR A 214 26.45 4.45 13.54
CA THR A 214 27.10 5.01 12.36
C THR A 214 28.24 5.92 12.83
N PHE A 215 29.48 5.62 12.42
CA PHE A 215 30.63 6.45 12.78
C PHE A 215 30.78 7.67 11.86
N SER A 216 31.56 8.65 12.29
CA SER A 216 31.75 9.91 11.52
C SER A 216 32.48 9.72 10.18
N ASN A 217 33.21 8.62 9.99
CA ASN A 217 33.76 8.29 8.66
C ASN A 217 32.77 7.60 7.65
N GLY A 218 31.49 7.49 7.99
CA GLY A 218 30.52 6.76 7.14
C GLY A 218 30.38 5.24 7.33
N ARG A 219 31.18 4.63 8.20
CA ARG A 219 31.05 3.18 8.46
C ARG A 219 29.82 2.89 9.33
N VAL A 220 29.04 1.89 8.95
CA VAL A 220 27.91 1.42 9.75
C VAL A 220 28.35 0.17 10.54
N PHE A 221 28.24 0.25 11.87
CA PHE A 221 28.75 -0.72 12.79
C PHE A 221 27.59 -1.38 13.55
N SER A 222 27.67 -2.70 13.69
CA SER A 222 26.75 -3.46 14.51
C SER A 222 27.43 -4.35 15.52
N SER A 223 26.76 -4.51 16.65
CA SER A 223 27.11 -5.50 17.68
C SER A 223 25.88 -6.23 18.14
N ILE A 224 26.11 -7.40 18.75
CA ILE A 224 25.02 -8.27 19.18
C ILE A 224 25.47 -9.32 20.21
N ASP A 225 24.54 -9.85 21.00
CA ASP A 225 24.81 -11.03 21.82
C ASP A 225 24.81 -12.32 21.01
N ALA A 226 25.92 -13.05 21.04
CA ALA A 226 25.94 -14.40 20.48
C ALA A 226 25.66 -15.31 21.63
N ARG A 227 24.44 -15.85 21.71
CA ARG A 227 24.01 -16.69 22.86
C ARG A 227 24.06 -18.18 22.51
N TYR A 228 24.93 -18.95 23.14
CA TYR A 228 25.27 -20.29 22.59
C TYR A 228 24.29 -21.39 23.04
N GLY A 229 23.90 -21.34 24.30
CA GLY A 229 23.00 -22.32 24.92
C GLY A 229 21.54 -21.89 24.90
N GLY A 230 20.98 -21.80 23.72
CA GLY A 230 19.68 -21.17 23.53
C GLY A 230 19.76 -19.66 23.77
N THR A 231 18.61 -18.99 23.78
CA THR A 231 18.48 -17.54 23.97
C THR A 231 18.30 -17.06 25.40
N HIS A 232 18.50 -17.95 26.37
CA HIS A 232 18.37 -17.58 27.80
C HIS A 232 19.28 -16.39 28.15
N ASP A 233 18.76 -15.42 28.91
CA ASP A 233 19.61 -14.37 29.54
C ASP A 233 20.67 -15.13 30.40
N PHE A 234 20.23 -16.04 31.28
CA PHE A 234 21.12 -16.85 32.11
C PHE A 234 20.40 -18.15 32.49
N LEU A 235 21.13 -19.16 32.96
CA LEU A 235 22.60 -19.29 32.84
C LEU A 235 22.89 -19.66 31.40
N ASN A 236 24.04 -19.21 30.89
CA ASN A 236 24.34 -19.37 29.47
C ASN A 236 25.83 -19.14 29.29
N LYS A 237 26.25 -19.24 28.04
CA LYS A 237 27.46 -18.62 27.55
C LYS A 237 27.12 -17.52 26.52
N ILE A 238 27.56 -16.30 26.74
CA ILE A 238 27.33 -15.18 25.78
C ILE A 238 28.62 -14.41 25.45
N ASN A 239 28.89 -14.23 24.16
CA ASN A 239 29.93 -13.33 23.66
C ASN A 239 29.29 -12.08 22.97
N ILE A 240 30.03 -10.99 22.85
CA ILE A 240 29.61 -9.88 21.97
C ILE A 240 30.32 -10.07 20.61
N ALA A 241 29.54 -10.23 19.56
CA ALA A 241 30.03 -10.31 18.18
C ALA A 241 29.80 -8.95 17.49
N THR A 242 30.59 -8.69 16.45
CA THR A 242 30.47 -7.44 15.66
C THR A 242 30.63 -7.75 14.18
N SER A 243 30.08 -6.81 13.41
CA SER A 243 30.11 -6.82 11.95
C SER A 243 29.83 -5.40 11.46
N TYR A 244 30.47 -4.99 10.36
CA TYR A 244 30.33 -3.60 9.85
C TYR A 244 30.18 -3.55 8.35
N SER A 245 29.71 -2.37 7.88
CA SER A 245 29.45 -2.14 6.47
C SER A 245 30.06 -0.82 6.05
N ASP A 246 30.81 -0.82 4.95
CA ASP A 246 31.37 0.41 4.40
C ASP A 246 30.61 0.92 3.16
N ASP A 247 29.39 0.42 2.92
CA ASP A 247 28.61 0.82 1.73
C ASP A 247 27.15 1.09 2.08
N ASN A 248 26.93 1.84 3.14
CA ASN A 248 25.55 2.17 3.54
C ASN A 248 24.63 1.02 3.93
N GLY A 249 25.21 -0.05 4.49
CA GLY A 249 24.44 -1.17 4.92
C GLY A 249 24.07 -2.16 3.84
N LYS A 250 24.61 -2.00 2.63
CA LYS A 250 24.36 -3.00 1.56
C LYS A 250 25.10 -4.34 1.79
N THR A 251 26.37 -4.32 2.23
CA THR A 251 27.14 -5.56 2.51
C THR A 251 27.86 -5.41 3.86
N TRP A 252 28.08 -6.55 4.52
CA TRP A 252 28.51 -6.60 5.90
C TRP A 252 29.69 -7.58 6.03
N THR A 253 30.66 -7.27 6.89
CA THR A 253 31.78 -8.18 7.12
C THR A 253 31.29 -9.47 7.81
N LYS A 254 32.01 -10.54 7.59
CA LYS A 254 31.84 -11.78 8.35
C LYS A 254 31.96 -11.44 9.83
N PRO A 255 31.00 -11.88 10.64
CA PRO A 255 31.08 -11.56 12.08
C PRO A 255 32.35 -12.05 12.77
N LYS A 256 32.85 -11.21 13.68
CA LYS A 256 33.97 -11.53 14.58
C LYS A 256 33.52 -11.55 16.03
N LEU A 257 34.18 -12.39 16.84
CA LEU A 257 34.02 -12.33 18.30
C LEU A 257 34.88 -11.22 18.85
N THR A 258 34.25 -10.21 19.44
CA THR A 258 34.98 -9.02 19.91
C THR A 258 35.16 -9.07 21.42
N LEU A 259 34.14 -9.49 22.18
CA LEU A 259 34.28 -9.70 23.63
C LEU A 259 33.88 -11.14 23.88
N ALA A 260 34.83 -11.95 24.34
CA ALA A 260 34.62 -13.38 24.44
C ALA A 260 35.55 -14.03 25.46
N PHE A 261 35.01 -14.90 26.28
CA PHE A 261 35.81 -15.68 27.20
C PHE A 261 36.01 -17.02 26.55
N ASP A 262 36.92 -17.83 27.04
CA ASP A 262 37.12 -19.14 26.41
C ASP A 262 37.11 -20.34 27.36
N ASP A 263 36.44 -20.18 28.51
CA ASP A 263 36.22 -21.30 29.46
C ASP A 263 35.32 -22.36 28.89
N PHE A 264 34.41 -21.94 28.00
CA PHE A 264 33.55 -22.80 27.20
C PHE A 264 33.79 -22.48 25.75
N ALA A 265 33.80 -23.52 24.94
CA ALA A 265 33.99 -23.39 23.51
C ALA A 265 32.75 -22.70 22.87
N PRO A 266 32.97 -21.83 21.86
CA PRO A 266 31.84 -21.20 21.16
C PRO A 266 31.28 -22.08 20.02
N VAL A 267 30.35 -22.96 20.35
CA VAL A 267 29.96 -24.01 19.40
C VAL A 267 28.48 -24.02 19.13
N PRO A 268 28.07 -24.50 17.94
CA PRO A 268 26.63 -24.54 17.65
C PRO A 268 25.97 -25.65 18.47
N LEU A 269 24.93 -25.28 19.22
CA LEU A 269 24.23 -26.19 20.10
C LEU A 269 22.76 -26.23 19.71
N GLU A 270 22.22 -27.45 19.65
CA GLU A 270 20.78 -27.69 19.33
C GLU A 270 19.89 -27.63 20.56
N TRP A 271 19.41 -26.44 20.91
CA TRP A 271 18.75 -26.30 22.22
C TRP A 271 17.31 -26.81 22.08
N PRO A 272 16.82 -27.64 23.03
CA PRO A 272 15.51 -28.23 22.84
C PRO A 272 14.42 -27.18 23.05
N ARG A 273 13.33 -27.31 22.30
CA ARG A 273 12.23 -26.34 22.34
C ARG A 273 10.90 -26.88 22.93
N GLU A 274 10.90 -28.13 23.37
CA GLU A 274 9.73 -28.71 24.04
C GLU A 274 9.50 -28.05 25.39
N VAL A 275 8.26 -28.14 25.86
CA VAL A 275 7.87 -27.76 27.24
C VAL A 275 8.79 -28.30 28.38
N GLY A 276 9.26 -29.52 28.34
CA GLY A 276 10.27 -29.88 29.39
C GLY A 276 11.60 -29.14 29.17
N GLY A 277 12.27 -29.59 28.13
CA GLY A 277 13.64 -29.24 27.86
C GLY A 277 13.97 -27.75 27.68
N ARG A 278 13.03 -26.94 27.16
CA ARG A 278 13.35 -25.54 26.84
C ARG A 278 13.86 -24.70 28.00
N ASP A 279 13.52 -25.09 29.21
CA ASP A 279 14.04 -24.49 30.44
C ASP A 279 15.45 -24.88 30.80
N LEU A 280 16.03 -25.86 30.12
CA LEU A 280 17.39 -26.28 30.43
C LEU A 280 18.38 -25.17 30.10
N GLN A 281 19.39 -25.10 30.95
CA GLN A 281 20.46 -24.17 30.82
C GLN A 281 21.75 -25.00 31.02
N ILE A 282 22.83 -24.48 30.49
CA ILE A 282 24.15 -24.94 30.87
C ILE A 282 24.51 -24.48 32.30
N SER A 283 25.63 -24.98 32.78
CA SER A 283 26.06 -24.71 34.13
C SER A 283 26.55 -23.24 34.16
N GLY A 284 27.01 -22.73 33.04
CA GLY A 284 27.30 -21.28 32.94
C GLY A 284 28.74 -21.07 32.58
N GLY A 285 28.96 -20.31 31.51
CA GLY A 285 30.29 -19.91 31.06
C GLY A 285 30.42 -18.45 31.42
N ALA A 286 31.64 -17.97 31.63
CA ALA A 286 31.84 -16.55 31.87
C ALA A 286 31.22 -15.74 30.70
N THR A 287 30.66 -14.57 30.98
CA THR A 287 29.75 -13.95 30.03
C THR A 287 29.98 -12.46 29.85
N TYR A 288 29.85 -12.02 28.61
CA TYR A 288 29.61 -10.61 28.27
C TYR A 288 28.24 -10.52 27.66
N ILE A 289 27.50 -9.48 28.02
CA ILE A 289 26.09 -9.37 27.62
C ILE A 289 25.67 -7.89 27.64
N ASP A 290 24.82 -7.50 26.69
CA ASP A 290 24.18 -6.14 26.64
C ASP A 290 25.15 -5.02 26.30
N SER A 291 25.49 -4.86 25.02
CA SER A 291 26.47 -3.85 24.60
C SER A 291 25.90 -2.39 24.43
N VAL A 292 26.76 -1.41 24.74
CA VAL A 292 26.52 0.00 24.45
C VAL A 292 27.71 0.59 23.71
N ILE A 293 27.45 1.32 22.64
CA ILE A 293 28.48 1.95 21.79
C ILE A 293 28.37 3.48 21.77
N VAL A 294 29.51 4.16 21.71
CA VAL A 294 29.55 5.60 21.47
C VAL A 294 30.89 5.96 20.83
N GLU A 295 30.86 6.94 19.91
CA GLU A 295 32.06 7.50 19.30
C GLU A 295 32.37 8.82 20.03
N LYS A 296 33.63 8.99 20.45
CA LYS A 296 34.07 10.22 21.15
C LYS A 296 34.34 11.33 20.15
N LYS A 297 34.43 12.56 20.65
CA LYS A 297 34.74 13.74 19.79
C LYS A 297 36.05 13.54 19.02
N ASN A 298 37.05 12.88 19.62
CA ASN A 298 38.31 12.56 18.91
C ASN A 298 38.26 11.34 17.97
N LYS A 299 37.10 10.74 17.73
CA LYS A 299 36.88 9.62 16.79
C LYS A 299 37.25 8.23 17.33
N GLN A 300 37.76 8.16 18.54
CA GLN A 300 37.89 6.89 19.24
C GLN A 300 36.49 6.32 19.51
N VAL A 301 36.33 5.01 19.34
CA VAL A 301 35.06 4.34 19.61
C VAL A 301 35.19 3.52 20.88
N LEU A 302 34.17 3.64 21.75
CA LEU A 302 34.07 2.87 22.98
C LEU A 302 32.91 1.91 22.85
N MET A 303 33.15 0.63 23.27
CA MET A 303 32.08 -0.33 23.53
C MET A 303 32.07 -0.79 24.98
N PHE A 304 30.92 -0.66 25.65
CA PHE A 304 30.68 -1.16 27.02
C PHE A 304 29.89 -2.46 26.97
N ALA A 305 30.07 -3.30 27.99
CA ALA A 305 29.24 -4.51 28.17
C ALA A 305 29.16 -4.93 29.63
N ASP A 306 28.11 -5.68 30.01
CA ASP A 306 28.06 -6.30 31.35
C ASP A 306 29.00 -7.53 31.34
N VAL A 307 29.70 -7.76 32.44
CA VAL A 307 30.58 -8.94 32.61
C VAL A 307 30.08 -9.80 33.77
N MET A 308 29.89 -11.11 33.51
CA MET A 308 29.38 -12.03 34.53
C MET A 308 30.33 -13.19 34.68
N PRO A 309 30.79 -13.46 35.90
CA PRO A 309 31.60 -14.65 36.10
C PRO A 309 30.77 -15.90 35.79
N ALA A 310 31.47 -16.95 35.43
CA ALA A 310 30.85 -18.24 35.10
C ALA A 310 29.96 -18.71 36.23
N GLY A 311 28.76 -19.11 35.88
CA GLY A 311 27.79 -19.67 36.83
C GLY A 311 26.94 -18.66 37.60
N VAL A 312 27.21 -17.37 37.45
CA VAL A 312 26.55 -16.34 38.24
C VAL A 312 25.44 -15.75 37.39
N SER A 313 24.26 -15.54 37.94
CA SER A 313 23.11 -14.96 37.20
C SER A 313 22.73 -13.63 37.81
N PHE A 314 22.11 -12.76 36.99
CA PHE A 314 21.68 -11.43 37.47
C PHE A 314 20.83 -11.50 38.75
N ARG A 315 19.94 -12.48 38.83
CA ARG A 315 19.01 -12.57 39.95
C ARG A 315 19.71 -13.04 41.23
N GLU A 316 20.59 -14.04 41.11
CA GLU A 316 21.44 -14.50 42.23
C GLU A 316 22.68 -13.69 42.67
N ALA A 317 23.17 -12.82 41.80
CA ALA A 317 24.31 -11.97 42.13
C ALA A 317 24.14 -11.23 43.46
N THR A 318 25.24 -11.11 44.21
CA THR A 318 25.22 -10.34 45.43
C THR A 318 25.19 -8.86 45.06
N ARG A 319 24.30 -8.15 45.73
CA ARG A 319 24.13 -6.72 45.50
C ARG A 319 24.83 -5.92 46.58
N LYS A 320 25.47 -6.59 47.54
CA LYS A 320 26.08 -5.93 48.71
C LYS A 320 27.62 -5.83 48.64
N ASP A 321 28.22 -6.14 47.50
CA ASP A 321 29.66 -6.15 47.35
C ASP A 321 30.03 -5.76 45.90
N SER A 322 30.78 -4.68 45.73
CA SER A 322 31.24 -4.24 44.40
C SER A 322 32.30 -5.15 43.77
N GLY A 323 32.97 -5.97 44.59
CA GLY A 323 34.10 -6.74 44.14
C GLY A 323 35.41 -5.97 44.19
N TYR A 324 35.39 -4.80 44.84
CA TYR A 324 36.59 -3.95 45.00
C TYR A 324 36.96 -3.75 46.50
N LYS A 325 38.23 -3.52 46.79
CA LYS A 325 38.69 -2.95 48.08
C LYS A 325 39.28 -1.58 47.81
N GLN A 326 39.27 -0.74 48.84
CA GLN A 326 39.98 0.54 48.83
C GLN A 326 41.21 0.44 49.73
N ILE A 327 42.41 0.52 49.15
CA ILE A 327 43.67 0.42 49.87
C ILE A 327 44.56 1.60 49.49
N ASP A 328 44.98 2.38 50.49
CA ASP A 328 45.76 3.60 50.27
C ASP A 328 45.09 4.50 49.22
N GLY A 329 43.79 4.77 49.37
CA GLY A 329 43.06 5.65 48.44
C GLY A 329 42.74 5.15 47.03
N ASN A 330 43.15 3.91 46.70
CA ASN A 330 42.93 3.33 45.35
C ASN A 330 41.95 2.18 45.37
N TYR A 331 41.26 1.98 44.25
CA TYR A 331 40.27 0.92 44.10
C TYR A 331 40.93 -0.26 43.41
N TYR A 332 41.04 -1.38 44.11
CA TYR A 332 41.68 -2.57 43.54
C TYR A 332 40.66 -3.72 43.49
N LEU A 333 40.61 -4.41 42.38
CA LEU A 333 39.72 -5.57 42.29
C LEU A 333 40.28 -6.64 43.24
N LYS A 334 39.40 -7.22 44.05
CA LYS A 334 39.79 -8.18 45.05
C LYS A 334 39.57 -9.64 44.60
N LEU A 335 40.31 -10.55 45.21
CA LEU A 335 40.29 -11.95 44.83
C LEU A 335 40.26 -12.88 46.02
N ARG A 336 39.60 -14.02 45.86
CA ARG A 336 39.58 -15.05 46.89
C ARG A 336 40.33 -16.24 46.35
N LYS A 337 41.31 -16.71 47.09
CA LYS A 337 42.07 -17.88 46.65
C LYS A 337 41.31 -19.13 47.06
N GLN A 338 41.31 -20.16 46.21
CA GLN A 338 40.61 -21.43 46.52
C GLN A 338 40.97 -21.97 47.90
N GLY A 339 39.95 -22.29 48.70
CA GLY A 339 40.13 -22.80 50.06
C GLY A 339 40.04 -21.73 51.14
N ASP A 340 40.14 -20.45 50.79
CA ASP A 340 40.00 -19.36 51.75
C ASP A 340 38.53 -19.03 51.88
N THR A 341 38.19 -18.46 53.04
CA THR A 341 36.84 -17.99 53.33
C THR A 341 36.71 -16.50 52.92
N ASP A 342 37.73 -15.71 53.22
CA ASP A 342 37.74 -14.28 52.95
C ASP A 342 38.48 -13.97 51.66
N TYR A 343 38.27 -12.73 51.20
CA TYR A 343 38.95 -12.16 50.04
C TYR A 343 40.21 -11.49 50.56
N ASN A 344 41.32 -12.24 50.54
CA ASN A 344 42.61 -11.77 51.07
C ASN A 344 43.59 -11.12 50.08
N TYR A 345 43.20 -11.00 48.81
CA TYR A 345 44.12 -10.58 47.75
C TYR A 345 43.56 -9.42 46.91
N THR A 346 44.44 -8.60 46.35
CA THR A 346 44.05 -7.55 45.39
C THR A 346 45.02 -7.52 44.22
N ILE A 347 44.49 -7.12 43.08
CA ILE A 347 45.28 -6.86 41.88
C ILE A 347 45.66 -5.38 41.93
N ARG A 348 46.96 -5.11 42.01
CA ARG A 348 47.50 -3.74 42.12
C ARG A 348 48.35 -3.38 40.89
N GLU A 349 49.27 -2.43 41.01
CA GLU A 349 50.04 -1.94 39.87
C GLU A 349 50.62 -3.11 39.07
N ASN A 350 50.53 -3.01 37.75
CA ASN A 350 51.09 -3.98 36.79
C ASN A 350 50.42 -5.36 36.78
N GLY A 351 49.26 -5.47 37.40
CA GLY A 351 48.58 -6.74 37.56
C GLY A 351 49.15 -7.63 38.66
N THR A 352 50.02 -7.08 39.51
CA THR A 352 50.64 -7.87 40.56
C THR A 352 49.57 -8.11 41.61
N VAL A 353 49.39 -9.38 41.97
CA VAL A 353 48.48 -9.78 43.03
C VAL A 353 49.19 -9.68 44.38
N TYR A 354 48.61 -8.90 45.28
CA TYR A 354 49.11 -8.70 46.64
C TYR A 354 48.28 -9.49 47.62
N ASP A 355 48.95 -10.01 48.65
CA ASP A 355 48.29 -10.53 49.83
C ASP A 355 48.01 -9.33 50.71
N ASP A 356 46.73 -9.02 50.96
CA ASP A 356 46.37 -7.82 51.75
C ASP A 356 46.65 -7.97 53.26
N ARG A 357 46.81 -9.20 53.72
CA ARG A 357 47.14 -9.47 55.12
C ARG A 357 48.58 -9.05 55.46
N THR A 358 49.52 -9.38 54.58
CA THR A 358 50.94 -9.02 54.71
C THR A 358 51.32 -7.78 53.92
N ASN A 359 50.44 -7.34 53.03
CA ASN A 359 50.68 -6.18 52.17
C ASN A 359 51.96 -6.28 51.32
N ARG A 360 52.20 -7.46 50.74
CA ARG A 360 53.39 -7.75 49.94
C ARG A 360 52.95 -8.41 48.62
N PRO A 361 53.75 -8.28 47.54
CA PRO A 361 53.40 -9.00 46.30
C PRO A 361 53.55 -10.51 46.44
N THR A 362 52.68 -11.26 45.77
CA THR A 362 52.78 -12.71 45.71
C THR A 362 53.55 -13.01 44.44
N GLU A 363 53.73 -14.28 44.14
CA GLU A 363 54.29 -14.67 42.85
C GLU A 363 53.27 -14.67 41.69
N PHE A 364 52.03 -14.26 41.96
CA PHE A 364 50.94 -14.32 40.99
C PHE A 364 50.67 -12.94 40.43
N SER A 365 50.26 -12.94 39.17
CA SER A 365 49.81 -11.73 38.51
C SER A 365 48.66 -12.00 37.53
N VAL A 366 48.01 -10.94 37.10
CA VAL A 366 46.84 -11.01 36.22
C VAL A 366 47.07 -10.06 35.05
N ASP A 367 47.04 -10.56 33.81
CA ASP A 367 47.22 -9.69 32.63
C ASP A 367 45.98 -8.80 32.38
N LYS A 368 46.01 -7.95 31.35
CA LYS A 368 44.89 -7.02 31.09
C LYS A 368 43.64 -7.67 30.48
N ASN A 369 43.79 -8.93 30.05
CA ASN A 369 42.67 -9.78 29.64
C ASN A 369 42.24 -10.80 30.71
N PHE A 370 42.61 -10.54 31.97
CA PHE A 370 42.13 -11.26 33.15
C PHE A 370 42.74 -12.66 33.34
N GLY A 371 43.82 -12.97 32.62
CA GLY A 371 44.49 -14.27 32.70
C GLY A 371 45.52 -14.30 33.80
N ILE A 372 45.65 -15.44 34.47
CA ILE A 372 46.46 -15.55 35.67
C ILE A 372 47.84 -16.17 35.40
N LYS A 373 48.87 -15.52 35.93
CA LYS A 373 50.25 -16.00 35.81
C LYS A 373 50.83 -16.30 37.18
N GLN A 374 51.78 -17.22 37.19
CA GLN A 374 52.59 -17.53 38.37
C GLN A 374 54.06 -17.51 37.95
N ASN A 375 54.87 -16.65 38.59
CA ASN A 375 56.26 -16.41 38.20
C ASN A 375 56.47 -16.00 36.74
N GLY A 376 55.51 -15.26 36.17
CA GLY A 376 55.56 -14.91 34.76
C GLY A 376 55.14 -15.97 33.74
N ASN A 377 54.75 -17.16 34.20
CA ASN A 377 54.16 -18.22 33.35
C ASN A 377 52.64 -18.32 33.54
N TYR A 378 51.93 -18.49 32.44
CA TYR A 378 50.48 -18.68 32.50
C TYR A 378 50.09 -19.98 33.17
N LEU A 379 49.08 -19.92 34.04
CA LEU A 379 48.38 -21.11 34.51
C LEU A 379 47.25 -21.44 33.53
N THR A 380 46.90 -22.72 33.42
CA THR A 380 45.92 -23.16 32.47
C THR A 380 44.85 -23.96 33.16
N VAL A 381 43.69 -24.01 32.52
CA VAL A 381 42.60 -24.90 32.87
C VAL A 381 42.12 -25.53 31.60
N GLU A 382 41.34 -26.57 31.73
CA GLU A 382 40.75 -27.22 30.59
C GLU A 382 39.39 -26.62 30.24
N GLN A 383 39.18 -26.38 28.96
CA GLN A 383 37.96 -25.74 28.43
C GLN A 383 36.83 -26.75 28.44
N TYR A 384 35.58 -26.27 28.61
CA TYR A 384 34.40 -27.13 28.54
C TYR A 384 33.72 -27.08 27.16
N SER A 385 33.18 -28.22 26.76
CA SER A 385 32.17 -28.27 25.72
C SER A 385 30.85 -28.77 26.27
N VAL A 386 29.78 -28.49 25.51
CA VAL A 386 28.43 -28.97 25.77
C VAL A 386 28.03 -29.77 24.54
N SER A 387 27.35 -30.89 24.76
CA SER A 387 26.74 -31.65 23.68
C SER A 387 25.31 -32.05 24.06
N PHE A 388 24.49 -32.24 23.03
CA PHE A 388 23.09 -32.64 23.13
C PHE A 388 22.90 -33.71 22.06
N GLU A 389 23.14 -34.98 22.40
CA GLU A 389 23.02 -36.03 21.37
C GLU A 389 21.55 -36.37 20.99
N ASN A 390 20.67 -36.56 21.99
CA ASN A 390 19.28 -37.07 21.77
C ASN A 390 18.14 -36.35 22.50
N ASN A 391 18.45 -35.74 23.64
CA ASN A 391 17.56 -35.57 24.80
C ASN A 391 18.35 -35.35 26.10
N LYS A 392 19.62 -35.77 26.13
CA LYS A 392 20.48 -35.62 27.31
C LYS A 392 21.59 -34.56 27.13
N LYS A 393 21.60 -33.53 27.97
CA LYS A 393 22.69 -32.53 27.95
C LYS A 393 23.88 -33.07 28.74
N THR A 394 25.07 -32.94 28.18
CA THR A 394 26.31 -33.27 28.93
C THR A 394 27.33 -32.17 28.78
N GLU A 395 27.98 -31.78 29.88
CA GLU A 395 29.09 -30.82 29.84
C GLU A 395 30.36 -31.62 30.15
N TYR A 396 31.42 -31.42 29.39
CA TYR A 396 32.67 -32.16 29.62
C TYR A 396 33.91 -31.32 29.27
N ARG A 397 35.01 -31.66 29.94
CA ARG A 397 36.32 -31.11 29.62
C ARG A 397 36.73 -31.67 28.27
N ASN A 398 37.22 -30.81 27.35
CA ASN A 398 37.32 -31.12 25.92
C ASN A 398 38.72 -31.21 25.33
N GLY A 399 39.73 -31.23 26.17
CA GLY A 399 41.11 -31.39 25.69
C GLY A 399 41.85 -30.09 25.43
N THR A 400 41.12 -28.98 25.18
CA THR A 400 41.78 -27.69 24.99
C THR A 400 42.23 -27.07 26.33
N LYS A 401 43.47 -26.57 26.39
CA LYS A 401 44.00 -25.85 27.55
C LYS A 401 43.91 -24.36 27.23
N VAL A 402 43.26 -23.59 28.10
CA VAL A 402 43.18 -22.15 27.94
C VAL A 402 43.81 -21.52 29.17
N HIS A 403 44.13 -20.24 29.05
CA HIS A 403 44.63 -19.48 30.18
C HIS A 403 43.62 -19.53 31.31
N MET A 404 44.09 -19.78 32.52
CA MET A 404 43.25 -19.65 33.70
C MET A 404 42.84 -18.19 33.81
N ASN A 405 41.65 -17.91 34.27
CA ASN A 405 41.09 -16.54 34.23
C ASN A 405 40.26 -16.29 35.50
N ILE A 406 40.34 -15.07 36.02
CA ILE A 406 39.71 -14.75 37.30
C ILE A 406 38.20 -14.79 37.27
N PHE A 407 37.60 -14.79 36.08
CA PHE A 407 36.14 -14.97 35.89
C PHE A 407 35.64 -16.43 35.73
N TYR A 408 36.54 -17.40 35.74
CA TYR A 408 36.19 -18.80 35.48
C TYR A 408 35.95 -19.58 36.77
N LYS A 409 35.10 -20.58 36.68
CA LYS A 409 34.82 -21.41 37.85
C LYS A 409 36.01 -22.26 38.23
N ASP A 410 36.95 -22.52 37.33
CA ASP A 410 38.07 -23.38 37.71
C ASP A 410 39.32 -22.59 38.13
N ALA A 411 39.21 -21.29 38.34
CA ALA A 411 40.35 -20.47 38.71
C ALA A 411 40.82 -20.65 40.13
N LEU A 412 42.13 -20.51 40.34
CA LEU A 412 42.75 -20.52 41.68
C LEU A 412 42.47 -19.26 42.47
N PHE A 413 42.31 -18.14 41.77
CA PHE A 413 41.87 -16.88 42.37
C PHE A 413 40.64 -16.38 41.65
N LYS A 414 39.61 -16.00 42.39
CA LYS A 414 38.31 -15.69 41.80
C LYS A 414 37.77 -14.35 42.26
N VAL A 415 37.09 -13.66 41.35
CA VAL A 415 36.39 -12.42 41.71
C VAL A 415 35.14 -12.68 42.54
N VAL A 416 34.63 -11.62 43.17
CA VAL A 416 33.32 -11.69 43.82
C VAL A 416 32.30 -12.10 42.76
N PRO A 417 31.39 -13.08 43.08
CA PRO A 417 30.38 -13.48 42.12
C PRO A 417 29.24 -12.44 42.00
N THR A 418 29.52 -11.32 41.34
CA THR A 418 28.50 -10.32 41.05
C THR A 418 28.72 -9.83 39.64
N ASN A 419 27.95 -8.82 39.23
CA ASN A 419 28.10 -8.27 37.89
C ASN A 419 29.05 -7.09 37.87
N TYR A 420 29.68 -6.87 36.72
CA TYR A 420 30.63 -5.80 36.50
C TYR A 420 30.31 -5.15 35.17
N ILE A 421 30.89 -3.98 34.92
CA ILE A 421 30.85 -3.35 33.59
C ILE A 421 32.28 -3.21 33.09
N ALA A 422 32.49 -3.55 31.84
CA ALA A 422 33.77 -3.36 31.18
C ALA A 422 33.62 -2.47 29.96
N TYR A 423 34.73 -1.87 29.51
CA TYR A 423 34.79 -1.24 28.20
C TYR A 423 36.08 -1.47 27.48
N ILE A 424 35.97 -1.48 26.15
CA ILE A 424 37.09 -1.49 25.22
C ILE A 424 37.03 -0.26 24.29
N SER A 425 38.19 0.12 23.74
CA SER A 425 38.30 1.25 22.79
C SER A 425 38.93 0.81 21.49
N SER A 426 38.49 1.47 20.42
CA SER A 426 39.07 1.30 19.07
C SER A 426 39.48 2.65 18.47
N ASN A 427 40.69 2.68 17.91
CA ASN A 427 41.20 3.84 17.17
C ASN A 427 41.12 3.67 15.67
N ASP A 428 40.52 2.58 15.17
CA ASP A 428 40.42 2.33 13.74
C ASP A 428 38.98 1.99 13.35
N HIS A 429 38.03 2.64 14.01
CA HIS A 429 36.62 2.46 13.74
C HIS A 429 36.17 1.00 13.72
N GLY A 430 36.60 0.25 14.72
CA GLY A 430 36.07 -1.09 14.94
C GLY A 430 36.83 -2.24 14.31
N GLU A 431 37.94 -1.97 13.64
CA GLU A 431 38.74 -3.09 13.07
C GLU A 431 39.56 -3.83 14.12
N SER A 432 40.06 -3.09 15.11
CA SER A 432 40.76 -3.68 16.25
C SER A 432 40.43 -2.92 17.53
N TRP A 433 40.64 -3.61 18.65
CA TRP A 433 40.20 -3.13 19.95
C TRP A 433 41.28 -3.30 21.01
N SER A 434 41.28 -2.42 22.00
CA SER A 434 42.10 -2.58 23.19
C SER A 434 41.65 -3.79 24.06
N ALA A 435 42.47 -4.08 25.07
CA ALA A 435 42.10 -4.97 26.17
C ALA A 435 41.00 -4.25 26.98
N PRO A 436 40.19 -5.01 27.73
CA PRO A 436 39.08 -4.43 28.49
C PRO A 436 39.52 -3.73 29.77
N THR A 437 38.74 -2.74 30.19
CA THR A 437 38.97 -2.00 31.43
C THR A 437 37.67 -2.16 32.22
N LEU A 438 37.74 -2.71 33.44
CA LEU A 438 36.60 -2.76 34.33
C LEU A 438 36.33 -1.36 34.89
N LEU A 439 35.10 -0.94 34.85
CA LEU A 439 34.71 0.28 35.52
C LEU A 439 35.06 0.18 37.04
N PRO A 440 35.52 1.29 37.64
CA PRO A 440 35.62 1.33 39.11
C PRO A 440 34.26 1.23 39.80
N PRO A 441 34.24 0.94 41.12
CA PRO A 441 32.97 0.81 41.82
C PRO A 441 32.23 2.15 42.02
N ILE A 442 31.74 2.73 40.94
CA ILE A 442 31.10 4.05 41.01
C ILE A 442 29.78 4.05 41.78
N MET A 443 29.15 2.88 41.98
CA MET A 443 27.96 2.81 42.83
C MET A 443 28.25 2.75 44.34
N GLY A 444 29.52 2.69 44.72
CA GLY A 444 29.93 2.49 46.12
C GLY A 444 30.59 1.13 46.24
N LEU A 445 31.41 0.97 47.29
CA LEU A 445 32.13 -0.29 47.52
C LEU A 445 31.20 -1.44 47.87
N ASN A 446 30.07 -1.12 48.50
CA ASN A 446 29.12 -2.11 48.98
C ASN A 446 27.83 -2.19 48.14
N ARG A 447 27.96 -1.88 46.84
CA ARG A 447 26.87 -2.14 45.86
C ARG A 447 27.44 -2.77 44.60
N ASN A 448 26.67 -3.64 43.96
CA ASN A 448 27.03 -4.15 42.63
C ASN A 448 27.02 -3.04 41.55
N ALA A 449 27.71 -3.29 40.43
CA ALA A 449 27.73 -2.35 39.30
C ALA A 449 26.33 -2.25 38.70
N PRO A 450 26.06 -1.15 37.98
CA PRO A 450 24.78 -1.12 37.26
C PRO A 450 24.72 -2.10 36.09
N TYR A 451 23.52 -2.28 35.57
CA TYR A 451 23.27 -3.02 34.33
C TYR A 451 23.08 -2.04 33.18
N LEU A 452 23.76 -2.29 32.06
CA LEU A 452 23.72 -1.37 30.94
C LEU A 452 22.39 -1.40 30.21
N GLY A 453 21.95 -0.26 29.70
CA GLY A 453 20.79 -0.18 28.77
C GLY A 453 21.28 -0.35 27.33
N PRO A 454 21.03 -1.53 26.71
CA PRO A 454 21.62 -1.73 25.38
C PRO A 454 21.22 -0.67 24.36
N GLY A 455 22.19 -0.33 23.51
CA GLY A 455 22.01 0.65 22.45
C GLY A 455 23.25 1.50 22.33
N ARG A 456 23.05 2.82 22.33
CA ARG A 456 24.15 3.77 22.21
C ARG A 456 24.28 4.69 23.42
N GLY A 457 25.45 5.31 23.53
CA GLY A 457 25.65 6.47 24.40
C GLY A 457 25.56 7.73 23.56
N ILE A 458 25.61 8.89 24.19
CA ILE A 458 25.72 10.13 23.46
C ILE A 458 26.75 11.07 24.05
N ILE A 459 27.11 12.08 23.23
CA ILE A 459 27.91 13.22 23.67
C ILE A 459 26.95 14.44 23.70
N GLU A 460 26.74 15.00 24.87
CA GLU A 460 25.92 16.21 24.94
C GLU A 460 26.69 17.37 24.29
N SER A 461 26.04 18.10 23.40
CA SER A 461 26.73 19.08 22.55
C SER A 461 27.33 20.33 23.25
N SER A 462 26.67 20.89 24.25
CA SER A 462 27.12 22.17 24.85
C SER A 462 28.30 21.99 25.82
N THR A 463 28.33 20.87 26.55
CA THR A 463 29.40 20.58 27.52
C THR A 463 30.40 19.55 27.08
N GLY A 464 30.04 18.68 26.14
CA GLY A 464 30.93 17.59 25.71
C GLY A 464 30.90 16.35 26.61
N ARG A 465 29.96 16.32 27.55
CA ARG A 465 29.80 15.23 28.47
C ARG A 465 29.40 13.94 27.74
N ILE A 466 30.10 12.83 28.01
CA ILE A 466 29.69 11.51 27.48
C ILE A 466 28.67 10.90 28.43
N LEU A 467 27.56 10.40 27.92
CA LEU A 467 26.52 9.76 28.77
C LEU A 467 26.25 8.32 28.35
N ILE A 468 26.21 7.44 29.33
CA ILE A 468 26.05 5.99 29.11
C ILE A 468 24.88 5.56 29.97
N PRO A 469 23.80 5.04 29.37
CA PRO A 469 22.62 4.66 30.16
C PRO A 469 22.75 3.28 30.84
N SER A 470 22.30 3.22 32.10
CA SER A 470 22.25 2.00 32.88
C SER A 470 21.12 2.10 33.94
N TYR A 471 20.96 1.03 34.70
CA TYR A 471 19.89 0.91 35.71
C TYR A 471 20.27 -0.17 36.75
N THR A 472 19.65 -0.10 37.94
CA THR A 472 19.96 -0.98 39.06
C THR A 472 18.86 -1.93 39.44
N GLY A 473 17.66 -1.70 38.91
CA GLY A 473 16.48 -2.44 39.30
C GLY A 473 15.53 -1.60 40.11
N LYS A 474 16.05 -0.58 40.81
CA LYS A 474 15.20 0.41 41.52
C LYS A 474 15.45 1.87 41.13
N GLU A 475 16.57 2.11 40.43
CA GLU A 475 16.97 3.46 40.08
C GLU A 475 17.48 3.44 38.66
N SER A 476 17.43 4.61 38.04
CA SER A 476 18.23 4.89 36.84
C SER A 476 19.64 5.21 37.28
N ALA A 477 20.61 4.81 36.47
CA ALA A 477 22.02 5.13 36.70
C ALA A 477 22.60 5.66 35.40
N PHE A 478 22.75 6.98 35.33
CA PHE A 478 23.32 7.63 34.18
C PHE A 478 24.83 7.80 34.39
N ILE A 479 25.60 6.94 33.73
CA ILE A 479 27.06 6.94 33.82
C ILE A 479 27.63 8.05 32.91
N TYR A 480 28.59 8.83 33.41
CA TYR A 480 29.10 9.97 32.63
C TYR A 480 30.54 10.31 32.89
N SER A 481 31.20 10.83 31.85
CA SER A 481 32.51 11.42 31.94
C SER A 481 32.47 12.87 31.47
N ASP A 482 33.11 13.75 32.25
CA ASP A 482 33.41 15.12 31.84
C ASP A 482 34.85 15.36 31.38
N ASP A 483 35.64 14.31 31.25
CA ASP A 483 37.05 14.49 30.84
C ASP A 483 37.37 13.62 29.63
N ASN A 484 36.47 13.63 28.65
N ASN A 484 36.46 13.63 28.65
CA ASN A 484 36.62 12.85 27.41
CA ASN A 484 36.60 12.89 27.40
C ASN A 484 36.88 11.35 27.61
C ASN A 484 36.89 11.37 27.60
N GLY A 485 36.27 10.79 28.65
CA GLY A 485 36.37 9.35 28.92
C GLY A 485 37.56 8.83 29.66
N ALA A 486 38.28 9.72 30.34
CA ALA A 486 39.41 9.31 31.18
C ALA A 486 38.91 8.75 32.51
N SER A 487 37.93 9.40 33.12
CA SER A 487 37.29 8.92 34.34
C SER A 487 35.77 9.01 34.22
N TRP A 488 35.09 8.30 35.14
CA TRP A 488 33.67 8.05 35.09
C TRP A 488 32.98 8.28 36.41
N LYS A 489 31.82 8.94 36.34
CA LYS A 489 30.98 9.19 37.48
C LYS A 489 29.58 8.69 37.20
N VAL A 490 28.69 8.79 38.17
CA VAL A 490 27.31 8.36 37.96
C VAL A 490 26.31 9.33 38.59
N LYS A 491 25.18 9.54 37.93
CA LYS A 491 24.02 10.20 38.54
C LYS A 491 22.97 9.13 38.78
N VAL A 492 22.59 8.94 40.04
CA VAL A 492 21.59 7.93 40.43
C VAL A 492 20.25 8.58 40.74
N VAL A 493 19.19 8.12 40.06
CA VAL A 493 17.85 8.72 40.17
C VAL A 493 16.85 7.63 40.59
N PRO A 494 16.31 7.71 41.83
CA PRO A 494 15.30 6.74 42.21
C PRO A 494 14.03 6.83 41.34
N LEU A 495 13.35 5.69 41.20
CA LEU A 495 12.25 5.51 40.29
C LEU A 495 10.95 5.16 41.05
N PRO A 496 9.76 5.44 40.46
CA PRO A 496 8.50 5.16 41.16
C PRO A 496 8.26 3.69 41.52
N SER A 497 8.88 2.76 40.79
CA SER A 497 8.75 1.35 41.09
C SER A 497 10.01 0.63 40.64
N SER A 498 10.01 -0.71 40.73
CA SER A 498 11.18 -1.53 40.35
C SER A 498 11.27 -1.82 38.83
N TRP A 499 11.55 -0.77 38.06
CA TRP A 499 11.68 -0.87 36.60
C TRP A 499 12.98 -1.61 36.20
N SER A 500 12.90 -2.48 35.21
CA SER A 500 14.11 -2.81 34.43
C SER A 500 14.35 -1.69 33.43
N ALA A 501 14.90 -0.58 33.92
CA ALA A 501 14.91 0.68 33.18
C ALA A 501 16.01 0.81 32.11
N GLU A 502 15.98 -0.08 31.11
CA GLU A 502 16.80 0.05 29.93
C GLU A 502 16.41 1.38 29.27
N ALA A 503 17.40 2.21 28.99
CA ALA A 503 17.18 3.58 28.58
C ALA A 503 18.03 3.96 27.38
N GLN A 504 17.56 4.98 26.65
CA GLN A 504 18.35 5.66 25.62
C GLN A 504 18.11 7.17 25.67
N PHE A 505 19.10 7.97 25.23
CA PHE A 505 19.04 9.43 25.33
C PHE A 505 18.79 10.09 23.97
N VAL A 506 18.16 11.27 24.02
CA VAL A 506 18.15 12.20 22.90
C VAL A 506 18.39 13.62 23.43
N GLU A 507 19.00 14.45 22.60
CA GLU A 507 19.20 15.87 22.90
C GLU A 507 18.16 16.69 22.13
N LEU A 508 17.39 17.50 22.83
CA LEU A 508 16.33 18.30 22.20
C LEU A 508 16.89 19.60 21.69
N SER A 509 17.61 20.28 22.56
CA SER A 509 18.29 21.51 22.29
C SER A 509 19.57 21.52 23.19
N PRO A 510 20.52 22.45 22.97
CA PRO A 510 21.77 22.50 23.76
C PRO A 510 21.54 22.49 25.27
N GLY A 511 22.07 21.46 25.92
CA GLY A 511 21.94 21.30 27.37
C GLY A 511 20.68 20.58 27.86
N VAL A 512 19.75 20.26 26.95
CA VAL A 512 18.45 19.67 27.29
C VAL A 512 18.36 18.25 26.75
N ILE A 513 18.18 17.28 27.65
CA ILE A 513 18.35 15.83 27.33
C ILE A 513 17.16 15.08 27.88
N GLN A 514 16.66 14.10 27.14
CA GLN A 514 15.64 13.16 27.62
C GLN A 514 16.13 11.74 27.62
N ALA A 515 15.78 11.02 28.68
CA ALA A 515 16.05 9.57 28.80
C ALA A 515 14.73 8.85 28.71
N TYR A 516 14.53 8.10 27.63
CA TYR A 516 13.36 7.30 27.40
C TYR A 516 13.66 5.87 27.88
N MET A 517 12.72 5.24 28.58
CA MET A 517 13.04 3.95 29.18
C MET A 517 11.84 3.04 29.43
N ARG A 518 12.19 1.74 29.47
CA ARG A 518 11.30 0.65 29.85
C ARG A 518 10.87 0.80 31.31
N THR A 519 9.64 0.37 31.59
CA THR A 519 9.07 0.39 32.93
C THR A 519 8.46 -0.98 33.23
N ASN A 520 7.91 -1.11 34.43
CA ASN A 520 7.09 -2.27 34.81
C ASN A 520 5.58 -1.92 34.87
N ASN A 521 5.17 -0.75 34.35
CA ASN A 521 3.75 -0.38 34.37
C ASN A 521 3.07 -0.39 33.00
N GLY A 522 3.74 -0.87 31.94
CA GLY A 522 3.13 -0.96 30.61
C GLY A 522 3.37 0.23 29.68
N LYS A 523 3.84 1.35 30.23
CA LYS A 523 4.14 2.55 29.47
C LYS A 523 5.66 2.75 29.28
N ILE A 524 6.00 3.55 28.29
CA ILE A 524 7.34 4.07 28.10
C ILE A 524 7.45 5.39 28.83
N ALA A 525 8.45 5.47 29.71
CA ALA A 525 8.72 6.65 30.51
C ALA A 525 9.82 7.49 29.90
N TYR A 526 9.77 8.80 30.17
CA TYR A 526 10.83 9.71 29.81
C TYR A 526 11.03 10.76 30.90
N LEU A 527 12.30 10.96 31.26
CA LEU A 527 12.73 11.93 32.25
C LEU A 527 13.52 12.99 31.51
N THR A 528 13.51 14.22 32.03
CA THR A 528 14.09 15.37 31.34
C THR A 528 15.13 16.06 32.23
N SER A 529 16.26 16.43 31.63
CA SER A 529 17.32 17.24 32.26
C SER A 529 17.53 18.52 31.47
N LYS A 530 17.61 19.65 32.18
CA LYS A 530 17.89 20.93 31.54
C LYS A 530 19.32 21.40 31.81
N ASP A 531 20.11 20.62 32.56
CA ASP A 531 21.51 20.94 32.86
C ASP A 531 22.44 19.77 32.46
N ALA A 532 22.22 19.23 31.26
CA ALA A 532 23.11 18.26 30.63
C ALA A 532 23.31 16.94 31.40
N GLY A 533 22.27 16.53 32.14
CA GLY A 533 22.26 15.29 32.90
C GLY A 533 22.59 15.37 34.38
N THR A 534 22.73 16.59 34.93
CA THR A 534 23.09 16.75 36.34
C THR A 534 21.87 16.55 37.25
N THR A 535 20.71 17.06 36.84
CA THR A 535 19.45 16.90 37.56
C THR A 535 18.36 16.49 36.59
N TRP A 536 17.40 15.73 37.14
CA TRP A 536 16.35 15.07 36.36
C TRP A 536 14.98 15.32 36.95
N SER A 537 13.99 15.41 36.07
CA SER A 537 12.60 15.62 36.44
C SER A 537 11.95 14.31 36.84
N ALA A 538 10.76 14.41 37.42
CA ALA A 538 9.89 13.28 37.62
C ALA A 538 9.54 12.64 36.26
N PRO A 539 9.21 11.34 36.25
CA PRO A 539 8.88 10.73 34.96
C PRO A 539 7.61 11.33 34.32
N GLU A 540 7.62 11.41 32.98
CA GLU A 540 6.42 11.51 32.17
C GLU A 540 6.34 10.26 31.27
N TYR A 541 5.19 10.06 30.66
CA TYR A 541 4.88 8.83 29.97
C TYR A 541 4.34 9.10 28.58
N LEU A 542 4.77 8.33 27.58
CA LEU A 542 4.14 8.44 26.26
C LEU A 542 2.68 7.98 26.33
N LYS A 543 1.79 8.71 25.66
CA LYS A 543 0.36 8.43 25.64
C LYS A 543 -0.08 7.32 24.69
N PHE A 544 0.70 7.03 23.66
CA PHE A 544 0.27 6.16 22.54
C PHE A 544 0.87 4.76 22.54
N VAL A 545 1.76 4.44 23.47
CA VAL A 545 2.27 3.05 23.59
C VAL A 545 1.69 2.40 24.85
N SER A 546 1.11 1.21 24.68
CA SER A 546 0.57 0.44 25.79
C SER A 546 1.04 -1.02 25.65
N ASN A 547 1.89 -1.43 26.57
CA ASN A 547 2.57 -2.72 26.50
C ASN A 547 2.29 -3.58 27.73
N PRO A 548 2.80 -4.84 27.76
CA PRO A 548 2.64 -5.62 28.99
C PRO A 548 3.52 -5.06 30.11
N SER A 549 3.20 -5.41 31.33
CA SER A 549 3.91 -4.91 32.50
C SER A 549 5.41 -5.23 32.51
N TYR A 550 5.82 -6.37 31.94
CA TYR A 550 7.26 -6.70 31.92
C TYR A 550 8.03 -5.70 31.03
N GLY A 551 7.38 -5.17 30.00
CA GLY A 551 7.99 -4.16 29.13
C GLY A 551 8.99 -4.74 28.14
N THR A 552 9.51 -3.88 27.28
CA THR A 552 10.59 -4.21 26.34
C THR A 552 11.54 -3.01 26.20
N GLN A 553 12.80 -3.32 25.94
CA GLN A 553 13.79 -2.33 25.46
C GLN A 553 13.32 -1.52 24.24
N LEU A 554 13.80 -0.28 24.12
CA LEU A 554 13.45 0.57 22.99
C LEU A 554 14.70 1.12 22.33
N SER A 555 14.52 1.73 21.18
CA SER A 555 15.57 2.52 20.56
C SER A 555 15.02 3.94 20.22
N ILE A 556 15.78 4.99 20.55
CA ILE A 556 15.46 6.35 20.10
C ILE A 556 16.76 7.06 19.72
N ILE A 557 16.75 7.78 18.59
CA ILE A 557 17.90 8.55 18.10
C ILE A 557 17.44 9.97 17.62
N ASN A 558 18.38 10.91 17.68
CA ASN A 558 18.30 12.18 16.96
C ASN A 558 18.53 11.88 15.49
N TYR A 559 17.80 12.60 14.63
CA TYR A 559 17.98 12.53 13.20
C TYR A 559 18.55 13.87 12.77
N SER A 560 19.47 13.85 11.80
CA SER A 560 20.22 15.05 11.41
C SER A 560 19.46 16.02 10.46
N GLN A 561 18.44 15.54 9.75
CA GLN A 561 17.77 16.35 8.74
C GLN A 561 16.40 16.85 9.23
N LEU A 562 16.00 18.03 8.78
CA LEU A 562 14.66 18.56 9.09
C LEU A 562 13.56 17.73 8.48
N ILE A 563 12.51 17.49 9.27
CA ILE A 563 11.28 16.88 8.79
C ILE A 563 10.16 17.92 9.08
N ASP A 564 9.44 18.32 8.04
CA ASP A 564 8.37 19.34 8.09
C ASP A 564 8.88 20.63 8.72
N GLY A 565 10.12 21.00 8.40
CA GLY A 565 10.77 22.20 8.98
C GLY A 565 11.24 22.07 10.43
N LYS A 566 11.30 20.85 10.97
CA LYS A 566 11.62 20.65 12.41
C LYS A 566 12.68 19.60 12.65
N LYS A 567 13.40 19.77 13.76
CA LYS A 567 14.33 18.75 14.21
C LYS A 567 13.51 17.53 14.57
N ALA A 568 14.06 16.36 14.34
CA ALA A 568 13.29 15.16 14.55
C ALA A 568 14.02 14.14 15.41
N VAL A 569 13.23 13.34 16.13
CA VAL A 569 13.69 12.11 16.77
C VAL A 569 12.93 10.93 16.16
N ILE A 570 13.52 9.76 16.29
CA ILE A 570 12.96 8.54 15.71
C ILE A 570 13.00 7.44 16.76
N LEU A 571 11.83 6.86 17.03
CA LEU A 571 11.62 5.89 18.09
C LEU A 571 11.18 4.56 17.50
N SER A 572 11.75 3.44 18.01
CA SER A 572 11.33 2.07 17.68
C SER A 572 10.95 1.29 18.97
N THR A 573 9.78 0.62 18.96
CA THR A 573 9.29 -0.14 20.11
C THR A 573 8.17 -1.07 19.68
N PRO A 574 8.03 -2.26 20.35
CA PRO A 574 6.76 -2.97 20.23
C PRO A 574 5.63 -2.12 20.80
N ASN A 575 4.42 -2.32 20.30
CA ASN A 575 3.21 -1.63 20.83
C ASN A 575 1.96 -2.53 20.84
N SER A 576 1.77 -3.23 21.95
CA SER A 576 0.75 -4.29 22.06
C SER A 576 0.71 -4.78 23.49
N THR A 577 -0.50 -4.93 24.04
CA THR A 577 -0.66 -5.49 25.37
C THR A 577 -0.63 -7.03 25.38
N ASN A 578 -0.58 -7.69 24.22
CA ASN A 578 -0.60 -9.16 24.13
C ASN A 578 0.76 -9.87 24.01
N GLY A 579 1.86 -9.13 24.03
CA GLY A 579 3.18 -9.73 23.84
C GLY A 579 4.13 -8.72 23.23
N ARG A 580 5.33 -9.20 22.90
CA ARG A 580 6.33 -8.38 22.20
C ARG A 580 6.04 -8.53 20.72
N LYS A 581 5.14 -7.64 20.26
CA LYS A 581 4.66 -7.62 18.88
C LYS A 581 4.20 -6.22 18.44
N HIS A 582 3.80 -6.09 17.18
CA HIS A 582 3.29 -4.84 16.60
C HIS A 582 4.39 -3.75 16.71
N GLY A 583 5.54 -4.06 16.13
CA GLY A 583 6.63 -3.10 16.08
C GLY A 583 6.23 -1.83 15.32
N GLN A 584 6.63 -0.69 15.84
CA GLN A 584 6.33 0.63 15.22
C GLN A 584 7.56 1.51 15.25
N ILE A 585 7.77 2.23 14.17
CA ILE A 585 8.72 3.30 14.15
C ILE A 585 7.94 4.63 14.16
N TRP A 586 8.22 5.48 15.13
CA TRP A 586 7.55 6.74 15.33
C TRP A 586 8.50 7.90 15.02
N ILE A 587 7.96 8.97 14.48
CA ILE A 587 8.71 10.19 14.24
C ILE A 587 8.13 11.28 15.13
N GLY A 588 9.02 11.87 15.92
CA GLY A 588 8.69 12.97 16.83
C GLY A 588 9.36 14.24 16.33
N LEU A 589 8.58 15.30 16.18
CA LEU A 589 9.11 16.61 15.79
C LEU A 589 9.28 17.43 17.04
N ILE A 590 10.46 18.03 17.22
CA ILE A 590 10.72 18.84 18.39
C ILE A 590 10.05 20.22 18.17
N ASN A 591 9.14 20.58 19.06
CA ASN A 591 8.51 21.92 19.08
C ASN A 591 9.43 22.95 19.68
N ASP A 592 9.09 24.22 19.44
CA ASP A 592 9.84 25.36 19.96
C ASP A 592 10.02 25.33 21.47
N ASP A 593 9.02 24.81 22.19
CA ASP A 593 9.07 24.68 23.65
C ASP A 593 9.63 23.31 24.14
N ASN A 594 10.33 22.59 23.27
CA ASN A 594 10.94 21.27 23.63
C ASN A 594 10.00 20.11 24.06
N THR A 595 8.69 20.25 23.87
CA THR A 595 7.78 19.09 23.82
C THR A 595 7.92 18.48 22.44
N ILE A 596 7.42 17.27 22.28
CA ILE A 596 7.54 16.53 21.02
C ILE A 596 6.17 16.24 20.40
N ASP A 597 6.03 16.51 19.11
CA ASP A 597 4.82 16.19 18.34
C ASP A 597 5.05 14.86 17.65
N TRP A 598 4.42 13.81 18.17
CA TRP A 598 4.57 12.48 17.64
C TRP A 598 3.59 12.32 16.48
N ARG A 599 4.05 12.73 15.28
CA ARG A 599 3.17 13.03 14.16
C ARG A 599 2.97 11.88 13.18
N TYR A 600 3.97 11.00 13.10
CA TYR A 600 3.94 9.91 12.13
C TYR A 600 4.33 8.58 12.78
N HIS A 601 3.86 7.50 12.18
CA HIS A 601 4.38 6.17 12.49
C HIS A 601 4.22 5.21 11.31
N HIS A 602 5.04 4.18 11.34
CA HIS A 602 4.99 3.10 10.36
C HIS A 602 5.00 1.80 11.13
N ASP A 603 4.03 0.91 10.88
CA ASP A 603 4.06 -0.45 11.45
C ASP A 603 5.07 -1.34 10.70
N VAL A 604 5.97 -1.96 11.45
CA VAL A 604 6.91 -2.95 10.89
C VAL A 604 6.23 -4.30 10.85
N ASP A 605 5.79 -4.68 9.65
CA ASP A 605 5.05 -5.91 9.42
C ASP A 605 3.66 -5.86 10.06
N TYR A 606 2.88 -6.93 9.93
CA TYR A 606 1.55 -7.01 10.55
C TYR A 606 1.61 -7.08 12.06
N SER A 607 0.49 -6.68 12.65
CA SER A 607 0.47 -6.39 14.09
C SER A 607 0.60 -7.60 15.02
N ASN A 608 0.32 -8.79 14.53
CA ASN A 608 0.56 -9.98 15.39
C ASN A 608 1.93 -10.64 15.19
N TYR A 609 2.76 -10.06 14.33
CA TYR A 609 4.12 -10.52 14.12
C TYR A 609 4.98 -10.03 15.27
N GLY A 610 5.98 -10.85 15.63
CA GLY A 610 6.86 -10.57 16.77
C GLY A 610 7.88 -9.45 16.57
N TYR A 611 8.13 -8.70 17.63
CA TYR A 611 9.01 -7.53 17.57
C TYR A 611 9.47 -7.26 18.99
N SER A 612 10.74 -7.49 19.28
CA SER A 612 11.21 -7.32 20.67
C SER A 612 12.28 -6.21 20.73
N TYR A 613 13.50 -6.53 21.12
CA TYR A 613 14.53 -5.51 21.26
C TYR A 613 14.91 -5.00 19.86
N SER A 614 15.31 -3.73 19.78
CA SER A 614 15.54 -3.08 18.49
C SER A 614 16.61 -2.00 18.63
N THR A 615 17.15 -1.52 17.49
CA THR A 615 18.17 -0.51 17.50
C THR A 615 18.09 0.26 16.18
N LEU A 616 18.17 1.59 16.28
CA LEU A 616 18.13 2.46 15.14
C LEU A 616 19.48 3.18 14.93
N THR A 617 19.83 3.40 13.68
CA THR A 617 20.92 4.33 13.33
C THR A 617 20.59 5.16 12.06
N GLU A 618 21.07 6.41 12.02
CA GLU A 618 20.96 7.22 10.78
C GLU A 618 22.12 6.82 9.87
N LEU A 619 21.83 6.36 8.67
CA LEU A 619 22.88 5.98 7.71
C LEU A 619 23.54 7.25 7.12
N PRO A 620 24.74 7.11 6.53
CA PRO A 620 25.42 8.31 5.99
C PRO A 620 24.60 9.10 4.95
N ASN A 621 23.85 8.40 4.10
CA ASN A 621 22.91 9.02 3.13
C ASN A 621 21.54 9.50 3.70
N HIS A 622 21.41 9.57 5.02
CA HIS A 622 20.19 10.03 5.72
C HIS A 622 19.00 9.09 5.68
N GLU A 623 19.19 7.89 5.13
CA GLU A 623 18.24 6.80 5.34
C GLU A 623 18.41 6.28 6.78
N ILE A 624 17.46 5.44 7.20
CA ILE A 624 17.43 4.85 8.54
C ILE A 624 17.71 3.33 8.46
N GLY A 625 18.62 2.85 9.29
CA GLY A 625 18.86 1.42 9.44
C GLY A 625 18.19 0.93 10.71
N LEU A 626 17.55 -0.22 10.63
CA LEU A 626 16.92 -0.87 11.77
C LEU A 626 17.37 -2.35 11.88
N MET A 627 17.73 -2.77 13.07
CA MET A 627 17.97 -4.18 13.34
C MET A 627 17.14 -4.50 14.57
N PHE A 628 16.43 -5.62 14.53
CA PHE A 628 15.52 -5.95 15.61
C PHE A 628 15.30 -7.46 15.76
N GLU A 629 14.80 -7.84 16.94
CA GLU A 629 14.38 -9.23 17.25
C GLU A 629 12.98 -9.43 16.64
N LYS A 630 12.93 -10.11 15.49
CA LYS A 630 11.66 -10.39 14.81
C LYS A 630 11.07 -11.71 15.38
N PHE A 631 10.71 -11.62 16.66
CA PHE A 631 10.06 -12.62 17.46
C PHE A 631 9.78 -12.00 18.81
N ASP A 632 9.03 -12.74 19.63
CA ASP A 632 8.74 -12.36 21.02
C ASP A 632 9.77 -13.05 21.90
N SER A 633 10.73 -12.26 22.38
CA SER A 633 11.87 -12.81 23.16
C SER A 633 11.64 -12.93 24.66
N TRP A 634 10.43 -12.58 25.10
CA TRP A 634 9.92 -12.85 26.44
C TRP A 634 9.17 -14.20 26.57
N SER A 635 8.30 -14.47 25.60
CA SER A 635 7.45 -15.65 25.53
C SER A 635 8.23 -16.98 25.65
N ARG A 636 7.76 -17.84 26.52
CA ARG A 636 8.34 -19.18 26.67
C ARG A 636 8.09 -20.08 25.45
N ASN A 637 7.20 -19.68 24.54
CA ASN A 637 6.96 -20.42 23.31
C ASN A 637 7.93 -20.10 22.16
N GLU A 638 8.75 -19.05 22.27
CA GLU A 638 9.57 -18.58 21.17
C GLU A 638 11.07 -18.54 21.52
N LEU A 639 11.44 -19.29 22.55
CA LEU A 639 12.82 -19.44 22.97
C LEU A 639 13.63 -20.25 21.95
N HIS A 640 14.90 -19.97 21.83
CA HIS A 640 15.85 -20.83 21.10
C HIS A 640 15.50 -21.02 19.61
N MET A 641 15.31 -19.91 18.91
CA MET A 641 15.04 -19.98 17.48
C MET A 641 16.18 -19.37 16.70
N LYS A 642 16.48 -19.98 15.56
CA LYS A 642 17.57 -19.53 14.67
C LYS A 642 17.14 -18.47 13.65
N ASN A 643 18.01 -17.49 13.42
CA ASN A 643 17.95 -16.55 12.30
C ASN A 643 16.72 -15.61 12.32
N VAL A 644 16.62 -14.93 13.44
CA VAL A 644 15.43 -14.14 13.74
C VAL A 644 15.75 -12.69 14.07
N VAL A 645 16.94 -12.22 13.67
CA VAL A 645 17.35 -10.84 14.00
C VAL A 645 17.77 -10.11 12.72
N PRO A 646 16.78 -9.64 11.95
CA PRO A 646 17.10 -9.06 10.65
C PRO A 646 17.49 -7.55 10.69
N TYR A 647 18.15 -7.10 9.60
CA TYR A 647 18.52 -5.72 9.37
C TYR A 647 17.69 -5.24 8.19
N ILE A 648 17.06 -4.07 8.33
CA ILE A 648 16.35 -3.43 7.21
C ILE A 648 16.55 -1.92 7.19
N THR A 649 16.38 -1.32 6.02
CA THR A 649 16.58 0.12 5.84
C THR A 649 15.31 0.81 5.44
N PHE A 650 15.15 2.06 5.83
CA PHE A 650 14.00 2.85 5.46
C PHE A 650 14.42 4.21 4.97
N LYS A 651 13.76 4.71 3.93
CA LYS A 651 13.79 6.13 3.58
C LYS A 651 12.83 6.83 4.50
N ILE A 652 13.04 8.12 4.71
CA ILE A 652 12.08 8.91 5.51
C ILE A 652 10.68 8.83 4.93
N GLU A 653 10.53 8.86 3.61
CA GLU A 653 9.20 8.73 3.02
C GLU A 653 8.48 7.40 3.38
N ASP A 654 9.23 6.30 3.60
CA ASP A 654 8.64 5.04 4.06
C ASP A 654 8.07 5.19 5.49
N LEU A 655 8.67 6.07 6.29
CA LEU A 655 8.27 6.25 7.68
C LEU A 655 7.18 7.31 7.85
N LYS A 656 7.13 8.34 7.00
CA LYS A 656 6.15 9.45 7.12
C LYS A 656 4.74 8.99 6.76
N LYS A 657 4.09 8.23 7.66
CA LYS A 657 2.78 7.64 7.41
C LYS A 657 1.87 7.90 8.60
N ASN A 658 0.56 7.68 8.39
CA ASN A 658 -0.44 7.70 9.47
C ASN A 658 -0.48 9.05 10.20
N LEU A 659 -0.40 10.13 9.43
CA LEU A 659 -0.43 11.53 9.95
C LEU A 659 -1.29 11.80 11.20
N GLU B 1 -40.73 11.81 8.94
CA GLU B 1 -39.54 11.58 9.81
C GLU B 1 -39.32 10.10 10.17
N THR B 2 -40.38 9.39 10.59
CA THR B 2 -40.28 7.95 10.93
C THR B 2 -41.17 7.02 10.04
N PRO B 3 -40.62 5.86 9.61
CA PRO B 3 -41.31 4.99 8.67
C PRO B 3 -42.59 4.36 9.23
N VAL B 4 -43.59 4.12 8.38
CA VAL B 4 -44.76 3.30 8.76
C VAL B 4 -44.40 1.82 8.81
N LEU B 5 -43.37 1.41 8.08
CA LEU B 5 -42.82 0.07 8.24
C LEU B 5 -41.36 0.03 7.83
N GLU B 6 -40.56 -0.66 8.62
CA GLU B 6 -39.16 -0.90 8.32
C GLU B 6 -38.87 -2.41 8.45
N LYS B 7 -38.23 -3.00 7.44
CA LYS B 7 -37.81 -4.41 7.53
C LYS B 7 -36.35 -4.55 7.16
N ASN B 8 -35.73 -5.61 7.67
CA ASN B 8 -34.29 -5.85 7.58
C ASN B 8 -33.98 -7.25 7.10
N ASN B 9 -32.93 -7.39 6.30
N ASN B 9 -32.95 -7.42 6.29
CA ASN B 9 -32.32 -8.68 5.90
CA ASN B 9 -32.39 -8.74 5.98
C ASN B 9 -33.33 -9.72 5.42
C ASN B 9 -33.39 -9.73 5.46
N VAL B 10 -34.12 -9.35 4.42
CA VAL B 10 -35.13 -10.22 3.82
C VAL B 10 -34.53 -10.76 2.53
N THR B 11 -34.15 -12.03 2.52
CA THR B 11 -33.55 -12.70 1.36
C THR B 11 -34.66 -13.41 0.58
N LEU B 12 -34.70 -13.17 -0.74
CA LEU B 12 -35.79 -13.64 -1.60
C LEU B 12 -35.23 -14.29 -2.85
N THR B 13 -35.99 -15.22 -3.39
CA THR B 13 -35.58 -15.98 -4.55
C THR B 13 -36.77 -16.02 -5.55
N GLY B 14 -37.39 -14.86 -5.75
CA GLY B 14 -38.46 -14.71 -6.74
C GLY B 14 -39.88 -14.84 -6.21
N GLY B 15 -40.02 -15.28 -4.95
CA GLY B 15 -41.33 -15.54 -4.33
C GLY B 15 -42.04 -14.33 -3.70
N GLY B 16 -41.26 -13.32 -3.29
CA GLY B 16 -41.81 -12.17 -2.56
C GLY B 16 -42.16 -12.46 -1.11
N GLU B 17 -42.60 -11.42 -0.39
CA GLU B 17 -43.10 -11.57 0.98
C GLU B 17 -44.27 -10.63 1.19
N ASN B 18 -45.36 -11.20 1.65
CA ASN B 18 -46.56 -10.43 1.91
C ASN B 18 -46.37 -9.59 3.17
N VAL B 19 -46.58 -8.28 3.04
CA VAL B 19 -46.57 -7.38 4.20
C VAL B 19 -47.87 -6.55 4.29
N THR B 20 -48.96 -7.14 3.80
CA THR B 20 -50.26 -6.49 3.71
C THR B 20 -50.79 -6.05 5.05
N LYS B 21 -50.70 -6.97 6.00
CA LYS B 21 -51.14 -6.72 7.37
C LYS B 21 -50.36 -5.57 8.03
N GLU B 22 -49.09 -5.40 7.67
CA GLU B 22 -48.26 -4.33 8.23
C GLU B 22 -48.52 -2.95 7.55
N LEU B 23 -48.96 -2.94 6.30
CA LEU B 23 -49.09 -1.68 5.58
C LEU B 23 -50.53 -1.22 5.33
N LYS B 24 -51.51 -2.12 5.46
CA LYS B 24 -52.87 -1.83 5.11
C LYS B 24 -53.32 -0.57 5.85
N ASP B 25 -53.95 0.32 5.11
CA ASP B 25 -54.57 1.51 5.65
C ASP B 25 -53.60 2.50 6.30
N LYS B 26 -52.30 2.38 6.07
CA LYS B 26 -51.32 3.27 6.70
C LYS B 26 -51.06 4.58 5.92
N PHE B 27 -51.38 4.63 4.63
CA PHE B 27 -51.03 5.77 3.77
C PHE B 27 -52.20 6.74 3.78
N THR B 28 -52.27 7.49 4.89
CA THR B 28 -53.35 8.43 5.19
C THR B 28 -53.52 9.48 4.10
N SER B 29 -52.48 10.23 3.78
CA SER B 29 -52.56 11.24 2.73
C SER B 29 -52.56 10.60 1.32
N GLY B 30 -51.93 9.43 1.17
CA GLY B 30 -51.75 8.80 -0.14
C GLY B 30 -50.37 9.03 -0.73
N ASP B 31 -49.66 10.08 -0.31
CA ASP B 31 -48.25 10.26 -0.67
C ASP B 31 -47.40 9.13 -0.11
N PHE B 32 -46.22 8.97 -0.67
CA PHE B 32 -45.29 7.98 -0.16
C PHE B 32 -43.84 8.26 -0.52
N THR B 33 -42.96 7.69 0.30
CA THR B 33 -41.56 7.58 0.04
C THR B 33 -41.17 6.18 0.45
N VAL B 34 -40.43 5.49 -0.40
CA VAL B 34 -39.94 4.14 -0.08
C VAL B 34 -38.46 4.13 -0.37
N VAL B 35 -37.66 3.78 0.63
CA VAL B 35 -36.21 3.75 0.54
C VAL B 35 -35.77 2.29 0.70
N ILE B 36 -35.02 1.78 -0.28
CA ILE B 36 -34.67 0.35 -0.35
C ILE B 36 -33.17 0.18 -0.52
N LYS B 37 -32.52 -0.41 0.49
CA LYS B 37 -31.14 -0.84 0.39
C LYS B 37 -31.16 -2.32 0.08
N TYR B 38 -30.53 -2.69 -1.03
CA TYR B 38 -30.63 -4.03 -1.57
C TYR B 38 -29.37 -4.45 -2.31
N ASN B 39 -29.28 -5.76 -2.54
CA ASN B 39 -28.39 -6.29 -3.57
C ASN B 39 -29.04 -7.42 -4.40
N GLN B 40 -28.75 -7.51 -5.69
CA GLN B 40 -29.29 -8.57 -6.57
C GLN B 40 -28.39 -9.83 -6.61
N SER B 41 -28.96 -11.01 -6.41
CA SER B 41 -28.23 -12.29 -6.63
C SER B 41 -28.28 -12.69 -8.10
N SER B 42 -29.30 -12.21 -8.82
CA SER B 42 -29.39 -12.33 -10.27
C SER B 42 -30.05 -11.10 -10.86
N GLU B 43 -29.48 -10.62 -11.96
CA GLU B 43 -29.87 -9.40 -12.67
C GLU B 43 -30.95 -9.59 -13.76
N LYS B 44 -31.27 -10.85 -14.11
CA LYS B 44 -32.11 -11.20 -15.27
C LYS B 44 -33.55 -10.80 -15.07
N GLY B 45 -34.21 -10.38 -16.14
CA GLY B 45 -35.61 -10.02 -16.07
C GLY B 45 -35.90 -8.72 -15.35
N LEU B 46 -37.10 -8.21 -15.57
CA LEU B 46 -37.63 -7.05 -14.88
C LEU B 46 -37.99 -7.49 -13.44
N GLN B 47 -37.43 -6.81 -12.44
CA GLN B 47 -37.62 -7.19 -11.04
C GLN B 47 -38.13 -6.02 -10.22
N ALA B 48 -39.20 -6.24 -9.45
CA ALA B 48 -39.76 -5.25 -8.56
C ALA B 48 -39.22 -5.39 -7.15
N LEU B 49 -38.84 -4.26 -6.56
CA LEU B 49 -38.38 -4.27 -5.16
C LEU B 49 -39.55 -4.31 -4.18
N PHE B 50 -40.68 -3.75 -4.59
CA PHE B 50 -41.90 -3.82 -3.81
C PHE B 50 -43.07 -3.58 -4.76
N GLY B 51 -44.27 -3.98 -4.32
CA GLY B 51 -45.48 -3.80 -5.10
C GLY B 51 -46.64 -3.53 -4.15
N ILE B 52 -47.42 -2.51 -4.49
CA ILE B 52 -48.64 -2.18 -3.76
C ILE B 52 -49.76 -2.24 -4.79
N SER B 53 -50.68 -3.19 -4.65
CA SER B 53 -51.63 -3.50 -5.71
C SER B 53 -53.04 -3.79 -5.22
N ASN B 54 -53.96 -3.74 -6.18
CA ASN B 54 -55.22 -4.45 -6.15
C ASN B 54 -54.92 -5.82 -6.76
N SER B 55 -54.89 -6.86 -5.93
CA SER B 55 -54.53 -8.22 -6.37
C SER B 55 -55.68 -9.05 -6.98
N LYS B 56 -56.88 -8.46 -7.06
CA LYS B 56 -58.09 -9.19 -7.51
C LYS B 56 -58.10 -9.41 -9.04
N PRO B 57 -58.66 -10.55 -9.52
CA PRO B 57 -58.81 -10.77 -10.97
C PRO B 57 -59.38 -9.53 -11.66
N GLY B 58 -58.80 -9.16 -12.78
CA GLY B 58 -59.27 -7.98 -13.53
C GLY B 58 -58.72 -6.61 -13.09
N GLN B 59 -57.92 -6.59 -12.01
CA GLN B 59 -57.36 -5.32 -11.51
C GLN B 59 -55.82 -5.27 -11.62
N GLN B 60 -55.25 -6.10 -12.50
CA GLN B 60 -53.82 -6.20 -12.71
C GLN B 60 -53.09 -4.94 -13.25
N ASN B 61 -53.84 -3.91 -13.68
CA ASN B 61 -53.27 -2.58 -13.98
C ASN B 61 -53.54 -1.54 -12.89
N SER B 62 -53.75 -2.03 -11.66
CA SER B 62 -53.86 -1.17 -10.49
C SER B 62 -52.75 -1.50 -9.50
N TYR B 63 -51.60 -0.85 -9.68
CA TYR B 63 -50.46 -0.97 -8.77
C TYR B 63 -49.48 0.20 -8.82
N VAL B 64 -48.72 0.30 -7.74
CA VAL B 64 -47.49 1.08 -7.66
C VAL B 64 -46.29 0.11 -7.46
N ASP B 65 -45.20 0.33 -8.18
CA ASP B 65 -43.94 -0.44 -7.94
C ASP B 65 -42.69 0.39 -8.31
N VAL B 66 -41.54 -0.12 -7.88
CA VAL B 66 -40.21 0.32 -8.29
C VAL B 66 -39.48 -0.92 -8.81
N PHE B 67 -38.81 -0.77 -9.96
CA PHE B 67 -38.22 -1.92 -10.64
C PHE B 67 -36.85 -1.65 -11.19
N LEU B 68 -36.16 -2.77 -11.43
CA LEU B 68 -34.80 -2.84 -11.93
C LEU B 68 -34.74 -3.70 -13.19
N ARG B 69 -34.05 -3.24 -14.24
CA ARG B 69 -33.80 -4.03 -15.46
C ARG B 69 -32.37 -4.53 -15.46
N ASP B 70 -32.07 -5.44 -16.36
CA ASP B 70 -30.73 -6.08 -16.42
C ASP B 70 -29.64 -5.18 -17.02
N ASN B 71 -30.01 -3.93 -17.36
CA ASN B 71 -29.06 -2.95 -17.86
C ASN B 71 -28.76 -1.81 -16.90
N GLY B 72 -29.18 -1.94 -15.65
CA GLY B 72 -29.00 -0.88 -14.64
C GLY B 72 -30.10 0.18 -14.59
N GLU B 73 -31.11 0.08 -15.44
CA GLU B 73 -32.20 1.06 -15.45
C GLU B 73 -33.04 0.87 -14.15
N LEU B 74 -33.36 1.98 -13.52
CA LEU B 74 -34.27 2.04 -12.40
C LEU B 74 -35.53 2.74 -12.85
N GLY B 75 -36.69 2.16 -12.56
CA GLY B 75 -37.96 2.86 -12.81
C GLY B 75 -39.05 2.62 -11.79
N MET B 76 -40.18 3.32 -11.98
CA MET B 76 -41.37 3.11 -11.15
C MET B 76 -42.61 3.14 -12.03
N GLU B 77 -43.66 2.44 -11.60
CA GLU B 77 -44.97 2.55 -12.24
C GLU B 77 -46.02 2.97 -11.21
N ALA B 78 -47.04 3.68 -11.68
CA ALA B 78 -48.20 4.01 -10.88
C ALA B 78 -49.39 4.02 -11.82
N ARG B 79 -50.28 3.03 -11.63
CA ARG B 79 -51.32 2.66 -12.60
C ARG B 79 -52.65 2.44 -11.90
N ASP B 80 -53.75 2.88 -12.53
CA ASP B 80 -55.12 2.62 -12.06
C ASP B 80 -55.91 2.03 -13.22
N THR B 81 -56.45 0.83 -13.03
CA THR B 81 -57.14 0.13 -14.11
C THR B 81 -58.36 0.90 -14.63
N SER B 82 -59.21 1.39 -13.74
CA SER B 82 -60.51 1.96 -14.14
C SER B 82 -60.39 3.31 -14.85
N SER B 83 -59.53 4.22 -14.36
CA SER B 83 -59.35 5.52 -15.02
C SER B 83 -58.38 5.44 -16.23
N ASN B 84 -57.81 4.25 -16.47
CA ASN B 84 -56.72 4.02 -17.47
C ASN B 84 -55.58 5.06 -17.46
N LYS B 85 -55.13 5.38 -16.26
CA LYS B 85 -53.96 6.21 -16.06
C LYS B 85 -52.79 5.26 -15.84
N ASN B 86 -51.75 5.43 -16.65
CA ASN B 86 -50.55 4.58 -16.58
C ASN B 86 -49.31 5.47 -16.60
N ASN B 87 -48.73 5.69 -15.42
CA ASN B 87 -47.54 6.49 -15.28
C ASN B 87 -46.30 5.57 -15.17
N LEU B 88 -45.26 5.92 -15.93
CA LEU B 88 -43.97 5.23 -15.92
C LEU B 88 -42.88 6.31 -15.96
N VAL B 89 -42.03 6.30 -14.93
CA VAL B 89 -40.95 7.24 -14.76
C VAL B 89 -39.66 6.42 -14.49
N SER B 90 -38.57 6.78 -15.16
CA SER B 90 -37.31 6.01 -15.09
C SER B 90 -36.10 6.75 -15.66
N ARG B 91 -34.90 6.19 -15.41
CA ARG B 91 -33.69 6.56 -16.09
C ARG B 91 -32.74 5.39 -16.26
N PRO B 92 -32.15 5.23 -17.47
CA PRO B 92 -31.13 4.19 -17.64
C PRO B 92 -29.96 4.38 -16.72
N ALA B 93 -29.18 3.30 -16.55
CA ALA B 93 -27.85 3.36 -15.95
C ALA B 93 -27.84 4.03 -14.58
N SER B 94 -28.81 3.64 -13.74
CA SER B 94 -29.03 4.27 -12.43
C SER B 94 -28.38 3.49 -11.31
N VAL B 95 -28.26 2.17 -11.45
CA VAL B 95 -27.71 1.31 -10.40
C VAL B 95 -26.55 0.51 -10.92
N TRP B 96 -25.86 -0.15 -9.99
CA TRP B 96 -24.77 -1.04 -10.28
C TRP B 96 -25.18 -2.49 -9.98
N GLY B 97 -24.61 -3.40 -10.75
CA GLY B 97 -24.98 -4.81 -10.65
C GLY B 97 -24.02 -5.56 -9.77
N LYS B 98 -22.85 -5.87 -10.31
CA LYS B 98 -21.76 -6.53 -9.56
C LYS B 98 -20.43 -5.76 -9.69
N TYR B 99 -19.56 -5.99 -8.71
CA TYR B 99 -18.26 -5.33 -8.57
C TYR B 99 -17.28 -6.36 -7.97
N LYS B 100 -16.18 -6.60 -8.67
CA LYS B 100 -15.20 -7.58 -8.26
C LYS B 100 -15.85 -8.89 -7.79
N GLN B 101 -16.65 -9.52 -8.65
CA GLN B 101 -17.29 -10.83 -8.37
C GLN B 101 -18.44 -10.82 -7.33
N GLU B 102 -18.83 -9.68 -6.76
CA GLU B 102 -19.85 -9.66 -5.69
C GLU B 102 -20.96 -8.67 -5.96
N ALA B 103 -22.13 -9.03 -5.50
CA ALA B 103 -23.31 -8.21 -5.67
C ALA B 103 -23.08 -6.84 -5.03
N VAL B 104 -23.38 -5.78 -5.75
CA VAL B 104 -23.26 -4.45 -5.19
C VAL B 104 -24.52 -4.10 -4.40
N THR B 105 -24.30 -3.55 -3.21
CA THR B 105 -25.37 -3.01 -2.40
C THR B 105 -25.72 -1.62 -2.97
N ASN B 106 -26.93 -1.44 -3.50
CA ASN B 106 -27.40 -0.08 -3.85
C ASN B 106 -28.43 0.39 -2.85
N THR B 107 -28.71 1.68 -2.88
CA THR B 107 -29.82 2.24 -2.11
C THR B 107 -30.60 3.13 -3.06
N VAL B 108 -31.88 2.81 -3.27
CA VAL B 108 -32.72 3.55 -4.20
C VAL B 108 -33.95 4.05 -3.48
N ALA B 109 -34.70 4.92 -4.11
CA ALA B 109 -35.88 5.48 -3.45
C ALA B 109 -36.83 6.06 -4.41
N VAL B 110 -38.10 6.12 -3.99
CA VAL B 110 -39.15 6.73 -4.80
C VAL B 110 -39.90 7.70 -3.90
N VAL B 111 -40.23 8.87 -4.43
CA VAL B 111 -41.05 9.87 -3.71
C VAL B 111 -42.22 10.27 -4.58
N ALA B 112 -43.45 10.14 -4.07
CA ALA B 112 -44.65 10.58 -4.77
C ALA B 112 -45.22 11.75 -4.00
N ASP B 113 -45.30 12.91 -4.66
CA ASP B 113 -45.76 14.16 -4.03
C ASP B 113 -47.02 14.68 -4.72
N SER B 114 -48.15 14.60 -4.03
CA SER B 114 -49.48 14.97 -4.58
C SER B 114 -49.67 16.45 -4.87
N VAL B 115 -49.14 17.32 -4.01
CA VAL B 115 -49.24 18.75 -4.22
C VAL B 115 -48.48 19.17 -5.50
N LYS B 116 -47.29 18.59 -5.71
CA LYS B 116 -46.50 18.89 -6.92
C LYS B 116 -46.87 18.04 -8.14
N LYS B 117 -47.65 16.99 -7.93
CA LYS B 117 -47.91 15.95 -8.94
C LYS B 117 -46.63 15.33 -9.55
N THR B 118 -45.58 15.16 -8.74
CA THR B 118 -44.31 14.59 -9.24
C THR B 118 -43.98 13.21 -8.67
N TYR B 119 -43.30 12.39 -9.47
CA TYR B 119 -42.63 11.20 -9.04
C TYR B 119 -41.13 11.47 -9.17
N SER B 120 -40.36 11.15 -8.14
CA SER B 120 -38.94 11.32 -8.12
C SER B 120 -38.28 9.96 -7.82
N LEU B 121 -37.16 9.67 -8.45
CA LEU B 121 -36.38 8.47 -8.20
C LEU B 121 -34.95 8.85 -7.86
N TYR B 122 -34.41 8.14 -6.86
CA TYR B 122 -33.07 8.32 -6.33
C TYR B 122 -32.30 6.99 -6.39
N ALA B 123 -31.01 7.08 -6.70
CA ALA B 123 -30.07 5.95 -6.65
C ALA B 123 -28.72 6.43 -6.16
N ASN B 124 -28.27 5.82 -5.08
CA ASN B 124 -26.93 6.05 -4.51
C ASN B 124 -26.53 7.52 -4.36
N GLY B 125 -27.47 8.34 -3.92
CA GLY B 125 -27.18 9.70 -3.55
C GLY B 125 -27.62 10.71 -4.59
N THR B 126 -27.98 10.22 -5.79
CA THR B 126 -28.37 11.03 -6.92
C THR B 126 -29.86 10.95 -7.14
N LYS B 127 -30.51 12.11 -7.29
CA LYS B 127 -31.87 12.16 -7.80
C LYS B 127 -31.75 11.96 -9.31
N VAL B 128 -32.02 10.73 -9.78
CA VAL B 128 -31.80 10.39 -11.19
C VAL B 128 -32.91 10.89 -12.11
N VAL B 129 -34.12 11.08 -11.58
CA VAL B 129 -35.22 11.72 -12.31
C VAL B 129 -36.33 12.30 -11.39
N GLU B 130 -36.91 13.40 -11.81
CA GLU B 130 -38.13 13.94 -11.19
C GLU B 130 -38.97 14.42 -12.34
N LYS B 131 -40.19 13.92 -12.42
CA LYS B 131 -41.08 14.13 -13.54
C LYS B 131 -42.48 14.55 -13.03
N LYS B 132 -42.98 15.70 -13.47
CA LYS B 132 -44.40 16.07 -13.30
C LYS B 132 -45.25 15.32 -14.35
N VAL B 133 -46.36 14.70 -13.92
CA VAL B 133 -47.29 14.03 -14.86
C VAL B 133 -48.71 14.53 -14.64
N ASP B 134 -49.45 14.73 -15.73
CA ASP B 134 -50.83 15.21 -15.67
C ASP B 134 -51.75 14.17 -15.00
N ASN B 135 -51.60 12.90 -15.41
CA ASN B 135 -52.39 11.78 -14.84
C ASN B 135 -51.80 11.18 -13.56
N PHE B 136 -51.47 12.03 -12.60
CA PHE B 136 -50.79 11.62 -11.37
C PHE B 136 -51.68 10.76 -10.50
N LEU B 137 -51.08 9.68 -9.97
CA LEU B 137 -51.76 8.77 -9.02
C LEU B 137 -50.99 8.61 -7.71
N ASN B 138 -51.66 8.82 -6.58
CA ASN B 138 -51.14 8.43 -5.26
C ASN B 138 -51.83 7.14 -4.86
N ILE B 139 -51.52 6.61 -3.68
CA ILE B 139 -52.01 5.28 -3.31
C ILE B 139 -53.52 5.26 -3.08
N LYS B 140 -54.07 6.34 -2.54
CA LYS B 140 -55.53 6.48 -2.43
C LYS B 140 -56.26 6.65 -3.76
N ASP B 141 -55.58 7.17 -4.78
CA ASP B 141 -56.20 7.34 -6.13
C ASP B 141 -56.36 6.00 -6.89
N ILE B 142 -55.63 4.98 -6.47
CA ILE B 142 -55.73 3.66 -7.09
C ILE B 142 -56.76 2.82 -6.32
N LYS B 143 -57.79 2.34 -7.02
CA LYS B 143 -58.90 1.63 -6.41
C LYS B 143 -58.80 0.07 -6.50
N GLY B 144 -59.25 -0.75 -5.57
CA GLY B 144 -59.02 -0.73 -4.14
C GLY B 144 -57.73 -1.58 -3.90
N ILE B 145 -56.70 -0.86 -3.51
CA ILE B 145 -55.46 -1.46 -3.12
C ILE B 145 -55.76 -2.42 -1.97
N ASP B 146 -55.28 -3.65 -2.09
CA ASP B 146 -55.47 -4.65 -1.04
C ASP B 146 -54.29 -5.59 -0.77
N TYR B 147 -53.16 -5.42 -1.47
CA TYR B 147 -52.00 -6.28 -1.31
C TYR B 147 -50.73 -5.44 -1.34
N TYR B 148 -49.92 -5.57 -0.29
CA TYR B 148 -48.67 -4.87 -0.19
C TYR B 148 -47.60 -5.92 -0.08
N MET B 149 -46.66 -5.99 -1.04
CA MET B 149 -45.58 -6.97 -0.96
C MET B 149 -44.14 -6.50 -1.23
N LEU B 150 -43.20 -7.29 -0.71
CA LEU B 150 -41.80 -7.13 -0.95
C LEU B 150 -41.39 -8.05 -2.06
N GLY B 151 -40.58 -7.53 -3.00
CA GLY B 151 -39.93 -8.36 -4.00
C GLY B 151 -40.82 -8.86 -5.12
N GLY B 152 -41.91 -8.14 -5.40
CA GLY B 152 -42.76 -8.45 -6.52
C GLY B 152 -44.03 -7.59 -6.49
N VAL B 153 -44.92 -7.84 -7.46
CA VAL B 153 -46.22 -7.19 -7.54
C VAL B 153 -47.30 -8.28 -7.67
N LYS B 154 -48.26 -8.28 -6.75
CA LYS B 154 -49.37 -9.23 -6.79
C LYS B 154 -50.42 -8.74 -7.81
N ARG B 155 -50.53 -9.47 -8.91
CA ARG B 155 -51.42 -9.12 -10.03
C ARG B 155 -52.29 -10.34 -10.31
N ALA B 156 -53.60 -10.16 -10.23
CA ALA B 156 -54.58 -11.24 -10.36
C ALA B 156 -54.14 -12.51 -9.63
N GLY B 157 -53.86 -12.39 -8.34
CA GLY B 157 -53.47 -13.54 -7.52
C GLY B 157 -52.12 -14.23 -7.76
N LYS B 158 -51.28 -13.69 -8.67
CA LYS B 158 -49.93 -14.24 -8.91
C LYS B 158 -48.85 -13.17 -8.77
N THR B 159 -47.67 -13.59 -8.32
CA THR B 159 -46.55 -12.70 -8.09
C THR B 159 -45.86 -12.41 -9.43
N ALA B 160 -45.76 -11.14 -9.77
CA ALA B 160 -45.12 -10.67 -11.01
C ALA B 160 -43.84 -9.95 -10.64
N PHE B 161 -42.90 -9.93 -11.59
CA PHE B 161 -41.64 -9.22 -11.47
C PHE B 161 -40.85 -9.66 -10.24
N GLY B 162 -40.73 -10.97 -10.03
CA GLY B 162 -40.04 -11.50 -8.87
C GLY B 162 -38.59 -11.04 -8.68
N PHE B 163 -38.32 -10.39 -7.55
CA PHE B 163 -36.98 -9.96 -7.16
C PHE B 163 -36.12 -11.14 -6.71
N ASN B 164 -34.90 -11.22 -7.22
CA ASN B 164 -33.88 -12.17 -6.70
C ASN B 164 -32.72 -11.46 -6.02
N GLY B 165 -32.68 -11.51 -4.68
CA GLY B 165 -31.62 -10.84 -3.93
C GLY B 165 -31.97 -10.67 -2.46
N THR B 166 -31.31 -9.73 -1.79
CA THR B 166 -31.59 -9.44 -0.40
C THR B 166 -32.02 -7.97 -0.29
N LEU B 167 -33.15 -7.73 0.35
CA LEU B 167 -33.51 -6.41 0.80
C LEU B 167 -32.87 -6.22 2.18
N GLU B 168 -31.72 -5.55 2.23
CA GLU B 168 -31.00 -5.35 3.47
C GLU B 168 -31.78 -4.47 4.43
N ASN B 169 -32.44 -3.44 3.88
CA ASN B 169 -33.27 -2.54 4.68
C ASN B 169 -34.27 -1.88 3.73
N ILE B 170 -35.54 -1.90 4.11
CA ILE B 170 -36.55 -1.23 3.36
C ILE B 170 -37.41 -0.44 4.32
N LYS B 171 -37.66 0.82 3.97
CA LYS B 171 -38.47 1.72 4.77
C LYS B 171 -39.60 2.33 3.93
N PHE B 172 -40.82 2.29 4.44
CA PHE B 172 -41.97 2.90 3.81
C PHE B 172 -42.36 4.10 4.65
N PHE B 173 -42.54 5.26 4.02
CA PHE B 173 -43.06 6.45 4.70
C PHE B 173 -44.37 6.87 4.08
N ASN B 174 -45.31 7.34 4.87
CA ASN B 174 -46.60 7.88 4.33
C ASN B 174 -46.57 9.38 4.05
N SER B 175 -45.43 9.91 3.67
CA SER B 175 -45.37 11.27 3.18
C SER B 175 -44.23 11.40 2.17
N ALA B 176 -44.22 12.53 1.49
CA ALA B 176 -43.20 12.85 0.50
C ALA B 176 -42.02 13.51 1.21
N LEU B 177 -40.93 12.75 1.41
CA LEU B 177 -39.75 13.27 2.09
C LEU B 177 -39.03 14.27 1.16
N ASP B 178 -38.32 15.25 1.73
CA ASP B 178 -37.63 16.30 0.94
C ASP B 178 -36.31 15.77 0.33
N GLU B 179 -35.91 16.43 -0.75
CA GLU B 179 -34.82 15.97 -1.60
C GLU B 179 -33.50 15.76 -0.87
N GLU B 180 -33.14 16.69 0.02
CA GLU B 180 -31.87 16.55 0.74
C GLU B 180 -31.87 15.35 1.63
N THR B 181 -33.00 15.13 2.31
CA THR B 181 -33.14 13.96 3.18
C THR B 181 -32.94 12.68 2.40
N VAL B 182 -33.56 12.58 1.23
CA VAL B 182 -33.53 11.32 0.49
C VAL B 182 -32.17 11.07 -0.16
N LYS B 183 -31.54 12.16 -0.62
CA LYS B 183 -30.17 12.09 -1.11
C LYS B 183 -29.27 11.56 -0.02
N LYS B 184 -29.40 12.13 1.18
CA LYS B 184 -28.68 11.66 2.37
C LYS B 184 -28.95 10.15 2.63
N MET B 185 -30.21 9.78 2.64
CA MET B 185 -30.57 8.40 2.97
C MET B 185 -30.06 7.39 1.96
N THR B 186 -29.95 7.80 0.69
CA THR B 186 -29.52 6.89 -0.35
C THR B 186 -28.00 6.86 -0.55
N THR B 187 -27.28 7.72 0.16
CA THR B 187 -25.83 7.85 0.03
C THR B 187 -25.18 6.66 0.68
N ASN B 188 -24.19 6.08 0.02
CA ASN B 188 -23.58 4.84 0.48
C ASN B 188 -22.20 4.68 -0.16
N ALA B 189 -21.60 3.48 -0.16
CA ALA B 189 -20.22 3.29 -0.68
C ALA B 189 -20.13 3.58 -2.17
N VAL B 190 -21.18 3.27 -2.93
CA VAL B 190 -21.20 3.59 -4.36
C VAL B 190 -21.02 5.12 -4.63
N THR B 191 -21.62 5.96 -3.80
CA THR B 191 -21.56 7.40 -3.98
C THR B 191 -20.13 7.93 -4.00
N GLY B 192 -19.30 7.36 -3.14
CA GLY B 192 -17.86 7.68 -3.06
C GLY B 192 -17.00 7.37 -4.27
N HIS B 193 -17.53 6.65 -5.25
CA HIS B 193 -16.83 6.44 -6.52
C HIS B 193 -16.96 7.54 -7.61
N LEU B 194 -17.74 8.57 -7.35
CA LEU B 194 -17.87 9.70 -8.26
C LEU B 194 -16.91 10.79 -7.89
N ILE B 195 -16.03 11.15 -8.82
CA ILE B 195 -15.12 12.26 -8.61
C ILE B 195 -15.80 13.57 -9.01
N TYR B 196 -16.43 13.54 -10.17
CA TYR B 196 -17.16 14.69 -10.68
C TYR B 196 -18.63 14.38 -10.46
N THR B 197 -19.37 15.37 -9.98
CA THR B 197 -20.79 15.23 -9.73
C THR B 197 -21.56 16.46 -10.18
N ALA B 198 -22.83 16.24 -10.45
CA ALA B 198 -23.69 17.27 -10.98
C ALA B 198 -23.75 18.48 -10.05
N ASN B 199 -23.41 19.64 -10.58
CA ASN B 199 -23.42 20.91 -9.83
C ASN B 199 -22.48 20.93 -8.63
N ASP B 200 -21.34 20.24 -8.77
CA ASP B 200 -20.19 20.44 -7.94
C ASP B 200 -19.50 21.81 -8.30
N THR B 201 -18.21 21.95 -8.00
CA THR B 201 -17.45 23.16 -8.26
C THR B 201 -17.19 23.52 -9.75
N THR B 202 -17.56 22.63 -10.69
CA THR B 202 -17.51 22.94 -12.13
C THR B 202 -18.77 23.66 -12.58
N GLY B 203 -19.87 23.54 -11.83
CA GLY B 203 -21.17 24.09 -12.26
C GLY B 203 -21.87 23.31 -13.38
N SER B 204 -21.32 22.16 -13.80
CA SER B 204 -21.92 21.34 -14.87
C SER B 204 -22.77 20.24 -14.27
N ASN B 205 -23.86 19.92 -14.93
CA ASN B 205 -24.64 18.77 -14.54
C ASN B 205 -24.13 17.48 -15.16
N TYR B 206 -23.27 17.57 -16.19
CA TYR B 206 -22.92 16.44 -17.03
C TYR B 206 -21.43 16.39 -17.30
N PHE B 207 -20.96 15.16 -17.53
CA PHE B 207 -19.56 14.87 -17.81
C PHE B 207 -19.40 13.74 -18.82
N ARG B 208 -18.32 13.80 -19.60
CA ARG B 208 -17.90 12.71 -20.48
C ARG B 208 -16.39 12.74 -20.66
N ILE B 209 -15.84 11.68 -21.26
CA ILE B 209 -14.42 11.62 -21.69
C ILE B 209 -13.45 11.77 -20.51
N PRO B 210 -13.44 10.78 -19.60
CA PRO B 210 -12.52 10.89 -18.47
C PRO B 210 -11.11 10.46 -18.90
N VAL B 211 -10.12 11.01 -18.22
CA VAL B 211 -8.70 10.71 -18.41
C VAL B 211 -8.01 10.66 -17.04
N LEU B 212 -7.20 9.64 -16.87
CA LEU B 212 -6.41 9.40 -15.67
C LEU B 212 -4.94 9.32 -16.05
N TYR B 213 -4.11 9.90 -15.18
CA TYR B 213 -2.66 9.84 -15.31
C TYR B 213 -2.02 9.89 -13.90
N THR B 214 -0.99 9.08 -13.71
CA THR B 214 -0.21 9.04 -12.47
C THR B 214 1.15 9.71 -12.73
N PHE B 215 1.45 10.77 -11.99
CA PHE B 215 2.73 11.47 -12.14
C PHE B 215 3.85 10.77 -11.33
N SER B 216 5.11 11.08 -11.65
CA SER B 216 6.27 10.44 -11.00
C SER B 216 6.39 10.75 -9.50
N ASN B 217 5.77 11.83 -9.01
CA ASN B 217 5.72 12.11 -7.54
C ASN B 217 4.59 11.36 -6.75
N GLY B 218 3.89 10.42 -7.38
CA GLY B 218 2.81 9.67 -6.73
C GLY B 218 1.41 10.29 -6.78
N ARG B 219 1.26 11.48 -7.34
CA ARG B 219 -0.06 12.09 -7.47
C ARG B 219 -0.85 11.42 -8.59
N VAL B 220 -2.11 11.09 -8.30
CA VAL B 220 -3.03 10.59 -9.30
C VAL B 220 -3.93 11.73 -9.81
N PHE B 221 -3.87 11.97 -11.12
CA PHE B 221 -4.48 13.12 -11.78
C PHE B 221 -5.59 12.69 -12.74
N SER B 222 -6.70 13.39 -12.68
CA SER B 222 -7.79 13.19 -13.62
C SER B 222 -8.22 14.47 -14.32
N SER B 223 -8.63 14.30 -15.58
CA SER B 223 -9.32 15.33 -16.34
C SER B 223 -10.56 14.75 -17.04
N ILE B 224 -11.45 15.66 -17.45
CA ILE B 224 -12.71 15.26 -18.00
C ILE B 224 -13.42 16.42 -18.73
N ASP B 225 -14.29 16.13 -19.68
CA ASP B 225 -15.19 17.13 -20.22
C ASP B 225 -16.30 17.47 -19.25
N ALA B 226 -16.41 18.74 -18.89
CA ALA B 226 -17.60 19.22 -18.21
C ALA B 226 -18.53 19.70 -19.29
N ARG B 227 -19.58 18.95 -19.59
CA ARG B 227 -20.50 19.29 -20.67
C ARG B 227 -21.77 19.94 -20.08
N TYR B 228 -22.04 21.22 -20.37
CA TYR B 228 -23.08 21.95 -19.63
C TYR B 228 -24.46 21.76 -20.20
N GLY B 229 -24.54 21.74 -21.53
CA GLY B 229 -25.79 21.62 -22.24
C GLY B 229 -26.01 20.18 -22.64
N GLY B 230 -26.23 19.35 -21.65
CA GLY B 230 -26.39 17.90 -21.89
C GLY B 230 -25.05 17.31 -22.28
N THR B 231 -25.03 16.04 -22.66
CA THR B 231 -23.85 15.31 -23.07
C THR B 231 -23.48 15.33 -24.55
N HIS B 232 -24.14 16.17 -25.35
CA HIS B 232 -23.84 16.24 -26.81
C HIS B 232 -22.35 16.50 -27.07
N ASP B 233 -21.72 15.77 -28.02
CA ASP B 233 -20.39 16.15 -28.55
C ASP B 233 -20.48 17.58 -29.09
N PHE B 234 -21.49 17.88 -29.89
CA PHE B 234 -21.71 19.23 -30.39
C PHE B 234 -23.16 19.43 -30.80
N LEU B 235 -23.62 20.68 -30.98
CA LEU B 235 -22.96 21.88 -30.46
C LEU B 235 -23.13 21.86 -28.95
N ASN B 236 -22.20 22.44 -28.21
CA ASN B 236 -22.30 22.42 -26.76
C ASN B 236 -21.42 23.49 -26.16
N LYS B 237 -21.52 23.70 -24.84
CA LYS B 237 -20.53 24.44 -24.08
C LYS B 237 -19.74 23.40 -23.27
N ILE B 238 -18.46 23.25 -23.53
CA ILE B 238 -17.61 22.25 -22.82
C ILE B 238 -16.36 22.93 -22.29
N ASN B 239 -16.08 22.71 -21.00
CA ASN B 239 -14.79 23.02 -20.36
C ASN B 239 -14.02 21.71 -20.05
N ILE B 240 -12.70 21.81 -19.83
CA ILE B 240 -11.96 20.69 -19.26
C ILE B 240 -11.81 20.95 -17.76
N ALA B 241 -12.33 20.04 -16.93
CA ALA B 241 -12.19 20.12 -15.48
C ALA B 241 -11.15 19.11 -15.02
N THR B 242 -10.57 19.37 -13.85
CA THR B 242 -9.54 18.48 -13.27
C THR B 242 -9.76 18.31 -11.77
N SER B 243 -9.18 17.22 -11.29
CA SER B 243 -9.20 16.86 -9.88
C SER B 243 -8.10 15.81 -9.65
N TYR B 244 -7.49 15.82 -8.46
CA TYR B 244 -6.36 14.94 -8.20
C TYR B 244 -6.40 14.37 -6.78
N SER B 245 -5.61 13.31 -6.59
CA SER B 245 -5.57 12.58 -5.33
C SER B 245 -4.12 12.35 -4.93
N ASP B 246 -3.79 12.69 -3.68
CA ASP B 246 -2.45 12.47 -3.15
C ASP B 246 -2.40 11.24 -2.21
N ASP B 247 -3.42 10.39 -2.23
CA ASP B 247 -3.48 9.20 -1.35
C ASP B 247 -3.94 7.97 -2.12
N ASN B 248 -3.34 7.74 -3.29
CA ASN B 248 -3.65 6.55 -4.07
C ASN B 248 -5.09 6.40 -4.56
N GLY B 249 -5.74 7.52 -4.80
CA GLY B 249 -7.10 7.51 -5.29
C GLY B 249 -8.19 7.41 -4.23
N LYS B 250 -7.85 7.47 -2.96
CA LYS B 250 -8.85 7.36 -1.89
C LYS B 250 -9.67 8.64 -1.74
N THR B 251 -9.03 9.81 -1.83
CA THR B 251 -9.74 11.10 -1.78
C THR B 251 -9.25 12.00 -2.89
N TRP B 252 -10.13 12.90 -3.33
CA TRP B 252 -9.91 13.69 -4.50
C TRP B 252 -10.22 15.14 -4.20
N THR B 253 -9.48 16.06 -4.82
CA THR B 253 -9.76 17.47 -4.64
C THR B 253 -11.10 17.84 -5.26
N LYS B 254 -11.70 18.91 -4.74
CA LYS B 254 -12.85 19.55 -5.35
C LYS B 254 -12.45 19.92 -6.79
N PRO B 255 -13.30 19.58 -7.78
CA PRO B 255 -12.92 19.87 -9.16
C PRO B 255 -12.76 21.35 -9.48
N LYS B 256 -11.74 21.65 -10.29
CA LYS B 256 -11.44 22.99 -10.80
C LYS B 256 -11.63 23.03 -12.33
N LEU B 257 -12.07 24.17 -12.85
CA LEU B 257 -12.09 24.44 -14.29
C LEU B 257 -10.68 24.82 -14.71
N THR B 258 -10.08 24.02 -15.56
CA THR B 258 -8.71 24.22 -15.97
C THR B 258 -8.64 24.83 -17.39
N LEU B 259 -9.50 24.40 -18.32
CA LEU B 259 -9.59 25.00 -19.66
C LEU B 259 -11.02 25.39 -19.87
N ALA B 260 -11.29 26.68 -19.97
CA ALA B 260 -12.65 27.17 -19.93
C ALA B 260 -12.76 28.52 -20.61
N PHE B 261 -13.80 28.71 -21.40
CA PHE B 261 -14.10 29.98 -21.96
C PHE B 261 -15.22 30.57 -21.12
N ASP B 262 -15.45 31.86 -21.17
CA ASP B 262 -16.49 32.45 -20.33
C ASP B 262 -17.49 33.29 -21.11
N ASP B 263 -17.65 33.00 -22.40
CA ASP B 263 -18.71 33.62 -23.22
C ASP B 263 -20.09 33.20 -22.76
N PHE B 264 -20.16 31.96 -22.24
CA PHE B 264 -21.37 31.40 -21.61
C PHE B 264 -21.01 31.04 -20.20
N ALA B 265 -21.96 31.29 -19.29
CA ALA B 265 -21.79 30.99 -17.89
C ALA B 265 -21.78 29.45 -17.68
N PRO B 266 -20.88 28.95 -16.82
CA PRO B 266 -20.85 27.49 -16.47
C PRO B 266 -21.89 27.14 -15.38
N VAL B 267 -23.13 26.88 -15.80
CA VAL B 267 -24.24 26.76 -14.86
C VAL B 267 -24.93 25.41 -15.02
N PRO B 268 -25.56 24.92 -13.92
CA PRO B 268 -26.27 23.66 -14.01
C PRO B 268 -27.54 23.85 -14.83
N LEU B 269 -27.68 23.07 -15.89
CA LEU B 269 -28.79 23.17 -16.82
C LEU B 269 -29.53 21.85 -16.80
N GLU B 270 -30.86 21.95 -16.74
CA GLU B 270 -31.75 20.79 -16.79
C GLU B 270 -32.07 20.40 -18.23
N TRP B 271 -31.22 19.56 -18.82
CA TRP B 271 -31.39 19.29 -20.25
C TRP B 271 -32.53 18.31 -20.41
N PRO B 272 -33.48 18.61 -21.33
CA PRO B 272 -34.61 17.70 -21.45
C PRO B 272 -34.19 16.35 -22.02
N ARG B 273 -34.87 15.30 -21.58
CA ARG B 273 -34.59 13.92 -22.06
C ARG B 273 -35.70 13.28 -22.90
N GLU B 274 -36.79 14.02 -23.17
CA GLU B 274 -37.85 13.54 -24.05
C GLU B 274 -37.34 13.41 -25.47
N VAL B 275 -38.01 12.53 -26.22
CA VAL B 275 -37.83 12.46 -27.66
C VAL B 275 -38.08 13.91 -28.11
N GLY B 276 -37.30 14.44 -29.05
CA GLY B 276 -37.52 15.82 -29.50
C GLY B 276 -36.64 16.81 -28.73
N GLY B 277 -37.06 17.20 -27.52
CA GLY B 277 -36.25 18.10 -26.66
C GLY B 277 -34.79 17.63 -26.50
N ARG B 278 -34.57 16.32 -26.35
CA ARG B 278 -33.20 15.81 -26.15
C ARG B 278 -32.20 16.16 -27.26
N ASP B 279 -32.69 16.43 -28.46
CA ASP B 279 -31.87 16.89 -29.58
C ASP B 279 -31.47 18.37 -29.53
N LEU B 280 -32.03 19.13 -28.59
CA LEU B 280 -31.71 20.55 -28.48
C LEU B 280 -30.25 20.72 -28.03
N GLN B 281 -29.61 21.78 -28.56
CA GLN B 281 -28.20 22.10 -28.28
C GLN B 281 -27.94 23.54 -27.86
N ILE B 282 -26.95 23.73 -26.99
CA ILE B 282 -26.30 25.03 -26.86
C ILE B 282 -25.47 25.28 -28.14
N SER B 283 -25.81 26.38 -28.81
CA SER B 283 -25.37 26.67 -30.18
C SER B 283 -24.24 27.67 -30.33
N GLY B 284 -24.20 28.69 -29.48
CA GLY B 284 -23.38 29.90 -29.67
C GLY B 284 -22.11 30.05 -28.79
N GLY B 285 -21.59 28.92 -28.27
CA GLY B 285 -20.50 28.92 -27.24
C GLY B 285 -19.15 28.23 -27.55
N ALA B 286 -18.07 28.91 -27.19
CA ALA B 286 -16.70 28.40 -27.42
C ALA B 286 -16.38 27.16 -26.56
N THR B 287 -15.56 26.27 -27.08
CA THR B 287 -15.41 24.94 -26.46
C THR B 287 -13.97 24.44 -26.43
N TYR B 288 -13.65 23.78 -25.33
CA TYR B 288 -12.54 22.86 -25.27
C TYR B 288 -13.15 21.44 -25.08
N ILE B 289 -12.57 20.45 -25.73
CA ILE B 289 -13.10 19.09 -25.71
C ILE B 289 -11.99 18.07 -25.99
N ASP B 290 -12.06 16.90 -25.35
CA ASP B 290 -11.17 15.73 -25.64
C ASP B 290 -9.75 15.95 -25.21
N SER B 291 -9.46 15.78 -23.92
CA SER B 291 -8.11 16.01 -23.38
C SER B 291 -7.11 14.85 -23.56
N VAL B 292 -5.83 15.22 -23.73
CA VAL B 292 -4.70 14.27 -23.69
C VAL B 292 -3.62 14.80 -22.73
N ILE B 293 -3.10 13.93 -21.87
CA ILE B 293 -2.09 14.28 -20.87
C ILE B 293 -0.80 13.46 -21.07
N VAL B 294 0.34 14.09 -20.79
CA VAL B 294 1.63 13.40 -20.71
C VAL B 294 2.57 14.17 -19.78
N GLU B 295 3.38 13.44 -19.01
CA GLU B 295 4.45 14.00 -18.19
C GLU B 295 5.76 13.88 -18.98
N LYS B 296 6.50 14.99 -19.10
CA LYS B 296 7.81 15.00 -19.80
C LYS B 296 8.90 14.42 -18.91
N LYS B 297 10.04 14.06 -19.50
CA LYS B 297 11.19 13.56 -18.76
C LYS B 297 11.60 14.51 -17.63
N ASN B 298 11.52 15.82 -17.87
CA ASN B 298 11.85 16.80 -16.82
C ASN B 298 10.77 17.03 -15.74
N LYS B 299 9.68 16.27 -15.76
CA LYS B 299 8.55 16.36 -14.77
C LYS B 299 7.51 17.46 -15.04
N GLN B 300 7.72 18.27 -16.07
CA GLN B 300 6.68 19.17 -16.54
C GLN B 300 5.53 18.33 -17.10
N VAL B 301 4.30 18.74 -16.81
CA VAL B 301 3.12 18.05 -17.32
C VAL B 301 2.50 18.90 -18.42
N LEU B 302 2.15 18.25 -19.54
CA LEU B 302 1.41 18.87 -20.65
C LEU B 302 -0.01 18.29 -20.72
N MET B 303 -1.00 19.17 -20.91
CA MET B 303 -2.35 18.78 -21.29
C MET B 303 -2.73 19.41 -22.63
N PHE B 304 -3.15 18.58 -23.59
CA PHE B 304 -3.70 19.03 -24.89
C PHE B 304 -5.23 18.94 -24.91
N ALA B 305 -5.88 19.76 -25.75
CA ALA B 305 -7.33 19.67 -25.99
C ALA B 305 -7.71 20.22 -27.35
N ASP B 306 -8.82 19.78 -27.92
CA ASP B 306 -9.37 20.41 -29.12
C ASP B 306 -10.02 21.75 -28.73
N VAL B 307 -9.86 22.77 -29.58
CA VAL B 307 -10.49 24.09 -29.34
C VAL B 307 -11.47 24.36 -30.48
N MET B 308 -12.72 24.64 -30.13
CA MET B 308 -13.74 24.99 -31.13
C MET B 308 -14.25 26.41 -30.86
N PRO B 309 -14.11 27.33 -31.83
CA PRO B 309 -14.82 28.61 -31.67
C PRO B 309 -16.32 28.44 -31.57
N ALA B 310 -16.98 29.46 -31.05
CA ALA B 310 -18.45 29.49 -31.03
C ALA B 310 -19.01 29.17 -32.41
N GLY B 311 -19.98 28.26 -32.47
CA GLY B 311 -20.64 27.91 -33.74
C GLY B 311 -19.94 26.87 -34.60
N VAL B 312 -18.79 26.35 -34.16
CA VAL B 312 -18.01 25.36 -34.93
C VAL B 312 -18.07 23.99 -34.29
N SER B 313 -18.10 22.91 -35.07
CA SER B 313 -18.12 21.50 -34.55
C SER B 313 -17.21 20.57 -35.37
N PHE B 314 -17.02 19.30 -34.95
CA PHE B 314 -16.45 18.26 -35.87
C PHE B 314 -17.16 18.29 -37.25
N ARG B 315 -18.48 18.50 -37.27
CA ARG B 315 -19.26 18.49 -38.52
C ARG B 315 -19.14 19.79 -39.29
N GLU B 316 -19.29 20.93 -38.59
CA GLU B 316 -19.36 22.26 -39.19
C GLU B 316 -18.02 22.94 -38.98
N ALA B 317 -17.16 22.92 -40.00
CA ALA B 317 -15.82 23.49 -39.97
C ALA B 317 -15.23 23.48 -41.37
N THR B 318 -14.50 24.53 -41.71
CA THR B 318 -13.75 24.62 -42.93
C THR B 318 -12.53 23.69 -42.80
N ARG B 319 -12.35 22.80 -43.78
CA ARG B 319 -11.21 21.87 -43.79
C ARG B 319 -10.11 22.40 -44.67
N LYS B 320 -10.33 23.54 -45.31
CA LYS B 320 -9.40 24.09 -46.31
C LYS B 320 -8.55 25.27 -45.80
N ASP B 321 -8.59 25.55 -44.49
CA ASP B 321 -7.91 26.73 -43.93
C ASP B 321 -7.48 26.40 -42.51
N SER B 322 -6.18 26.42 -42.26
CA SER B 322 -5.63 26.17 -40.93
C SER B 322 -5.93 27.28 -39.90
N GLY B 323 -6.29 28.48 -40.37
CA GLY B 323 -6.44 29.62 -39.50
C GLY B 323 -5.15 30.35 -39.27
N TYR B 324 -4.09 29.99 -40.01
CA TYR B 324 -2.78 30.61 -39.89
C TYR B 324 -2.37 31.27 -41.21
N LYS B 325 -1.52 32.31 -41.14
CA LYS B 325 -0.75 32.84 -42.29
C LYS B 325 0.72 32.60 -42.04
N GLN B 326 1.50 32.51 -43.10
CA GLN B 326 2.95 32.46 -43.03
C GLN B 326 3.50 33.80 -43.51
N ILE B 327 4.16 34.52 -42.61
CA ILE B 327 4.72 35.85 -42.89
C ILE B 327 6.19 35.84 -42.44
N ASP B 328 7.09 36.12 -43.37
CA ASP B 328 8.55 36.14 -43.10
C ASP B 328 9.02 34.84 -42.45
N GLY B 329 8.58 33.70 -42.99
CA GLY B 329 8.90 32.38 -42.42
C GLY B 329 8.24 31.94 -41.10
N ASN B 330 7.35 32.75 -40.50
CA ASN B 330 6.69 32.42 -39.22
C ASN B 330 5.20 32.19 -39.39
N TYR B 331 4.62 31.38 -38.50
CA TYR B 331 3.22 31.04 -38.54
C TYR B 331 2.48 31.90 -37.54
N TYR B 332 1.57 32.75 -38.02
CA TYR B 332 0.81 33.65 -37.14
C TYR B 332 -0.66 33.33 -37.27
N LEU B 333 -1.33 33.27 -36.15
CA LEU B 333 -2.77 33.10 -36.20
C LEU B 333 -3.39 34.36 -36.81
N LYS B 334 -4.29 34.15 -37.76
CA LYS B 334 -4.94 35.26 -38.46
C LYS B 334 -6.34 35.61 -37.93
N LEU B 335 -6.76 36.84 -38.20
CA LEU B 335 -8.01 37.36 -37.66
C LEU B 335 -8.80 38.17 -38.67
N ARG B 336 -10.13 38.13 -38.56
CA ARG B 336 -11.01 38.91 -39.41
C ARG B 336 -11.74 39.92 -38.55
N LYS B 337 -11.66 41.18 -38.93
CA LYS B 337 -12.31 42.23 -38.15
C LYS B 337 -13.75 42.37 -38.64
N GLN B 338 -14.66 42.63 -37.74
CA GLN B 338 -16.05 42.95 -38.11
C GLN B 338 -16.17 43.93 -39.27
N GLY B 339 -16.98 43.57 -40.26
CA GLY B 339 -17.21 44.38 -41.46
C GLY B 339 -16.35 43.95 -42.65
N ASP B 340 -15.27 43.23 -42.41
CA ASP B 340 -14.34 42.84 -43.44
C ASP B 340 -14.77 41.50 -44.02
N THR B 341 -14.36 41.28 -45.26
CA THR B 341 -14.59 40.02 -45.97
C THR B 341 -13.40 39.09 -45.77
N ASP B 342 -12.19 39.64 -45.85
CA ASP B 342 -10.95 38.89 -45.74
C ASP B 342 -10.41 38.93 -44.33
N TYR B 343 -9.45 38.02 -44.10
CA TYR B 343 -8.64 37.96 -42.89
C TYR B 343 -7.41 38.85 -43.07
N ASN B 344 -7.53 40.11 -42.66
CA ASN B 344 -6.47 41.12 -42.84
C ASN B 344 -5.47 41.31 -41.71
N TYR B 345 -5.62 40.56 -40.62
CA TYR B 345 -4.85 40.79 -39.40
C TYR B 345 -4.14 39.53 -38.92
N THR B 346 -3.00 39.69 -38.22
CA THR B 346 -2.32 38.57 -37.56
C THR B 346 -1.89 38.98 -36.14
N ILE B 347 -1.85 38.00 -35.26
CA ILE B 347 -1.27 38.14 -33.94
C ILE B 347 0.19 37.74 -34.00
N ARG B 348 1.07 38.71 -33.74
CA ARG B 348 2.52 38.53 -33.87
C ARG B 348 3.18 38.66 -32.49
N GLU B 349 4.47 38.99 -32.45
CA GLU B 349 5.21 39.04 -31.19
C GLU B 349 4.43 39.83 -30.13
N ASN B 350 4.37 39.26 -28.92
CA ASN B 350 3.78 39.86 -27.72
C ASN B 350 2.28 39.98 -27.70
N GLY B 351 1.62 39.29 -28.63
CA GLY B 351 0.21 39.45 -28.86
C GLY B 351 -0.21 40.71 -29.61
N THR B 352 0.73 41.43 -30.23
CA THR B 352 0.40 42.63 -30.98
C THR B 352 -0.29 42.18 -32.27
N VAL B 353 -1.47 42.74 -32.51
CA VAL B 353 -2.22 42.53 -33.75
C VAL B 353 -1.74 43.49 -34.80
N TYR B 354 -1.29 42.92 -35.92
CA TYR B 354 -0.81 43.65 -37.10
C TYR B 354 -1.87 43.67 -38.18
N ASP B 355 -1.97 44.78 -38.89
CA ASP B 355 -2.69 44.85 -40.16
C ASP B 355 -1.74 44.33 -41.23
N ASP B 356 -2.07 43.22 -41.87
CA ASP B 356 -1.16 42.63 -42.86
C ASP B 356 -1.10 43.39 -44.19
N ARG B 357 -2.07 44.24 -44.43
CA ARG B 357 -2.09 45.07 -45.62
C ARG B 357 -1.03 46.19 -45.55
N THR B 358 -0.91 46.84 -44.40
CA THR B 358 0.10 47.87 -44.15
C THR B 358 1.35 47.34 -43.43
N ASN B 359 1.28 46.12 -42.91
CA ASN B 359 2.37 45.51 -42.16
C ASN B 359 2.86 46.32 -40.96
N ARG B 360 1.90 46.86 -40.19
CA ARG B 360 2.18 47.70 -39.04
C ARG B 360 1.38 47.22 -37.86
N PRO B 361 1.86 47.52 -36.63
CA PRO B 361 1.00 47.22 -35.48
C PRO B 361 -0.25 48.13 -35.40
N THR B 362 -1.35 47.56 -34.93
CA THR B 362 -2.58 48.31 -34.68
C THR B 362 -2.55 48.69 -33.20
N GLU B 363 -3.60 49.34 -32.74
CA GLU B 363 -3.74 49.60 -31.31
C GLU B 363 -4.33 48.41 -30.51
N PHE B 364 -4.55 47.27 -31.16
CA PHE B 364 -5.13 46.13 -30.58
C PHE B 364 -4.06 45.07 -30.27
N SER B 365 -4.33 44.32 -29.20
CA SER B 365 -3.53 43.17 -28.85
C SER B 365 -4.39 42.06 -28.24
N VAL B 366 -3.78 40.87 -28.15
CA VAL B 366 -4.47 39.68 -27.69
C VAL B 366 -3.58 39.10 -26.59
N ASP B 367 -4.11 38.93 -25.38
CA ASP B 367 -3.32 38.32 -24.27
C ASP B 367 -3.16 36.80 -24.47
N LYS B 368 -2.43 36.14 -23.60
CA LYS B 368 -2.09 34.74 -23.81
C LYS B 368 -3.24 33.78 -23.48
N ASN B 369 -4.31 34.31 -22.90
CA ASN B 369 -5.63 33.66 -22.79
C ASN B 369 -6.67 34.09 -23.82
N PHE B 370 -6.21 34.65 -24.94
CA PHE B 370 -7.05 34.94 -26.11
C PHE B 370 -7.99 36.14 -25.94
N GLY B 371 -7.78 36.95 -24.91
CA GLY B 371 -8.59 38.15 -24.68
C GLY B 371 -8.06 39.37 -25.42
N ILE B 372 -8.97 40.20 -25.90
CA ILE B 372 -8.62 41.29 -26.78
C ILE B 372 -8.52 42.63 -26.02
N LYS B 373 -7.43 43.36 -26.27
CA LYS B 373 -7.20 44.71 -25.71
C LYS B 373 -7.11 45.77 -26.79
N GLN B 374 -7.44 47.00 -26.41
CA GLN B 374 -7.29 48.17 -27.26
C GLN B 374 -6.59 49.25 -26.44
N ASN B 375 -5.42 49.70 -26.90
CA ASN B 375 -4.56 50.61 -26.12
C ASN B 375 -4.18 50.13 -24.73
N GLY B 376 -4.01 48.82 -24.56
CA GLY B 376 -3.75 48.25 -23.23
C GLY B 376 -4.94 48.07 -22.27
N ASN B 377 -6.15 48.45 -22.70
CA ASN B 377 -7.39 48.20 -21.96
C ASN B 377 -8.20 47.06 -22.60
N TYR B 378 -8.76 46.19 -21.76
CA TYR B 378 -9.61 45.09 -22.24
C TYR B 378 -10.91 45.59 -22.86
N LEU B 379 -11.28 44.99 -23.99
CA LEU B 379 -12.64 45.13 -24.52
C LEU B 379 -13.51 44.06 -23.91
N THR B 380 -14.80 44.33 -23.80
CA THR B 380 -15.70 43.43 -23.17
C THR B 380 -16.88 43.09 -24.07
N VAL B 381 -17.48 41.94 -23.80
CA VAL B 381 -18.78 41.57 -24.35
C VAL B 381 -19.62 41.08 -23.19
N GLU B 382 -20.91 40.95 -23.43
CA GLU B 382 -21.79 40.41 -22.45
C GLU B 382 -21.87 38.88 -22.54
N GLN B 383 -21.83 38.23 -21.39
CA GLN B 383 -21.87 36.80 -21.28
C GLN B 383 -23.29 36.32 -21.51
N TYR B 384 -23.42 35.09 -22.04
CA TYR B 384 -24.73 34.45 -22.23
C TYR B 384 -25.06 33.43 -21.15
N SER B 385 -26.33 33.40 -20.79
CA SER B 385 -26.90 32.28 -20.04
C SER B 385 -27.88 31.53 -20.97
N VAL B 386 -28.26 30.34 -20.50
CA VAL B 386 -29.25 29.47 -21.13
C VAL B 386 -30.40 29.22 -20.11
N SER B 387 -31.66 29.38 -20.56
CA SER B 387 -32.86 29.06 -19.75
C SER B 387 -33.94 28.29 -20.57
N PHE B 388 -34.80 27.60 -19.83
CA PHE B 388 -35.95 26.83 -20.33
C PHE B 388 -37.33 27.36 -19.84
N GLU B 389 -38.28 27.68 -20.73
CA GLU B 389 -39.62 28.19 -20.39
C GLU B 389 -40.70 27.45 -21.23
N ASN B 390 -41.30 26.44 -20.62
CA ASN B 390 -42.33 25.62 -21.25
C ASN B 390 -41.78 24.90 -22.49
N ASN B 391 -40.75 24.08 -22.25
CA ASN B 391 -40.14 23.22 -23.29
C ASN B 391 -39.20 23.98 -24.27
N LYS B 392 -39.24 25.33 -24.21
CA LYS B 392 -38.52 26.30 -25.09
C LYS B 392 -37.12 26.64 -24.54
N LYS B 393 -36.08 26.53 -25.36
CA LYS B 393 -34.72 26.98 -24.96
C LYS B 393 -34.45 28.40 -25.42
N THR B 394 -33.85 29.21 -24.55
CA THR B 394 -33.38 30.54 -24.93
C THR B 394 -31.93 30.76 -24.49
N GLU B 395 -31.12 31.36 -25.35
CA GLU B 395 -29.78 31.82 -25.01
C GLU B 395 -29.81 33.36 -24.97
N TYR B 396 -29.37 33.98 -23.87
CA TYR B 396 -29.63 35.42 -23.61
C TYR B 396 -28.50 36.10 -22.81
N ARG B 397 -28.38 37.42 -23.01
CA ARG B 397 -27.32 38.18 -22.35
C ARG B 397 -27.69 38.38 -20.89
N ASN B 398 -26.74 38.15 -19.97
CA ASN B 398 -27.03 37.99 -18.54
C ASN B 398 -26.51 39.08 -17.58
N GLY B 399 -26.00 40.17 -18.10
CA GLY B 399 -25.50 41.27 -17.25
C GLY B 399 -24.00 41.20 -16.90
N THR B 400 -23.38 40.02 -16.95
CA THR B 400 -21.94 39.93 -16.74
C THR B 400 -21.15 40.43 -17.97
N LYS B 401 -20.13 41.23 -17.73
CA LYS B 401 -19.21 41.66 -18.78
C LYS B 401 -17.96 40.79 -18.65
N VAL B 402 -17.57 40.11 -19.72
CA VAL B 402 -16.33 39.33 -19.74
C VAL B 402 -15.42 39.89 -20.83
N HIS B 403 -14.15 39.55 -20.74
CA HIS B 403 -13.19 39.95 -21.73
C HIS B 403 -13.63 39.47 -23.09
N MET B 404 -13.56 40.35 -24.08
CA MET B 404 -13.83 39.97 -25.46
C MET B 404 -12.74 39.00 -25.85
N ASN B 405 -13.06 38.00 -26.66
CA ASN B 405 -12.12 36.88 -26.91
C ASN B 405 -12.24 36.48 -28.39
N ILE B 406 -11.11 36.18 -29.00
CA ILE B 406 -11.08 35.87 -30.42
C ILE B 406 -11.84 34.58 -30.85
N PHE B 407 -12.14 33.69 -29.88
CA PHE B 407 -13.00 32.52 -30.12
C PHE B 407 -14.54 32.73 -29.97
N TYR B 408 -14.97 33.94 -29.64
CA TYR B 408 -16.39 34.17 -29.31
C TYR B 408 -17.12 34.67 -30.50
N LYS B 409 -18.40 34.40 -30.53
CA LYS B 409 -19.26 34.88 -31.59
C LYS B 409 -19.44 36.44 -31.56
N ASP B 410 -19.26 37.10 -30.42
CA ASP B 410 -19.44 38.56 -30.39
C ASP B 410 -18.15 39.38 -30.54
N ALA B 411 -17.04 38.74 -30.88
CA ALA B 411 -15.76 39.46 -30.93
C ALA B 411 -15.64 40.42 -32.11
N LEU B 412 -14.90 41.50 -31.92
CA LEU B 412 -14.55 42.46 -33.01
C LEU B 412 -13.52 41.89 -33.96
N PHE B 413 -12.64 41.00 -33.45
CA PHE B 413 -11.71 40.23 -34.29
C PHE B 413 -11.93 38.74 -34.02
N LYS B 414 -12.08 37.94 -35.08
CA LYS B 414 -12.41 36.53 -34.94
C LYS B 414 -11.45 35.62 -35.69
N VAL B 415 -11.19 34.45 -35.11
CA VAL B 415 -10.44 33.41 -35.83
C VAL B 415 -11.22 32.79 -36.97
N VAL B 416 -10.52 32.07 -37.84
CA VAL B 416 -11.18 31.21 -38.85
C VAL B 416 -12.05 30.21 -38.09
N PRO B 417 -13.30 29.97 -38.60
CA PRO B 417 -14.18 29.03 -37.93
C PRO B 417 -13.80 27.58 -38.30
N THR B 418 -12.72 27.11 -37.71
CA THR B 418 -12.35 25.71 -37.82
C THR B 418 -11.87 25.22 -36.46
N ASN B 419 -11.41 23.96 -36.40
CA ASN B 419 -10.91 23.40 -35.16
C ASN B 419 -9.41 23.65 -35.01
N TYR B 420 -8.95 23.75 -33.76
CA TYR B 420 -7.58 23.94 -33.40
C TYR B 420 -7.20 22.95 -32.30
N ILE B 421 -5.91 22.82 -32.04
CA ILE B 421 -5.42 22.07 -30.86
C ILE B 421 -4.62 23.04 -29.98
N ALA B 422 -4.87 23.03 -28.69
CA ALA B 422 -4.13 23.84 -27.71
C ALA B 422 -3.46 22.96 -26.68
N TYR B 423 -2.44 23.49 -26.01
CA TYR B 423 -1.83 22.84 -24.86
C TYR B 423 -1.40 23.83 -23.79
N ILE B 424 -1.49 23.35 -22.56
CA ILE B 424 -0.99 24.02 -21.38
C ILE B 424 0.04 23.13 -20.67
N SER B 425 0.91 23.77 -19.89
CA SER B 425 1.95 23.08 -19.12
C SER B 425 1.85 23.42 -17.64
N SER B 426 2.24 22.45 -16.81
CA SER B 426 2.32 22.63 -15.36
C SER B 426 3.69 22.19 -14.85
N ASN B 427 4.27 23.03 -14.00
CA ASN B 427 5.52 22.73 -13.32
C ASN B 427 5.33 22.31 -11.88
N ASP B 428 4.09 22.15 -11.43
CA ASP B 428 3.81 21.77 -10.03
C ASP B 428 2.83 20.61 -9.96
N HIS B 429 2.97 19.70 -10.92
CA HIS B 429 2.10 18.53 -11.03
C HIS B 429 0.59 18.81 -10.96
N GLY B 430 0.15 19.78 -11.70
CA GLY B 430 -1.27 20.04 -11.86
C GLY B 430 -1.93 21.02 -10.91
N GLU B 431 -1.18 21.64 -10.01
CA GLU B 431 -1.77 22.67 -9.13
C GLU B 431 -2.02 23.98 -9.84
N SER B 432 -1.14 24.34 -10.77
CA SER B 432 -1.30 25.54 -11.57
C SER B 432 -0.78 25.28 -12.98
N TRP B 433 -1.27 26.07 -13.90
CA TRP B 433 -1.04 25.83 -15.33
C TRP B 433 -0.67 27.11 -16.03
N SER B 434 0.16 26.98 -17.06
CA SER B 434 0.45 28.09 -17.95
C SER B 434 -0.81 28.51 -18.75
N ALA B 435 -0.68 29.64 -19.42
CA ALA B 435 -1.67 30.02 -20.41
C ALA B 435 -1.54 29.06 -21.59
N PRO B 436 -2.60 28.95 -22.40
CA PRO B 436 -2.58 28.01 -23.54
C PRO B 436 -1.72 28.44 -24.72
N THR B 437 -1.19 27.46 -25.45
CA THR B 437 -0.42 27.66 -26.69
C THR B 437 -1.15 26.86 -27.78
N LEU B 438 -1.57 27.51 -28.85
CA LEU B 438 -2.13 26.83 -30.02
C LEU B 438 -1.05 26.11 -30.79
N LEU B 439 -1.28 24.87 -31.16
CA LEU B 439 -0.38 24.17 -32.05
C LEU B 439 -0.23 24.94 -33.38
N PRO B 440 0.99 24.96 -33.95
CA PRO B 440 1.15 25.49 -35.31
C PRO B 440 0.42 24.61 -36.34
N PRO B 441 0.24 25.11 -37.56
CA PRO B 441 -0.51 24.36 -38.56
C PRO B 441 0.30 23.20 -39.12
N ILE B 442 0.53 22.20 -38.29
CA ILE B 442 1.35 21.05 -38.74
C ILE B 442 0.72 20.16 -39.82
N MET B 443 -0.59 20.24 -40.04
CA MET B 443 -1.19 19.55 -41.18
C MET B 443 -1.03 20.30 -42.53
N GLY B 444 -0.45 21.50 -42.51
CA GLY B 444 -0.35 22.36 -43.69
C GLY B 444 -1.21 23.60 -43.45
N LEU B 445 -0.89 24.68 -44.16
CA LEU B 445 -1.64 25.94 -44.04
C LEU B 445 -3.08 25.82 -44.51
N ASN B 446 -3.32 24.92 -45.47
CA ASN B 446 -4.63 24.76 -46.09
C ASN B 446 -5.36 23.49 -45.66
N ARG B 447 -5.09 23.03 -44.43
CA ARG B 447 -5.87 21.98 -43.80
C ARG B 447 -6.19 22.36 -42.36
N ASN B 448 -7.35 21.92 -41.86
CA ASN B 448 -7.66 22.05 -40.45
C ASN B 448 -6.73 21.17 -39.56
N ALA B 449 -6.66 21.51 -38.28
CA ALA B 449 -5.90 20.72 -37.30
C ALA B 449 -6.50 19.31 -37.14
N PRO B 450 -5.72 18.37 -36.63
CA PRO B 450 -6.32 17.07 -36.28
C PRO B 450 -7.23 17.12 -35.04
N TYR B 451 -7.94 16.02 -34.82
CA TYR B 451 -8.74 15.77 -33.63
C TYR B 451 -7.98 14.82 -32.69
N LEU B 452 -7.90 15.16 -31.40
CA LEU B 452 -7.13 14.39 -30.46
C LEU B 452 -7.82 13.10 -30.09
N GLY B 453 -7.04 12.03 -29.86
CA GLY B 453 -7.53 10.77 -29.28
C GLY B 453 -7.47 10.83 -27.77
N PRO B 454 -8.62 10.92 -27.08
CA PRO B 454 -8.55 11.16 -25.63
C PRO B 454 -7.85 10.05 -24.85
N GLY B 455 -7.11 10.49 -23.84
CA GLY B 455 -6.32 9.61 -23.01
C GLY B 455 -4.98 10.26 -22.72
N ARG B 456 -3.91 9.49 -22.92
CA ARG B 456 -2.55 9.92 -22.62
C ARG B 456 -1.67 9.97 -23.86
N GLY B 457 -0.57 10.69 -23.75
CA GLY B 457 0.56 10.56 -24.68
C GLY B 457 1.62 9.65 -24.04
N ILE B 458 2.68 9.33 -24.77
CA ILE B 458 3.83 8.67 -24.18
C ILE B 458 5.16 9.30 -24.59
N ILE B 459 6.19 8.95 -23.83
CA ILE B 459 7.59 9.19 -24.19
C ILE B 459 8.17 7.85 -24.61
N GLU B 460 8.59 7.74 -25.86
CA GLU B 460 9.27 6.54 -26.29
C GLU B 460 10.66 6.45 -25.59
N SER B 461 10.97 5.30 -25.00
CA SER B 461 12.14 5.18 -24.12
C SER B 461 13.54 5.32 -24.78
N SER B 462 13.74 4.79 -25.98
CA SER B 462 15.09 4.80 -26.60
C SER B 462 15.50 6.15 -27.22
N THR B 463 14.54 6.89 -27.79
CA THR B 463 14.83 8.20 -28.40
C THR B 463 14.38 9.39 -27.57
N GLY B 464 13.43 9.20 -26.65
CA GLY B 464 12.88 10.32 -25.87
C GLY B 464 11.81 11.10 -26.61
N ARG B 465 11.37 10.60 -27.76
CA ARG B 465 10.32 11.23 -28.55
C ARG B 465 8.99 11.28 -27.79
N ILE B 466 8.34 12.47 -27.76
CA ILE B 466 6.98 12.58 -27.20
C ILE B 466 5.97 12.28 -28.30
N LEU B 467 4.99 11.41 -28.04
CA LEU B 467 3.95 11.06 -29.04
C LEU B 467 2.57 11.38 -28.52
N ILE B 468 1.78 12.03 -29.37
CA ILE B 468 0.43 12.48 -29.03
C ILE B 468 -0.48 11.93 -30.11
N PRO B 469 -1.49 11.12 -29.76
CA PRO B 469 -2.38 10.51 -30.77
C PRO B 469 -3.51 11.44 -31.21
N SER B 470 -3.76 11.46 -32.53
CA SER B 470 -4.85 12.21 -33.13
C SER B 470 -5.27 11.54 -34.43
N TYR B 471 -6.29 12.11 -35.08
CA TYR B 471 -6.88 11.56 -36.30
C TYR B 471 -7.64 12.66 -37.07
N THR B 472 -7.83 12.47 -38.37
CA THR B 472 -8.46 13.47 -39.25
C THR B 472 -9.83 13.07 -39.74
N GLY B 473 -10.20 11.80 -39.55
CA GLY B 473 -11.40 11.23 -40.14
C GLY B 473 -11.11 10.29 -41.30
N LYS B 474 -9.97 10.47 -41.97
CA LYS B 474 -9.48 9.52 -43.00
C LYS B 474 -8.06 8.97 -42.75
N GLU B 475 -7.34 9.59 -41.83
CA GLU B 475 -5.96 9.21 -41.57
C GLU B 475 -5.75 9.24 -40.07
N SER B 476 -4.75 8.49 -39.63
CA SER B 476 -4.14 8.68 -38.30
C SER B 476 -3.16 9.82 -38.39
N ALA B 477 -3.06 10.57 -37.30
CA ALA B 477 -2.13 11.68 -37.21
C ALA B 477 -1.39 11.57 -35.90
N PHE B 478 -0.16 11.08 -35.97
CA PHE B 478 0.66 10.92 -34.79
C PHE B 478 1.52 12.17 -34.62
N ILE B 479 1.13 13.00 -33.67
CA ILE B 479 1.83 14.26 -33.37
C ILE B 479 3.05 13.96 -32.50
N TYR B 480 4.21 14.55 -32.82
CA TYR B 480 5.44 14.21 -32.08
C TYR B 480 6.43 15.35 -32.00
N SER B 481 7.20 15.37 -30.90
CA SER B 481 8.36 16.26 -30.71
C SER B 481 9.59 15.43 -30.42
N ASP B 482 10.69 15.78 -31.09
CA ASP B 482 12.03 15.26 -30.80
C ASP B 482 12.90 16.22 -29.98
N ASP B 483 12.36 17.33 -29.52
CA ASP B 483 13.15 18.31 -28.82
C ASP B 483 12.51 18.66 -27.49
N ASN B 484 12.05 17.62 -26.78
CA ASN B 484 11.45 17.77 -25.46
C ASN B 484 10.26 18.75 -25.40
N GLY B 485 9.50 18.79 -26.50
CA GLY B 485 8.28 19.58 -26.56
C GLY B 485 8.43 21.05 -26.91
N ALA B 486 9.57 21.42 -27.47
CA ALA B 486 9.79 22.81 -27.93
C ALA B 486 9.11 23.06 -29.27
N SER B 487 9.21 22.09 -30.17
CA SER B 487 8.48 22.12 -31.45
C SER B 487 7.83 20.77 -31.73
N TRP B 488 6.89 20.78 -32.67
CA TRP B 488 5.99 19.67 -32.96
C TRP B 488 5.91 19.35 -34.46
N LYS B 489 5.92 18.07 -34.78
CA LYS B 489 5.75 17.57 -36.15
C LYS B 489 4.60 16.56 -36.18
N VAL B 490 4.29 16.02 -37.35
CA VAL B 490 3.25 15.03 -37.47
C VAL B 490 3.61 13.94 -38.46
N LYS B 491 3.25 12.71 -38.13
CA LYS B 491 3.32 11.62 -39.09
C LYS B 491 1.89 11.24 -39.46
N VAL B 492 1.55 11.41 -40.74
CA VAL B 492 0.18 11.15 -41.25
C VAL B 492 0.12 9.79 -41.96
N VAL B 493 -0.78 8.90 -41.52
CA VAL B 493 -0.89 7.54 -42.05
C VAL B 493 -2.32 7.34 -42.59
N PRO B 494 -2.50 7.22 -43.93
CA PRO B 494 -3.85 6.93 -44.44
C PRO B 494 -4.37 5.56 -43.96
N LEU B 495 -5.70 5.46 -43.85
CA LEU B 495 -6.38 4.32 -43.24
C LEU B 495 -7.26 3.60 -44.27
N PRO B 496 -7.61 2.32 -44.02
CA PRO B 496 -8.42 1.56 -44.98
C PRO B 496 -9.80 2.13 -45.22
N SER B 497 -10.35 2.88 -44.25
CA SER B 497 -11.66 3.49 -44.40
C SER B 497 -11.73 4.76 -43.54
N SER B 498 -12.91 5.38 -43.42
CA SER B 498 -13.10 6.62 -42.64
C SER B 498 -13.29 6.42 -41.13
N TRP B 499 -12.23 5.95 -40.47
CA TRP B 499 -12.26 5.66 -39.03
C TRP B 499 -12.28 6.94 -38.20
N SER B 500 -13.09 6.99 -37.16
CA SER B 500 -12.88 7.97 -36.10
C SER B 500 -11.80 7.38 -35.23
N ALA B 501 -10.55 7.47 -35.70
CA ALA B 501 -9.45 6.69 -35.13
C ALA B 501 -8.85 7.27 -33.86
N GLU B 502 -9.66 7.36 -32.80
CA GLU B 502 -9.18 7.67 -31.47
C GLU B 502 -8.19 6.52 -31.10
N ALA B 503 -6.99 6.89 -30.67
CA ALA B 503 -5.89 5.96 -30.52
C ALA B 503 -5.17 6.17 -29.19
N GLN B 504 -4.50 5.09 -28.75
CA GLN B 504 -3.56 5.17 -27.61
C GLN B 504 -2.33 4.30 -27.90
N PHE B 505 -1.18 4.68 -27.34
CA PHE B 505 0.08 3.97 -27.62
C PHE B 505 0.52 3.08 -26.47
N VAL B 506 1.26 2.03 -26.82
CA VAL B 506 2.09 1.27 -25.86
C VAL B 506 3.46 0.97 -26.46
N GLU B 507 4.47 0.89 -25.60
CA GLU B 507 5.80 0.47 -26.01
C GLU B 507 6.01 -1.00 -25.63
N LEU B 508 6.36 -1.83 -26.62
CA LEU B 508 6.59 -3.26 -26.38
C LEU B 508 8.01 -3.52 -25.91
N SER B 509 8.95 -2.97 -26.65
CA SER B 509 10.38 -3.06 -26.35
C SER B 509 10.99 -1.76 -26.88
N PRO B 510 12.26 -1.45 -26.51
CA PRO B 510 12.89 -0.18 -26.96
C PRO B 510 12.78 0.09 -28.47
N GLY B 511 12.14 1.19 -28.84
CA GLY B 511 11.95 1.55 -30.26
C GLY B 511 10.72 0.98 -30.96
N VAL B 512 9.98 0.08 -30.28
CA VAL B 512 8.87 -0.65 -30.89
C VAL B 512 7.58 -0.21 -30.21
N ILE B 513 6.64 0.33 -31.00
CA ILE B 513 5.44 1.01 -30.50
C ILE B 513 4.23 0.49 -31.24
N GLN B 514 3.11 0.33 -30.52
CA GLN B 514 1.82 0.03 -31.13
C GLN B 514 0.79 1.11 -30.84
N ALA B 515 0.00 1.45 -31.86
CA ALA B 515 -1.15 2.38 -31.73
C ALA B 515 -2.42 1.53 -31.89
N TYR B 516 -3.16 1.39 -30.80
CA TYR B 516 -4.44 0.68 -30.77
C TYR B 516 -5.55 1.72 -30.97
N MET B 517 -6.53 1.43 -31.83
CA MET B 517 -7.52 2.45 -32.20
C MET B 517 -8.88 1.92 -32.61
N ARG B 518 -9.85 2.81 -32.40
CA ARG B 518 -11.22 2.69 -32.88
C ARG B 518 -11.25 2.66 -34.40
N THR B 519 -12.19 1.89 -34.94
CA THR B 519 -12.44 1.81 -36.37
C THR B 519 -13.91 2.04 -36.66
N ASN B 520 -14.28 1.98 -37.93
CA ASN B 520 -15.67 1.89 -38.36
C ASN B 520 -16.07 0.48 -38.85
N ASN B 521 -15.26 -0.55 -38.59
CA ASN B 521 -15.62 -1.93 -39.00
C ASN B 521 -15.97 -2.90 -37.86
N GLY B 522 -16.08 -2.43 -36.62
CA GLY B 522 -16.47 -3.29 -35.48
C GLY B 522 -15.32 -3.88 -34.67
N LYS B 523 -14.11 -3.85 -35.25
CA LYS B 523 -12.91 -4.37 -34.59
C LYS B 523 -12.01 -3.25 -34.05
N ILE B 524 -11.16 -3.61 -33.10
CA ILE B 524 -10.09 -2.75 -32.61
C ILE B 524 -8.88 -3.04 -33.45
N ALA B 525 -8.34 -1.96 -34.05
CA ALA B 525 -7.16 -2.04 -34.91
C ALA B 525 -5.90 -1.68 -34.12
N TYR B 526 -4.78 -2.26 -34.55
CA TYR B 526 -3.48 -1.87 -34.04
C TYR B 526 -2.44 -1.85 -35.17
N LEU B 527 -1.66 -0.78 -35.21
CA LEU B 527 -0.59 -0.58 -36.19
C LEU B 527 0.71 -0.60 -35.40
N THR B 528 1.79 -1.02 -36.04
CA THR B 528 3.07 -1.26 -35.36
C THR B 528 4.16 -0.44 -36.04
N SER B 529 5.01 0.19 -35.22
CA SER B 529 6.22 0.91 -35.66
C SER B 529 7.44 0.27 -35.01
N LYS B 530 8.48 0.02 -35.79
CA LYS B 530 9.74 -0.51 -35.25
C LYS B 530 10.83 0.57 -35.21
N ASP B 531 10.50 1.79 -35.65
CA ASP B 531 11.44 2.91 -35.63
C ASP B 531 10.85 4.12 -34.86
N ALA B 532 10.26 3.84 -33.70
CA ALA B 532 9.84 4.85 -32.72
C ALA B 532 8.78 5.82 -33.24
N GLY B 533 7.95 5.34 -34.17
CA GLY B 533 6.86 6.12 -34.76
C GLY B 533 7.11 6.79 -36.11
N THR B 534 8.24 6.51 -36.76
CA THR B 534 8.56 7.18 -38.03
C THR B 534 7.81 6.51 -39.21
N THR B 535 7.72 5.18 -39.18
CA THR B 535 6.99 4.40 -40.18
C THR B 535 6.08 3.39 -39.48
N TRP B 536 4.98 3.08 -40.16
CA TRP B 536 3.89 2.27 -39.59
C TRP B 536 3.48 1.16 -40.54
N SER B 537 3.11 0.02 -39.94
CA SER B 537 2.66 -1.17 -40.68
C SER B 537 1.20 -1.01 -41.07
N ALA B 538 0.74 -1.92 -41.94
CA ALA B 538 -0.68 -2.08 -42.23
C ALA B 538 -1.42 -2.46 -40.93
N PRO B 539 -2.71 -2.12 -40.83
CA PRO B 539 -3.45 -2.49 -39.61
C PRO B 539 -3.55 -4.01 -39.38
N GLU B 540 -3.48 -4.41 -38.11
CA GLU B 540 -3.94 -5.72 -37.64
C GLU B 540 -5.07 -5.49 -36.64
N TYR B 541 -5.80 -6.55 -36.32
CA TYR B 541 -7.06 -6.47 -35.60
C TYR B 541 -7.09 -7.45 -34.43
N LEU B 542 -7.57 -7.01 -33.28
CA LEU B 542 -7.76 -7.96 -32.18
C LEU B 542 -8.85 -8.97 -32.54
N LYS B 543 -8.62 -10.23 -32.20
CA LYS B 543 -9.55 -11.33 -32.51
C LYS B 543 -10.75 -11.46 -31.56
N PHE B 544 -10.63 -10.94 -30.35
CA PHE B 544 -11.61 -11.23 -29.29
C PHE B 544 -12.57 -10.06 -28.98
N VAL B 545 -12.42 -8.92 -29.63
CA VAL B 545 -13.41 -7.83 -29.45
C VAL B 545 -14.24 -7.66 -30.72
N SER B 546 -15.55 -7.68 -30.56
CA SER B 546 -16.49 -7.45 -31.65
C SER B 546 -17.53 -6.42 -31.21
N ASN B 547 -17.49 -5.25 -31.84
CA ASN B 547 -18.32 -4.09 -31.46
C ASN B 547 -19.19 -3.58 -32.62
N PRO B 548 -20.08 -2.60 -32.39
CA PRO B 548 -20.81 -2.04 -33.51
C PRO B 548 -19.88 -1.24 -34.42
N SER B 549 -20.32 -1.02 -35.65
CA SER B 549 -19.54 -0.30 -36.64
C SER B 549 -19.13 1.12 -36.21
N TYR B 550 -19.94 1.82 -35.43
CA TYR B 550 -19.56 3.19 -35.01
C TYR B 550 -18.34 3.15 -34.07
N GLY B 551 -18.19 2.07 -33.30
CA GLY B 551 -17.01 1.88 -32.43
C GLY B 551 -17.05 2.73 -31.17
N THR B 552 -16.06 2.50 -30.31
CA THR B 552 -15.89 3.27 -29.10
C THR B 552 -14.39 3.51 -28.85
N GLN B 553 -14.06 4.65 -28.25
CA GLN B 553 -12.74 4.89 -27.68
C GLN B 553 -12.24 3.76 -26.73
N LEU B 554 -10.94 3.57 -26.64
CA LEU B 554 -10.37 2.58 -25.72
C LEU B 554 -9.31 3.19 -24.82
N SER B 555 -8.84 2.43 -23.85
CA SER B 555 -7.67 2.78 -23.08
C SER B 555 -6.69 1.61 -23.06
N ILE B 556 -5.42 1.87 -23.29
CA ILE B 556 -4.37 0.85 -23.10
C ILE B 556 -3.13 1.52 -22.51
N ILE B 557 -2.50 0.85 -21.54
CA ILE B 557 -1.30 1.34 -20.85
C ILE B 557 -0.27 0.21 -20.66
N ASN B 558 1.01 0.61 -20.58
CA ASN B 558 2.08 -0.26 -20.05
C ASN B 558 1.93 -0.31 -18.54
N TYR B 559 2.21 -1.47 -17.97
CA TYR B 559 2.19 -1.68 -16.54
C TYR B 559 3.65 -1.93 -16.14
N SER B 560 4.05 -1.39 -15.00
CA SER B 560 5.45 -1.40 -14.56
C SER B 560 5.92 -2.73 -13.96
N GLN B 561 5.00 -3.56 -13.46
CA GLN B 561 5.39 -4.81 -12.77
C GLN B 561 5.16 -6.02 -13.67
N LEU B 562 5.99 -7.02 -13.47
CA LEU B 562 5.83 -8.31 -14.14
C LEU B 562 4.52 -8.99 -13.75
N ILE B 563 3.82 -9.56 -14.75
CA ILE B 563 2.74 -10.51 -14.52
C ILE B 563 3.10 -11.83 -15.20
N ASP B 564 3.10 -12.90 -14.42
CA ASP B 564 3.56 -14.25 -14.83
C ASP B 564 4.96 -14.23 -15.47
N GLY B 565 5.85 -13.43 -14.88
CA GLY B 565 7.23 -13.30 -15.39
C GLY B 565 7.39 -12.43 -16.64
N LYS B 566 6.35 -11.69 -17.04
CA LYS B 566 6.36 -10.96 -18.31
C LYS B 566 5.94 -9.50 -18.18
N LYS B 567 6.45 -8.65 -19.08
CA LYS B 567 6.00 -7.26 -19.20
C LYS B 567 4.54 -7.33 -19.62
N ALA B 568 3.75 -6.43 -19.09
CA ALA B 568 2.32 -6.48 -19.34
C ALA B 568 1.79 -5.17 -19.86
N VAL B 569 0.72 -5.28 -20.67
CA VAL B 569 -0.15 -4.17 -21.04
C VAL B 569 -1.55 -4.47 -20.51
N ILE B 570 -2.32 -3.41 -20.34
CA ILE B 570 -3.65 -3.50 -19.78
C ILE B 570 -4.61 -2.66 -20.63
N LEU B 571 -5.66 -3.30 -21.13
CA LEU B 571 -6.59 -2.74 -22.11
C LEU B 571 -7.99 -2.69 -21.49
N SER B 572 -8.70 -1.57 -21.72
CA SER B 572 -10.10 -1.40 -21.35
C SER B 572 -10.96 -0.98 -22.57
N THR B 573 -12.09 -1.65 -22.79
CA THR B 573 -12.97 -1.39 -23.93
C THR B 573 -14.34 -2.04 -23.68
N PRO B 574 -15.43 -1.45 -24.23
CA PRO B 574 -16.66 -2.24 -24.35
C PRO B 574 -16.44 -3.41 -25.29
N ASN B 575 -17.19 -4.50 -25.09
CA ASN B 575 -17.13 -5.64 -25.99
C ASN B 575 -18.53 -6.27 -26.21
N SER B 576 -19.22 -5.79 -27.24
CA SER B 576 -20.63 -6.14 -27.48
C SER B 576 -21.07 -5.58 -28.80
N THR B 577 -21.78 -6.37 -29.60
CA THR B 577 -22.33 -5.88 -30.86
C THR B 577 -23.66 -5.14 -30.69
N ASN B 578 -24.24 -5.10 -29.49
CA ASN B 578 -25.55 -4.48 -29.24
C ASN B 578 -25.54 -3.06 -28.68
N GLY B 579 -24.36 -2.46 -28.52
CA GLY B 579 -24.27 -1.13 -27.94
C GLY B 579 -22.95 -0.96 -27.22
N ARG B 580 -22.81 0.17 -26.52
CA ARG B 580 -21.63 0.46 -25.71
C ARG B 580 -21.91 -0.16 -24.34
N LYS B 581 -21.53 -1.45 -24.23
CA LYS B 581 -21.77 -2.25 -23.04
C LYS B 581 -20.76 -3.41 -22.90
N HIS B 582 -20.88 -4.17 -21.81
CA HIS B 582 -20.02 -5.34 -21.55
C HIS B 582 -18.54 -4.88 -21.51
N GLY B 583 -18.27 -3.95 -20.60
CA GLY B 583 -16.91 -3.48 -20.42
C GLY B 583 -16.00 -4.62 -19.94
N GLN B 584 -14.78 -4.67 -20.49
CA GLN B 584 -13.78 -5.66 -20.10
C GLN B 584 -12.41 -5.04 -19.93
N ILE B 585 -11.68 -5.52 -18.93
CA ILE B 585 -10.29 -5.17 -18.77
C ILE B 585 -9.47 -6.40 -19.10
N TRP B 586 -8.56 -6.26 -20.05
CA TRP B 586 -7.77 -7.36 -20.58
C TRP B 586 -6.33 -7.17 -20.18
N ILE B 587 -5.65 -8.27 -19.91
CA ILE B 587 -4.22 -8.24 -19.64
C ILE B 587 -3.52 -8.96 -20.78
N GLY B 588 -2.57 -8.27 -21.40
CA GLY B 588 -1.72 -8.79 -22.46
C GLY B 588 -0.29 -8.94 -21.95
N LEU B 589 0.28 -10.14 -22.11
CA LEU B 589 1.68 -10.38 -21.75
C LEU B 589 2.54 -10.28 -23.01
N ILE B 590 3.60 -9.47 -22.96
CA ILE B 590 4.46 -9.28 -24.14
C ILE B 590 5.40 -10.48 -24.26
N ASN B 591 5.31 -11.17 -25.39
CA ASN B 591 6.20 -12.32 -25.72
C ASN B 591 7.55 -11.82 -26.22
N ASP B 592 8.53 -12.75 -26.26
CA ASP B 592 9.90 -12.47 -26.76
C ASP B 592 9.93 -11.88 -28.17
N ASP B 593 8.99 -12.30 -29.02
CA ASP B 593 8.90 -11.82 -30.39
C ASP B 593 7.94 -10.60 -30.53
N ASN B 594 7.61 -9.93 -29.43
CA ASN B 594 6.73 -8.73 -29.46
C ASN B 594 5.28 -8.90 -29.95
N THR B 595 4.80 -10.13 -30.10
CA THR B 595 3.36 -10.40 -30.13
C THR B 595 2.88 -10.40 -28.68
N ILE B 596 1.57 -10.35 -28.52
CA ILE B 596 0.95 -10.26 -27.19
C ILE B 596 0.08 -11.49 -26.91
N ASP B 597 0.24 -12.06 -25.72
CA ASP B 597 -0.62 -13.12 -25.26
C ASP B 597 -1.72 -12.49 -24.39
N TRP B 598 -2.92 -12.41 -24.94
CA TRP B 598 -4.04 -11.82 -24.21
C TRP B 598 -4.67 -12.92 -23.33
N ARG B 599 -4.12 -13.05 -22.12
CA ARG B 599 -4.26 -14.26 -21.29
C ARG B 599 -5.38 -14.16 -20.25
N TYR B 600 -5.71 -12.93 -19.82
CA TYR B 600 -6.71 -12.73 -18.79
C TYR B 600 -7.68 -11.62 -19.17
N HIS B 601 -8.87 -11.71 -18.59
CA HIS B 601 -9.82 -10.59 -18.60
C HIS B 601 -10.74 -10.63 -17.41
N HIS B 602 -11.30 -9.47 -17.10
CA HIS B 602 -12.29 -9.30 -16.06
C HIS B 602 -13.42 -8.47 -16.63
N ASP B 603 -14.67 -8.94 -16.50
CA ASP B 603 -15.84 -8.14 -16.93
C ASP B 603 -16.16 -7.09 -15.85
N VAL B 604 -16.27 -5.84 -16.24
CA VAL B 604 -16.74 -4.78 -15.36
C VAL B 604 -18.27 -4.78 -15.38
N ASP B 605 -18.87 -5.30 -14.31
CA ASP B 605 -20.30 -5.42 -14.16
C ASP B 605 -20.90 -6.41 -15.18
N TYR B 606 -22.21 -6.60 -15.13
CA TYR B 606 -22.91 -7.54 -16.04
C TYR B 606 -22.90 -7.02 -17.45
N SER B 607 -23.08 -7.95 -18.37
CA SER B 607 -22.82 -7.71 -19.77
C SER B 607 -23.81 -6.78 -20.46
N ASN B 608 -25.00 -6.59 -19.93
CA ASN B 608 -25.93 -5.60 -20.53
C ASN B 608 -25.85 -4.19 -19.89
N TYR B 609 -24.96 -4.02 -18.92
CA TYR B 609 -24.74 -2.74 -18.31
C TYR B 609 -23.86 -1.91 -19.24
N GLY B 610 -24.10 -0.59 -19.23
CA GLY B 610 -23.41 0.36 -20.12
C GLY B 610 -21.93 0.62 -19.79
N TYR B 611 -21.14 0.79 -20.83
CA TYR B 611 -19.70 1.00 -20.69
C TYR B 611 -19.23 1.66 -21.99
N SER B 612 -18.82 2.92 -21.91
CA SER B 612 -18.41 3.61 -23.13
C SER B 612 -16.94 4.01 -23.05
N TYR B 613 -16.63 5.32 -23.07
CA TYR B 613 -15.26 5.75 -23.05
C TYR B 613 -14.65 5.41 -21.69
N SER B 614 -13.36 5.13 -21.67
CA SER B 614 -12.68 4.67 -20.45
C SER B 614 -11.23 5.15 -20.42
N THR B 615 -10.60 5.10 -19.25
CA THR B 615 -9.21 5.50 -19.08
C THR B 615 -8.58 4.71 -17.93
N LEU B 616 -7.36 4.23 -18.17
CA LEU B 616 -6.62 3.47 -17.17
C LEU B 616 -5.37 4.21 -16.70
N THR B 617 -5.01 4.03 -15.42
CA THR B 617 -3.68 4.42 -14.93
C THR B 617 -3.14 3.42 -13.90
N GLU B 618 -1.83 3.25 -13.89
CA GLU B 618 -1.17 2.48 -12.83
C GLU B 618 -1.02 3.39 -11.60
N LEU B 619 -1.59 3.00 -10.47
CA LEU B 619 -1.44 3.77 -9.21
C LEU B 619 0.00 3.61 -8.64
N PRO B 620 0.44 4.52 -7.74
CA PRO B 620 1.80 4.41 -7.18
C PRO B 620 2.09 3.06 -6.49
N ASN B 621 1.11 2.50 -5.78
CA ASN B 621 1.21 1.15 -5.18
C ASN B 621 0.99 -0.05 -6.13
N HIS B 622 1.00 0.19 -7.45
CA HIS B 622 0.87 -0.85 -8.49
C HIS B 622 -0.51 -1.48 -8.63
N GLU B 623 -1.50 -0.95 -7.92
CA GLU B 623 -2.89 -1.19 -8.24
C GLU B 623 -3.25 -0.41 -9.52
N ILE B 624 -4.41 -0.72 -10.09
CA ILE B 624 -4.94 -0.07 -11.31
C ILE B 624 -6.15 0.80 -10.99
N GLY B 625 -6.15 2.03 -11.50
CA GLY B 625 -7.30 2.92 -11.41
C GLY B 625 -8.02 2.96 -12.74
N LEU B 626 -9.35 2.95 -12.70
CA LEU B 626 -10.18 3.01 -13.88
C LEU B 626 -11.26 4.06 -13.69
N MET B 627 -11.43 4.91 -14.70
CA MET B 627 -12.56 5.83 -14.73
C MET B 627 -13.24 5.64 -16.10
N PHE B 628 -14.58 5.56 -16.11
CA PHE B 628 -15.29 5.21 -17.33
C PHE B 628 -16.70 5.73 -17.34
N GLU B 629 -17.24 5.84 -18.55
CA GLU B 629 -18.62 6.18 -18.78
C GLU B 629 -19.48 4.94 -18.54
N LYS B 630 -20.13 4.87 -17.39
CA LYS B 630 -21.01 3.73 -17.04
C LYS B 630 -22.43 4.01 -17.56
N PHE B 631 -22.49 4.04 -18.88
CA PHE B 631 -23.69 4.21 -19.67
C PHE B 631 -23.27 4.07 -21.12
N ASP B 632 -24.27 4.04 -22.03
CA ASP B 632 -24.04 3.97 -23.48
C ASP B 632 -24.15 5.40 -23.99
N SER B 633 -23.01 5.98 -24.31
CA SER B 633 -22.93 7.41 -24.67
C SER B 633 -23.18 7.70 -26.13
N TRP B 634 -23.43 6.63 -26.91
CA TRP B 634 -23.86 6.72 -28.32
C TRP B 634 -25.40 6.74 -28.45
N SER B 635 -26.06 5.87 -27.68
CA SER B 635 -27.51 5.69 -27.64
C SER B 635 -28.30 7.01 -27.39
N ARG B 636 -29.28 7.27 -28.24
CA ARG B 636 -30.17 8.44 -28.06
C ARG B 636 -31.07 8.32 -26.83
N ASN B 637 -31.16 7.13 -26.24
CA ASN B 637 -31.96 6.91 -25.04
C ASN B 637 -31.21 7.22 -23.75
N GLU B 638 -29.89 7.43 -23.79
CA GLU B 638 -29.09 7.59 -22.58
C GLU B 638 -28.32 8.91 -22.58
N LEU B 639 -28.82 9.89 -23.34
CA LEU B 639 -28.29 11.26 -23.36
C LEU B 639 -28.62 11.99 -22.07
N HIS B 640 -27.73 12.88 -21.64
CA HIS B 640 -28.05 13.88 -20.59
C HIS B 640 -28.42 13.26 -19.25
N MET B 641 -27.54 12.39 -18.75
CA MET B 641 -27.79 11.79 -17.44
C MET B 641 -26.70 12.25 -16.47
N LYS B 642 -27.11 12.45 -15.22
CA LYS B 642 -26.21 12.90 -14.16
C LYS B 642 -25.50 11.75 -13.43
N ASN B 643 -24.22 11.96 -13.10
CA ASN B 643 -23.44 11.14 -12.16
C ASN B 643 -23.24 9.70 -12.65
N VAL B 644 -22.68 9.62 -13.85
CA VAL B 644 -22.53 8.33 -14.53
C VAL B 644 -21.10 8.03 -14.96
N VAL B 645 -20.11 8.69 -14.32
CA VAL B 645 -18.72 8.48 -14.69
C VAL B 645 -17.89 8.14 -13.45
N PRO B 646 -17.97 6.89 -13.01
CA PRO B 646 -17.32 6.50 -11.77
C PRO B 646 -15.83 6.17 -11.89
N TYR B 647 -15.14 6.23 -10.74
CA TYR B 647 -13.76 5.84 -10.60
C TYR B 647 -13.76 4.56 -9.75
N ILE B 648 -13.00 3.57 -10.18
CA ILE B 648 -12.79 2.35 -9.36
C ILE B 648 -11.35 1.85 -9.45
N THR B 649 -10.92 1.11 -8.44
CA THR B 649 -9.58 0.60 -8.37
C THR B 649 -9.58 -0.93 -8.39
N PHE B 650 -8.53 -1.51 -8.95
CA PHE B 650 -8.39 -2.95 -8.99
C PHE B 650 -7.00 -3.32 -8.58
N LYS B 651 -6.91 -4.37 -7.78
CA LYS B 651 -5.64 -5.09 -7.60
C LYS B 651 -5.45 -5.96 -8.82
N ILE B 652 -4.20 -6.34 -9.09
CA ILE B 652 -3.93 -7.26 -10.19
C ILE B 652 -4.69 -8.58 -9.99
N GLU B 653 -4.80 -9.06 -8.76
CA GLU B 653 -5.54 -10.31 -8.50
C GLU B 653 -7.03 -10.23 -8.90
N ASP B 654 -7.64 -9.03 -8.84
CA ASP B 654 -9.01 -8.82 -9.29
C ASP B 654 -9.10 -9.00 -10.82
N LEU B 655 -8.01 -8.67 -11.53
CA LEU B 655 -8.01 -8.71 -12.98
C LEU B 655 -7.56 -10.04 -13.58
N LYS B 656 -6.71 -10.79 -12.86
CA LYS B 656 -6.20 -12.07 -13.35
C LYS B 656 -7.29 -13.14 -13.30
N LYS B 657 -8.23 -13.09 -14.26
CA LYS B 657 -9.38 -14.01 -14.34
C LYS B 657 -9.56 -14.56 -15.75
N ASN B 658 -10.36 -15.61 -15.86
CA ASN B 658 -10.76 -16.19 -17.16
C ASN B 658 -9.54 -16.64 -18.01
N LEU B 659 -8.58 -17.29 -17.36
CA LEU B 659 -7.34 -17.79 -18.01
C LEU B 659 -7.48 -18.29 -19.46
P PO4 C . 14.56 -9.57 28.70
O1 PO4 C . 14.10 -9.96 27.34
O2 PO4 C . 13.68 -8.44 29.21
O3 PO4 C . 14.39 -10.79 29.58
O4 PO4 C . 16.03 -9.19 28.61
C1 GOL D . 13.14 -16.26 7.57
O1 GOL D . 13.17 -15.06 8.34
C2 GOL D . 13.80 -17.45 8.29
O2 GOL D . 15.23 -17.38 8.05
C3 GOL D . 13.45 -17.48 9.79
O3 GOL D . 14.50 -17.97 10.62
P PO4 E . -18.77 9.76 -29.68
O1 PO4 E . -19.72 10.46 -30.60
O2 PO4 E . -17.70 10.71 -29.15
O3 PO4 E . -18.21 8.62 -30.49
O4 PO4 E . -19.50 9.30 -28.47
C1 GOL F . -34.73 15.80 -13.36
O1 GOL F . -35.30 14.66 -14.02
C2 GOL F . -33.32 15.46 -12.93
O2 GOL F . -32.40 16.42 -13.48
C3 GOL F . -33.20 15.46 -11.41
O3 GOL F . -31.87 15.22 -10.97
#